data_3RA3
# 
_entry.id   3RA3 
# 
_audit_conform.dict_name       mmcif_pdbx.dic 
_audit_conform.dict_version    5.403 
_audit_conform.dict_location   http://mmcif.pdb.org/dictionaries/ascii/mmcif_pdbx.dic 
# 
loop_
_database_2.database_id 
_database_2.database_code 
_database_2.pdbx_database_accession 
_database_2.pdbx_DOI 
PDB   3RA3         pdb_00003ra3 10.2210/pdb3ra3/pdb 
RCSB  RCSB064679   ?            ?                   
WWPDB D_1000064679 ?            ?                   
# 
loop_
_pdbx_audit_revision_history.ordinal 
_pdbx_audit_revision_history.data_content_type 
_pdbx_audit_revision_history.major_revision 
_pdbx_audit_revision_history.minor_revision 
_pdbx_audit_revision_history.revision_date 
_pdbx_audit_revision_history.part_number 
1 'Structure model' 1 0 2012-08-08 ? 
2 'Structure model' 1 1 2013-06-19 ? 
3 'Structure model' 1 2 2025-03-26 ? 
# 
_pdbx_audit_revision_details.ordinal             1 
_pdbx_audit_revision_details.revision_ordinal    1 
_pdbx_audit_revision_details.data_content_type   'Structure model' 
_pdbx_audit_revision_details.provider            repository 
_pdbx_audit_revision_details.type                'Initial release' 
_pdbx_audit_revision_details.description         ? 
_pdbx_audit_revision_details.details             ? 
# 
loop_
_pdbx_audit_revision_group.ordinal 
_pdbx_audit_revision_group.revision_ordinal 
_pdbx_audit_revision_group.data_content_type 
_pdbx_audit_revision_group.group 
1 2 'Structure model' 'Database references'  
2 3 'Structure model' 'Data collection'      
3 3 'Structure model' 'Database references'  
4 3 'Structure model' 'Derived calculations' 
5 3 'Structure model' 'Structure summary'    
# 
loop_
_pdbx_audit_revision_category.ordinal 
_pdbx_audit_revision_category.revision_ordinal 
_pdbx_audit_revision_category.data_content_type 
_pdbx_audit_revision_category.category 
1 3 'Structure model' chem_comp_atom            
2 3 'Structure model' chem_comp_bond            
3 3 'Structure model' database_2                
4 3 'Structure model' pdbx_entry_details        
5 3 'Structure model' pdbx_modification_feature 
6 3 'Structure model' struct_conn               
7 3 'Structure model' struct_site               
# 
loop_
_pdbx_audit_revision_item.ordinal 
_pdbx_audit_revision_item.revision_ordinal 
_pdbx_audit_revision_item.data_content_type 
_pdbx_audit_revision_item.item 
1 3 'Structure model' '_database_2.pdbx_DOI'                
2 3 'Structure model' '_database_2.pdbx_database_accession' 
3 3 'Structure model' '_struct_conn.pdbx_leaving_atom_flag' 
4 3 'Structure model' '_struct_site.pdbx_auth_asym_id'      
5 3 'Structure model' '_struct_site.pdbx_auth_comp_id'      
6 3 'Structure model' '_struct_site.pdbx_auth_seq_id'       
# 
_pdbx_database_status.entry_id                        3RA3 
_pdbx_database_status.status_code                     REL 
_pdbx_database_status.deposit_site                    RCSB 
_pdbx_database_status.process_site                    PDBJ 
_pdbx_database_status.recvd_initial_deposition_date   2011-03-27 
_pdbx_database_status.status_code_sf                  REL 
_pdbx_database_status.status_code_mr                  ? 
_pdbx_database_status.SG_entry                        ? 
_pdbx_database_status.status_code_cs                  ? 
_pdbx_database_status.methods_development_category    ? 
_pdbx_database_status.pdb_format_compatible           Y 
_pdbx_database_status.status_code_nmr_data            ? 
# 
loop_
_audit_author.name 
_audit_author.pdbx_ordinal 
'Zaccai, N.R.'   1 
'Sharp, T.H.'    2 
'Bruning, M.'    3 
'Woolfson, D.N.' 4 
'Brady, R.L.'    5 
# 
_citation.id                        primary 
_citation.title                     
'Cryo-transmission electron microscopy structure of a gigadalton peptide fiber of de novo design' 
_citation.journal_abbrev            Proc.Natl.Acad.Sci.USA 
_citation.journal_volume            109 
_citation.page_first                13266 
_citation.page_last                 13271 
_citation.year                      2012 
_citation.journal_id_ASTM           PNASA6 
_citation.country                   US 
_citation.journal_id_ISSN           0027-8424 
_citation.journal_id_CSD            0040 
_citation.book_publisher            ? 
_citation.pdbx_database_id_PubMed   22847414 
_citation.pdbx_database_id_DOI      10.1073/pnas.1118622109 
# 
loop_
_citation_author.citation_id 
_citation_author.name 
_citation_author.ordinal 
_citation_author.identifier_ORCID 
primary 'Sharp, T.H.'    1 ? 
primary 'Bruning, M.'    2 ? 
primary 'Mantell, J.'    3 ? 
primary 'Sessions, R.B.' 4 ? 
primary 'Thomson, A.R.'  5 ? 
primary 'Zaccai, N.R.'   6 ? 
primary 'Brady, R.L.'    7 ? 
primary 'Verkade, P.'    8 ? 
primary 'Woolfson, D.N.' 9 ? 
# 
loop_
_entity.id 
_entity.type 
_entity.src_method 
_entity.pdbx_description 
_entity.formula_weight 
_entity.pdbx_number_of_molecules 
_entity.pdbx_ec 
_entity.pdbx_mutation 
_entity.pdbx_fragment 
_entity.details 
1 polymer     syn p1c          3287.498 2  ? ? ? ? 
2 polymer     syn p2f          3331.928 2  ? ? ? ? 
3 non-polymer syn 'SODIUM ION' 22.990   1  ? ? ? ? 
4 water       nat water        18.015   34 ? ? ? ? 
# 
loop_
_entity_poly.entity_id 
_entity_poly.type 
_entity_poly.nstd_linkage 
_entity_poly.nstd_monomer 
_entity_poly.pdbx_seq_one_letter_code 
_entity_poly.pdbx_seq_one_letter_code_can 
_entity_poly.pdbx_strand_id 
_entity_poly.pdbx_target_identifier 
1 'polypeptide(L)' no yes 'EIDALE(PHI)ENDALEQKIAALKQKIASLKQ' EIDALEFENDALEQKIAALKQKIASLKQ A,E ? 
2 'polypeptide(L)' no no  KIRRLKQKNARLKQEIAALEYEIAALEQ       KIRRLKQKNARLKQEIAALEYEIAALEQ B,D ? 
# 
loop_
_pdbx_entity_nonpoly.entity_id 
_pdbx_entity_nonpoly.name 
_pdbx_entity_nonpoly.comp_id 
3 'SODIUM ION' NA  
4 water        HOH 
# 
loop_
_entity_poly_seq.entity_id 
_entity_poly_seq.num 
_entity_poly_seq.mon_id 
_entity_poly_seq.hetero 
1 1  GLU n 
1 2  ILE n 
1 3  ASP n 
1 4  ALA n 
1 5  LEU n 
1 6  GLU n 
1 7  PHI n 
1 8  GLU n 
1 9  ASN n 
1 10 ASP n 
1 11 ALA n 
1 12 LEU n 
1 13 GLU n 
1 14 GLN n 
1 15 LYS n 
1 16 ILE n 
1 17 ALA n 
1 18 ALA n 
1 19 LEU n 
1 20 LYS n 
1 21 GLN n 
1 22 LYS n 
1 23 ILE n 
1 24 ALA n 
1 25 SER n 
1 26 LEU n 
1 27 LYS n 
1 28 GLN n 
2 1  LYS n 
2 2  ILE n 
2 3  ARG n 
2 4  ARG n 
2 5  LEU n 
2 6  LYS n 
2 7  GLN n 
2 8  LYS n 
2 9  ASN n 
2 10 ALA n 
2 11 ARG n 
2 12 LEU n 
2 13 LYS n 
2 14 GLN n 
2 15 GLU n 
2 16 ILE n 
2 17 ALA n 
2 18 ALA n 
2 19 LEU n 
2 20 GLU n 
2 21 TYR n 
2 22 GLU n 
2 23 ILE n 
2 24 ALA n 
2 25 ALA n 
2 26 LEU n 
2 27 GLU n 
2 28 GLN n 
# 
loop_
_pdbx_entity_src_syn.entity_id 
_pdbx_entity_src_syn.pdbx_src_id 
_pdbx_entity_src_syn.pdbx_alt_source_flag 
_pdbx_entity_src_syn.pdbx_beg_seq_num 
_pdbx_entity_src_syn.pdbx_end_seq_num 
_pdbx_entity_src_syn.organism_scientific 
_pdbx_entity_src_syn.organism_common_name 
_pdbx_entity_src_syn.ncbi_taxonomy_id 
_pdbx_entity_src_syn.details 
1 1 sample ? ? ? ? ? 'Peptide synthesis was carried out according to standard Fmoc SPPS protocols' 
2 1 sample ? ? ? ? ? 'Peptide synthesis was carried out according to standard Fmoc SPPS protocols' 
# 
loop_
_chem_comp.id 
_chem_comp.type 
_chem_comp.mon_nstd_flag 
_chem_comp.name 
_chem_comp.pdbx_synonyms 
_chem_comp.formula 
_chem_comp.formula_weight 
ALA 'L-peptide linking' y ALANINE            ? 'C3 H7 N O2'     89.093  
ARG 'L-peptide linking' y ARGININE           ? 'C6 H15 N4 O2 1' 175.209 
ASN 'L-peptide linking' y ASPARAGINE         ? 'C4 H8 N2 O3'    132.118 
ASP 'L-peptide linking' y 'ASPARTIC ACID'    ? 'C4 H7 N O4'     133.103 
GLN 'L-peptide linking' y GLUTAMINE          ? 'C5 H10 N2 O3'   146.144 
GLU 'L-peptide linking' y 'GLUTAMIC ACID'    ? 'C5 H9 N O4'     147.129 
HOH non-polymer         . WATER              ? 'H2 O'           18.015  
ILE 'L-peptide linking' y ISOLEUCINE         ? 'C6 H13 N O2'    131.173 
LEU 'L-peptide linking' y LEUCINE            ? 'C6 H13 N O2'    131.173 
LYS 'L-peptide linking' y LYSINE             ? 'C6 H15 N2 O2 1' 147.195 
NA  non-polymer         . 'SODIUM ION'       ? 'Na 1'           22.990  
PHI 'L-peptide linking' n IODO-PHENYLALANINE ? 'C9 H10 I N O2'  291.086 
SER 'L-peptide linking' y SERINE             ? 'C3 H7 N O3'     105.093 
TYR 'L-peptide linking' y TYROSINE           ? 'C9 H11 N O3'    181.189 
# 
loop_
_pdbx_poly_seq_scheme.asym_id 
_pdbx_poly_seq_scheme.entity_id 
_pdbx_poly_seq_scheme.seq_id 
_pdbx_poly_seq_scheme.mon_id 
_pdbx_poly_seq_scheme.ndb_seq_num 
_pdbx_poly_seq_scheme.pdb_seq_num 
_pdbx_poly_seq_scheme.auth_seq_num 
_pdbx_poly_seq_scheme.pdb_mon_id 
_pdbx_poly_seq_scheme.auth_mon_id 
_pdbx_poly_seq_scheme.pdb_strand_id 
_pdbx_poly_seq_scheme.pdb_ins_code 
_pdbx_poly_seq_scheme.hetero 
A 1 1  GLU 1  1  1  GLU GLU A . n 
A 1 2  ILE 2  2  2  ILE ILE A . n 
A 1 3  ASP 3  3  3  ASP ASP A . n 
A 1 4  ALA 4  4  4  ALA ALA A . n 
A 1 5  LEU 5  5  5  LEU LEU A . n 
A 1 6  GLU 6  6  6  GLU GLU A . n 
A 1 7  PHI 7  7  7  PHI PHI A . n 
A 1 8  GLU 8  8  8  GLU GLU A . n 
A 1 9  ASN 9  9  9  ASN ASN A . n 
A 1 10 ASP 10 10 10 ASP ASP A . n 
A 1 11 ALA 11 11 11 ALA ALA A . n 
A 1 12 LEU 12 12 12 LEU LEU A . n 
A 1 13 GLU 13 13 13 GLU GLU A . n 
A 1 14 GLN 14 14 14 GLN GLN A . n 
A 1 15 LYS 15 15 15 LYS LYS A . n 
A 1 16 ILE 16 16 16 ILE ILE A . n 
A 1 17 ALA 17 17 17 ALA ALA A . n 
A 1 18 ALA 18 18 18 ALA ALA A . n 
A 1 19 LEU 19 19 19 LEU LEU A . n 
A 1 20 LYS 20 20 20 LYS LYS A . n 
A 1 21 GLN 21 21 21 GLN GLN A . n 
A 1 22 LYS 22 22 22 LYS LYS A . n 
A 1 23 ILE 23 23 23 ILE ILE A . n 
A 1 24 ALA 24 24 24 ALA ALA A . n 
A 1 25 SER 25 25 25 SER SER A . n 
A 1 26 LEU 26 26 26 LEU LEU A . n 
A 1 27 LYS 27 27 27 LYS LYS A . n 
A 1 28 GLN 28 28 28 GLN GLN A . n 
B 2 1  LYS 1  1  ?  ?   ?   B . n 
B 2 2  ILE 2  2  ?  ?   ?   B . n 
B 2 3  ARG 3  3  3  ARG ARG B . n 
B 2 4  ARG 4  4  4  ARG ARG B . n 
B 2 5  LEU 5  5  5  LEU LEU B . n 
B 2 6  LYS 6  6  6  LYS LYS B . n 
B 2 7  GLN 7  7  7  GLN GLN B . n 
B 2 8  LYS 8  8  8  LYS LYS B . n 
B 2 9  ASN 9  9  9  ASN ASN B . n 
B 2 10 ALA 10 10 10 ALA ALA B . n 
B 2 11 ARG 11 11 11 ARG ARG B . n 
B 2 12 LEU 12 12 12 LEU LEU B . n 
B 2 13 LYS 13 13 13 LYS LYS B . n 
B 2 14 GLN 14 14 14 GLN GLN B . n 
B 2 15 GLU 15 15 15 GLU GLU B . n 
B 2 16 ILE 16 16 16 ILE ILE B . n 
B 2 17 ALA 17 17 17 ALA ALA B . n 
B 2 18 ALA 18 18 18 ALA ALA B . n 
B 2 19 LEU 19 19 19 LEU LEU B . n 
B 2 20 GLU 20 20 20 GLU GLU B . n 
B 2 21 TYR 21 21 21 TYR TYR B . n 
B 2 22 GLU 22 22 22 GLU GLU B . n 
B 2 23 ILE 23 23 23 ILE ILE B . n 
B 2 24 ALA 24 24 24 ALA ALA B . n 
B 2 25 ALA 25 25 25 ALA ALA B . n 
B 2 26 LEU 26 26 26 LEU LEU B . n 
B 2 27 GLU 27 27 27 GLU GLU B . n 
B 2 28 GLN 28 28 ?  ?   ?   B . n 
C 2 1  LYS 1  1  ?  ?   ?   D . n 
C 2 2  ILE 2  2  2  ILE ILE D . n 
C 2 3  ARG 3  3  3  ARG ARG D . n 
C 2 4  ARG 4  4  4  ARG ARG D . n 
C 2 5  LEU 5  5  5  LEU LEU D . n 
C 2 6  LYS 6  6  6  LYS LYS D . n 
C 2 7  GLN 7  7  7  GLN GLN D . n 
C 2 8  LYS 8  8  8  LYS LYS D . n 
C 2 9  ASN 9  9  9  ASN ASN D . n 
C 2 10 ALA 10 10 10 ALA ALA D . n 
C 2 11 ARG 11 11 11 ARG ARG D . n 
C 2 12 LEU 12 12 12 LEU LEU D . n 
C 2 13 LYS 13 13 13 LYS LYS D . n 
C 2 14 GLN 14 14 14 GLN GLN D . n 
C 2 15 GLU 15 15 15 GLU GLU D . n 
C 2 16 ILE 16 16 16 ILE ILE D . n 
C 2 17 ALA 17 17 17 ALA ALA D . n 
C 2 18 ALA 18 18 18 ALA ALA D . n 
C 2 19 LEU 19 19 19 LEU LEU D . n 
C 2 20 GLU 20 20 20 GLU GLU D . n 
C 2 21 TYR 21 21 21 TYR TYR D . n 
C 2 22 GLU 22 22 22 GLU GLU D . n 
C 2 23 ILE 23 23 23 ILE ILE D . n 
C 2 24 ALA 24 24 24 ALA ALA D . n 
C 2 25 ALA 25 25 25 ALA ALA D . n 
C 2 26 LEU 26 26 26 LEU LEU D . n 
C 2 27 GLU 27 27 27 GLU GLU D . n 
C 2 28 GLN 28 28 28 GLN GLN D . n 
D 1 1  GLU 1  1  1  GLU GLU E . n 
D 1 2  ILE 2  2  2  ILE ILE E . n 
D 1 3  ASP 3  3  3  ASP ASP E . n 
D 1 4  ALA 4  4  4  ALA ALA E . n 
D 1 5  LEU 5  5  5  LEU LEU E . n 
D 1 6  GLU 6  6  6  GLU GLU E . n 
D 1 7  PHI 7  7  7  PHI PHI E . n 
D 1 8  GLU 8  8  8  GLU GLU E . n 
D 1 9  ASN 9  9  9  ASN ASN E . n 
D 1 10 ASP 10 10 10 ASP ASP E . n 
D 1 11 ALA 11 11 11 ALA ALA E . n 
D 1 12 LEU 12 12 12 LEU LEU E . n 
D 1 13 GLU 13 13 13 GLU GLU E . n 
D 1 14 GLN 14 14 14 GLN GLN E . n 
D 1 15 LYS 15 15 15 LYS LYS E . n 
D 1 16 ILE 16 16 16 ILE ILE E . n 
D 1 17 ALA 17 17 17 ALA ALA E . n 
D 1 18 ALA 18 18 18 ALA ALA E . n 
D 1 19 LEU 19 19 19 LEU LEU E . n 
D 1 20 LYS 20 20 20 LYS LYS E . n 
D 1 21 GLN 21 21 21 GLN GLN E . n 
D 1 22 LYS 22 22 22 LYS LYS E . n 
D 1 23 ILE 23 23 23 ILE ILE E . n 
D 1 24 ALA 24 24 24 ALA ALA E . n 
D 1 25 SER 25 25 25 SER SER E . n 
D 1 26 LEU 26 26 26 LEU LEU E . n 
D 1 27 LYS 27 27 ?  ?   ?   E . n 
D 1 28 GLN 28 28 ?  ?   ?   E . n 
# 
loop_
_pdbx_nonpoly_scheme.asym_id 
_pdbx_nonpoly_scheme.entity_id 
_pdbx_nonpoly_scheme.mon_id 
_pdbx_nonpoly_scheme.ndb_seq_num 
_pdbx_nonpoly_scheme.pdb_seq_num 
_pdbx_nonpoly_scheme.auth_seq_num 
_pdbx_nonpoly_scheme.pdb_mon_id 
_pdbx_nonpoly_scheme.auth_mon_id 
_pdbx_nonpoly_scheme.pdb_strand_id 
_pdbx_nonpoly_scheme.pdb_ins_code 
E 3 NA  1  29 1  NA  NA  E . 
F 4 HOH 1  29 7  HOH HOH A . 
F 4 HOH 2  30 13 HOH HOH A . 
F 4 HOH 3  31 11 HOH HOH A . 
F 4 HOH 4  32 32 HOH HOH A . 
F 4 HOH 5  33 21 HOH HOH A . 
F 4 HOH 6  34 22 HOH HOH A . 
F 4 HOH 7  35 29 HOH HOH A . 
G 4 HOH 1  30 1  HOH HOH B . 
G 4 HOH 2  31 31 HOH HOH B . 
G 4 HOH 3  32 3  HOH HOH B . 
G 4 HOH 4  33 33 HOH HOH B . 
G 4 HOH 5  34 34 HOH HOH B . 
G 4 HOH 6  35 14 HOH HOH B . 
G 4 HOH 7  36 2  HOH HOH B . 
G 4 HOH 8  37 9  HOH HOH B . 
G 4 HOH 9  38 19 HOH HOH B . 
G 4 HOH 10 39 28 HOH HOH B . 
H 4 HOH 1  29 9  HOH HOH D . 
H 4 HOH 2  31 13 HOH HOH D . 
H 4 HOH 3  32 14 HOH HOH D . 
H 4 HOH 4  33 16 HOH HOH D . 
H 4 HOH 5  34 20 HOH HOH D . 
H 4 HOH 6  35 23 HOH HOH D . 
H 4 HOH 7  36 25 HOH HOH D . 
H 4 HOH 8  37 26 HOH HOH D . 
H 4 HOH 9  38 27 HOH HOH D . 
I 4 HOH 1  30 11 HOH HOH E . 
I 4 HOH 2  31 10 HOH HOH E . 
I 4 HOH 3  32 10 HOH HOH E . 
I 4 HOH 4  33 12 HOH HOH E . 
I 4 HOH 5  34 15 HOH HOH E . 
I 4 HOH 6  35 18 HOH HOH E . 
I 4 HOH 7  36 24 HOH HOH E . 
I 4 HOH 8  37 2  HOH HOH E . 
# 
loop_
_software.pdbx_ordinal 
_software.name 
_software.version 
_software.date 
_software.type 
_software.contact_author 
_software.contact_author_email 
_software.classification 
_software.location 
_software.language 
_software.citation_id 
1 SHELX       .        ?               package 'George M. Sheldrick' gsheldr@shelx.uni-ac.gwdg.de phasing           
http://shelx.uni-ac.gwdg.de/SHELX/           Fortran_77 ? 
2 REFMAC      5.5.0109 ?               program 'Garib N. Murshudov'  garib@ysbl.york.ac.uk        refinement        
http://www.ccp4.ac.uk/dist/html/refmac5.html Fortran_77 ? 
3 PDB_EXTRACT 3.10     'June 10, 2010' package PDB                   deposit@deposit.rcsb.org     'data extraction' 
http://sw-tools.pdb.org/apps/PDB_EXTRACT/    C++        ? 
4 DENZO       .        ?               ?       ?                     ?                            'data reduction'  ? ?          ? 
5 SCALEPACK   .        ?               ?       ?                     ?                            'data scaling'    ? ?          ? 
6 SHELXD      .        ?               ?       ?                     ?                            phasing           ? ?          ? 
# 
_cell.length_a           45.082 
_cell.length_b           45.082 
_cell.length_c           67.593 
_cell.angle_alpha        90.000 
_cell.angle_beta         90.000 
_cell.angle_gamma        120.000 
_cell.entry_id           3RA3 
_cell.pdbx_unique_axis   ? 
_cell.Z_PDB              6 
_cell.length_a_esd       ? 
_cell.length_b_esd       ? 
_cell.length_c_esd       ? 
_cell.angle_alpha_esd    ? 
_cell.angle_beta_esd     ? 
_cell.angle_gamma_esd    ? 
# 
_symmetry.space_group_name_H-M             'P 32' 
_symmetry.entry_id                         3RA3 
_symmetry.pdbx_full_space_group_name_H-M   ? 
_symmetry.Int_Tables_number                145 
_symmetry.cell_setting                     ? 
_symmetry.space_group_name_Hall            ? 
# 
_exptl.crystals_number   1 
_exptl.entry_id          3RA3 
_exptl.method            'X-RAY DIFFRACTION' 
# 
_exptl_crystal.id                    1 
_exptl_crystal.pdbx_mosaicity        ? 
_exptl_crystal.pdbx_mosaicity_esd    ? 
_exptl_crystal.density_Matthews      3.00 
_exptl_crystal.density_diffrn        ? 
_exptl_crystal.density_meas          ? 
_exptl_crystal.density_meas_temp     ? 
_exptl_crystal.density_percent_sol   58.94 
_exptl_crystal.size_max              ? 
_exptl_crystal.size_mid              ? 
_exptl_crystal.size_min              ? 
_exptl_crystal.size_rad              ? 
_exptl_crystal.description           ? 
_exptl_crystal.F_000                 ? 
_exptl_crystal.preparation           ? 
# 
_exptl_crystal_grow.crystal_id      1 
_exptl_crystal_grow.method          'VAPOR DIFFUSION, SITTING DROP' 
_exptl_crystal_grow.pH              4.5 
_exptl_crystal_grow.temp            291 
_exptl_crystal_grow.pdbx_details    
'0.2M zinc acetate, 0.1M sodium acetate, 10%(w/v) PEG 3K, pH 4.5, VAPOR DIFFUSION, SITTING DROP, temperature 291K' 
_exptl_crystal_grow.temp_details    ? 
_exptl_crystal_grow.pdbx_pH_range   ? 
# 
_diffrn.id                     1 
_diffrn.ambient_temp           100 
_diffrn.ambient_temp_details   ? 
_diffrn.crystal_id             1 
# 
_diffrn_radiation.diffrn_id                        1 
_diffrn_radiation.pdbx_diffrn_protocol             'SINGLE WAVELENGTH' 
_diffrn_radiation.monochromator                    ? 
_diffrn_radiation.wavelength_id                    1 
_diffrn_radiation.pdbx_monochromatic_or_laue_m_l   M 
_diffrn_radiation.pdbx_scattering_type             x-ray 
# 
_diffrn_radiation_wavelength.id           1 
_diffrn_radiation_wavelength.wavelength   1.7 
_diffrn_radiation_wavelength.wt           1.0 
# 
_diffrn_source.diffrn_id                   1 
_diffrn_source.source                      SYNCHROTRON 
_diffrn_source.type                        'DIAMOND BEAMLINE I04' 
_diffrn_source.pdbx_wavelength_list        1.7 
_diffrn_source.pdbx_wavelength             ? 
_diffrn_source.pdbx_synchrotron_site       Diamond 
_diffrn_source.pdbx_synchrotron_beamline   I04 
# 
_reflns.entry_id                     3RA3 
_reflns.observed_criterion_sigma_F   ? 
_reflns.observed_criterion_sigma_I   ? 
_reflns.d_resolution_high            2.3 
_reflns.d_resolution_low             25 
_reflns.number_all                   ? 
_reflns.number_obs                   6777 
_reflns.percent_possible_obs         99.8 
_reflns.pdbx_Rmerge_I_obs            0.102 
_reflns.pdbx_Rsym_value              ? 
_reflns.pdbx_netI_over_sigmaI        21 
_reflns.B_iso_Wilson_estimate        ? 
_reflns.pdbx_redundancy              8.2 
_reflns.R_free_details               ? 
_reflns.limit_h_max                  ? 
_reflns.limit_h_min                  ? 
_reflns.limit_k_max                  ? 
_reflns.limit_k_min                  ? 
_reflns.limit_l_max                  ? 
_reflns.limit_l_min                  ? 
_reflns.observed_criterion_F_max     ? 
_reflns.observed_criterion_F_min     ? 
_reflns.pdbx_chi_squared             ? 
_reflns.pdbx_scaling_rejects         ? 
_reflns.pdbx_ordinal                 1 
_reflns.pdbx_diffrn_id               1 
# 
_reflns_shell.d_res_high                  2.30 
_reflns_shell.d_res_low                   2.38 
_reflns_shell.percent_possible_obs        ? 
_reflns_shell.percent_possible_all        98.8 
_reflns_shell.Rmerge_I_obs                0.606 
_reflns_shell.meanI_over_sigI_obs         1.95 
_reflns_shell.pdbx_Rsym_value             ? 
_reflns_shell.pdbx_redundancy             5 
_reflns_shell.number_unique_all           1388 
_reflns_shell.number_measured_all         ? 
_reflns_shell.number_measured_obs         ? 
_reflns_shell.number_unique_obs           ? 
_reflns_shell.pdbx_chi_squared            ? 
_reflns_shell.pdbx_rejects                ? 
_reflns_shell.pdbx_netI_over_sigmaI_obs   ? 
_reflns_shell.number_possible             ? 
_reflns_shell.Rmerge_F_all                ? 
_reflns_shell.Rmerge_F_obs                ? 
_reflns_shell.Rmerge_I_all                ? 
_reflns_shell.meanI_over_sigI_all         ? 
_reflns_shell.pdbx_Rrim_I_all             ? 
_reflns_shell.pdbx_Rpim_I_all             ? 
_reflns_shell.pdbx_ordinal                1 
_reflns_shell.pdbx_diffrn_id              1 
# 
_refine.entry_id                                 3RA3 
_refine.ls_d_res_high                            2.3100 
_refine.ls_d_res_low                             22.5400 
_refine.pdbx_ls_sigma_F                          0.000 
_refine.pdbx_data_cutoff_high_absF               ? 
_refine.pdbx_data_cutoff_low_absF                ? 
_refine.ls_percent_reflns_obs                    99.8100 
_refine.ls_number_reflns_obs                     6762 
_refine.ls_number_reflns_all                     ? 
_refine.pdbx_ls_cross_valid_method               THROUGHOUT 
_refine.pdbx_R_Free_selection_details            RANDOM 
_refine.details                                  'U VALUES: REFINED INDIVIDUALLY' 
_refine.ls_R_factor_all                          ? 
_refine.ls_R_factor_obs                          0.1941 
_refine.ls_R_factor_R_work                       0.1882 
_refine.ls_wR_factor_R_work                      ? 
_refine.ls_R_factor_R_free                       0.2480 
_refine.ls_wR_factor_R_free                      ? 
_refine.ls_percent_reflns_R_free                 10.4000 
_refine.ls_number_reflns_R_free                  701 
_refine.ls_R_factor_R_free_error                 ? 
_refine.B_iso_mean                               45.7517 
_refine.solvent_model_param_bsol                 ? 
_refine.solvent_model_param_ksol                 ? 
_refine.pdbx_isotropic_thermal_model             ? 
_refine.aniso_B[1][1]                            5.0400 
_refine.aniso_B[2][2]                            5.0400 
_refine.aniso_B[3][3]                            -10.0800 
_refine.aniso_B[1][2]                            0.0000 
_refine.aniso_B[1][3]                            0.0000 
_refine.aniso_B[2][3]                            0.0000 
_refine.correlation_coeff_Fo_to_Fc               0.9450 
_refine.correlation_coeff_Fo_to_Fc_free          0.9020 
_refine.overall_SU_R_Cruickshank_DPI             ? 
_refine.overall_SU_R_free                        ? 
_refine.pdbx_overall_ESU_R_Free                  0.0470 
_refine.overall_SU_ML                            0.1660 
_refine.overall_SU_B                             7.0580 
_refine.solvent_model_details                    MASK 
_refine.pdbx_solvent_vdw_probe_radii             1.4000 
_refine.pdbx_solvent_ion_probe_radii             0.8000 
_refine.pdbx_solvent_shrinkage_radii             0.8000 
_refine.ls_number_parameters                     ? 
_refine.ls_number_restraints                     ? 
_refine.pdbx_starting_model                      ? 
_refine.pdbx_method_to_determine_struct          SAD 
_refine.pdbx_stereochemistry_target_values       'MAXIMUM LIKELIHOOD' 
_refine.pdbx_stereochem_target_val_spec_case     ? 
_refine.overall_FOM_work_R_set                   ? 
_refine.B_iso_max                                85.030 
_refine.B_iso_min                                26.030 
_refine.occupancy_max                            1.000 
_refine.occupancy_min                            1.000 
_refine.pdbx_ls_sigma_I                          ? 
_refine.ls_redundancy_reflns_obs                 ? 
_refine.ls_R_factor_R_free_error_details         ? 
_refine.pdbx_data_cutoff_high_rms_absF           ? 
_refine.overall_FOM_free_R_set                   ? 
_refine.pdbx_overall_phase_error                 ? 
_refine.pdbx_refine_id                           'X-RAY DIFFRACTION' 
_refine.pdbx_overall_ESU_R                       ? 
_refine.pdbx_diffrn_id                           1 
_refine.pdbx_TLS_residual_ADP_flag               ? 
_refine.pdbx_overall_SU_R_free_Cruickshank_DPI   ? 
_refine.pdbx_overall_SU_R_Blow_DPI               ? 
_refine.pdbx_overall_SU_R_free_Blow_DPI          ? 
# 
_refine_hist.pdbx_refine_id                   'X-RAY DIFFRACTION' 
_refine_hist.cycle_id                         LAST 
_refine_hist.pdbx_number_atoms_protein        857 
_refine_hist.pdbx_number_atoms_nucleic_acid   0 
_refine_hist.pdbx_number_atoms_ligand         1 
_refine_hist.number_atoms_solvent             34 
_refine_hist.number_atoms_total               892 
_refine_hist.d_res_high                       2.3100 
_refine_hist.d_res_low                        22.5400 
# 
loop_
_refine_ls_restr.type 
_refine_ls_restr.number 
_refine_ls_restr.dev_ideal 
_refine_ls_restr.dev_ideal_target 
_refine_ls_restr.weight 
_refine_ls_restr.pdbx_restraint_function 
_refine_ls_restr.pdbx_refine_id 
r_bond_refined_d       857  0.020  0.022  ? ? 'X-RAY DIFFRACTION' 
r_angle_refined_deg    1140 1.816  2.030  ? ? 'X-RAY DIFFRACTION' 
r_dihedral_angle_1_deg 102  6.526  5.000  ? ? 'X-RAY DIFFRACTION' 
r_dihedral_angle_2_deg 42   38.388 26.667 ? ? 'X-RAY DIFFRACTION' 
r_dihedral_angle_3_deg 188  21.487 15.000 ? ? 'X-RAY DIFFRACTION' 
r_dihedral_angle_4_deg 6    10.957 15.000 ? ? 'X-RAY DIFFRACTION' 
r_chiral_restr         133  0.104  0.200  ? ? 'X-RAY DIFFRACTION' 
r_gen_planes_refined   606  0.007  0.020  ? ? 'X-RAY DIFFRACTION' 
r_mcbond_it            526  1.030  1.500  ? ? 'X-RAY DIFFRACTION' 
r_mcangle_it           827  2.034  2.000  ? ? 'X-RAY DIFFRACTION' 
r_scbond_it            331  3.561  3.000  ? ? 'X-RAY DIFFRACTION' 
r_scangle_it           313  6.262  4.500  ? ? 'X-RAY DIFFRACTION' 
# 
_refine_ls_shell.d_res_high                       2.3070 
_refine_ls_shell.d_res_low                        2.3670 
_refine_ls_shell.pdbx_total_number_of_bins_used   20 
_refine_ls_shell.percent_reflns_obs               97.5300 
_refine_ls_shell.number_reflns_R_work             464 
_refine_ls_shell.R_factor_all                     ? 
_refine_ls_shell.R_factor_R_work                  0.2310 
_refine_ls_shell.R_factor_R_free                  0.3640 
_refine_ls_shell.percent_reflns_R_free            ? 
_refine_ls_shell.number_reflns_R_free             49 
_refine_ls_shell.R_factor_R_free_error            ? 
_refine_ls_shell.number_reflns_all                513 
_refine_ls_shell.number_reflns_obs                ? 
_refine_ls_shell.pdbx_refine_id                   'X-RAY DIFFRACTION' 
_refine_ls_shell.redundancy_reflns_obs            ? 
# 
_struct.entry_id                  3RA3 
_struct.title                     'Crystal structure of a section of a de novo design gigaDalton protein fibre' 
_struct.pdbx_model_details        ? 
_struct.pdbx_CASP_flag            ? 
_struct.pdbx_model_type_details   ? 
# 
_struct_keywords.entry_id        3RA3 
_struct_keywords.text            
'coiled coil domain, fiber, KIH interactions, synthetic biology, helical reconstruction, DE NOVO PROTEIN' 
_struct_keywords.pdbx_keywords   'DE NOVO PROTEIN' 
# 
loop_
_struct_asym.id 
_struct_asym.pdbx_blank_PDB_chainid_flag 
_struct_asym.pdbx_modified 
_struct_asym.entity_id 
_struct_asym.details 
A N N 1 ? 
B N N 2 ? 
C N N 2 ? 
D N N 1 ? 
E N N 3 ? 
F N N 4 ? 
G N N 4 ? 
H N N 4 ? 
I N N 4 ? 
# 
loop_
_struct_ref.id 
_struct_ref.db_name 
_struct_ref.db_code 
_struct_ref.pdbx_db_accession 
_struct_ref.entity_id 
_struct_ref.pdbx_align_begin 
_struct_ref.pdbx_seq_one_letter_code 
_struct_ref.pdbx_db_isoform 
1 PDB 3RA3 3RA3 1 ? ? ? 
2 PDB 3RA3 3RA3 2 ? ? ? 
# 
loop_
_struct_ref_seq.align_id 
_struct_ref_seq.ref_id 
_struct_ref_seq.pdbx_PDB_id_code 
_struct_ref_seq.pdbx_strand_id 
_struct_ref_seq.seq_align_beg 
_struct_ref_seq.pdbx_seq_align_beg_ins_code 
_struct_ref_seq.seq_align_end 
_struct_ref_seq.pdbx_seq_align_end_ins_code 
_struct_ref_seq.pdbx_db_accession 
_struct_ref_seq.db_align_beg 
_struct_ref_seq.pdbx_db_align_beg_ins_code 
_struct_ref_seq.db_align_end 
_struct_ref_seq.pdbx_db_align_end_ins_code 
_struct_ref_seq.pdbx_auth_seq_align_beg 
_struct_ref_seq.pdbx_auth_seq_align_end 
1 1 3RA3 A 1 ? 28 ? 3RA3 1 ? 28 ? 1 28 
2 1 3RA3 E 1 ? 28 ? 3RA3 1 ? 28 ? 1 28 
3 2 3RA3 B 1 ? 28 ? 3RA3 1 ? 28 ? 1 28 
4 2 3RA3 D 1 ? 28 ? 3RA3 1 ? 28 ? 1 28 
# 
loop_
_pdbx_struct_assembly.id 
_pdbx_struct_assembly.details 
_pdbx_struct_assembly.method_details 
_pdbx_struct_assembly.oligomeric_details 
_pdbx_struct_assembly.oligomeric_count 
1 author_and_software_defined_assembly PISA dimeric 2 
2 author_and_software_defined_assembly PISA dimeric 2 
# 
loop_
_pdbx_struct_assembly_prop.biol_id 
_pdbx_struct_assembly_prop.type 
_pdbx_struct_assembly_prop.value 
_pdbx_struct_assembly_prop.details 
1 'ABSA (A^2)' 1390 ? 
1 MORE         -12  ? 
1 'SSA (A^2)'  4400 ? 
2 'ABSA (A^2)' 1400 ? 
2 MORE         -13  ? 
2 'SSA (A^2)'  4500 ? 
# 
loop_
_pdbx_struct_assembly_gen.assembly_id 
_pdbx_struct_assembly_gen.oper_expression 
_pdbx_struct_assembly_gen.asym_id_list 
1 1 A,B,F,G   
2 1 C,D,E,H,I 
# 
_pdbx_struct_oper_list.id                   1 
_pdbx_struct_oper_list.type                 'identity operation' 
_pdbx_struct_oper_list.name                 1_555 
_pdbx_struct_oper_list.symmetry_operation   x,y,z 
_pdbx_struct_oper_list.matrix[1][1]         1.0000000000 
_pdbx_struct_oper_list.matrix[1][2]         0.0000000000 
_pdbx_struct_oper_list.matrix[1][3]         0.0000000000 
_pdbx_struct_oper_list.vector[1]            0.0000000000 
_pdbx_struct_oper_list.matrix[2][1]         0.0000000000 
_pdbx_struct_oper_list.matrix[2][2]         1.0000000000 
_pdbx_struct_oper_list.matrix[2][3]         0.0000000000 
_pdbx_struct_oper_list.vector[2]            0.0000000000 
_pdbx_struct_oper_list.matrix[3][1]         0.0000000000 
_pdbx_struct_oper_list.matrix[3][2]         0.0000000000 
_pdbx_struct_oper_list.matrix[3][3]         1.0000000000 
_pdbx_struct_oper_list.vector[3]            0.0000000000 
# 
_struct_biol.id        1 
_struct_biol.details   ? 
# 
loop_
_struct_conf.conf_type_id 
_struct_conf.id 
_struct_conf.pdbx_PDB_helix_id 
_struct_conf.beg_label_comp_id 
_struct_conf.beg_label_asym_id 
_struct_conf.beg_label_seq_id 
_struct_conf.pdbx_beg_PDB_ins_code 
_struct_conf.end_label_comp_id 
_struct_conf.end_label_asym_id 
_struct_conf.end_label_seq_id 
_struct_conf.pdbx_end_PDB_ins_code 
_struct_conf.beg_auth_comp_id 
_struct_conf.beg_auth_asym_id 
_struct_conf.beg_auth_seq_id 
_struct_conf.end_auth_comp_id 
_struct_conf.end_auth_asym_id 
_struct_conf.end_auth_seq_id 
_struct_conf.pdbx_PDB_helix_class 
_struct_conf.details 
_struct_conf.pdbx_PDB_helix_length 
HELX_P HELX_P1 1 ASP A 3 ? GLN A 28 ? ASP A 3 GLN A 28 1 ? 26 
HELX_P HELX_P2 2 ARG B 3 ? GLU B 27 ? ARG B 3 GLU B 27 1 ? 25 
HELX_P HELX_P3 3 ILE C 2 ? GLU C 27 ? ILE D 2 GLU D 27 1 ? 26 
HELX_P HELX_P4 4 ALA D 4 ? ILE D 23 ? ALA E 4 ILE E 23 1 ? 20 
# 
_struct_conf_type.id          HELX_P 
_struct_conf_type.criteria    ? 
_struct_conf_type.reference   ? 
# 
loop_
_struct_conn.id 
_struct_conn.conn_type_id 
_struct_conn.pdbx_leaving_atom_flag 
_struct_conn.pdbx_PDB_id 
_struct_conn.ptnr1_label_asym_id 
_struct_conn.ptnr1_label_comp_id 
_struct_conn.ptnr1_label_seq_id 
_struct_conn.ptnr1_label_atom_id 
_struct_conn.pdbx_ptnr1_label_alt_id 
_struct_conn.pdbx_ptnr1_PDB_ins_code 
_struct_conn.pdbx_ptnr1_standard_comp_id 
_struct_conn.ptnr1_symmetry 
_struct_conn.ptnr2_label_asym_id 
_struct_conn.ptnr2_label_comp_id 
_struct_conn.ptnr2_label_seq_id 
_struct_conn.ptnr2_label_atom_id 
_struct_conn.pdbx_ptnr2_label_alt_id 
_struct_conn.pdbx_ptnr2_PDB_ins_code 
_struct_conn.ptnr1_auth_asym_id 
_struct_conn.ptnr1_auth_comp_id 
_struct_conn.ptnr1_auth_seq_id 
_struct_conn.ptnr2_auth_asym_id 
_struct_conn.ptnr2_auth_comp_id 
_struct_conn.ptnr2_auth_seq_id 
_struct_conn.ptnr2_symmetry 
_struct_conn.pdbx_ptnr3_label_atom_id 
_struct_conn.pdbx_ptnr3_label_seq_id 
_struct_conn.pdbx_ptnr3_label_comp_id 
_struct_conn.pdbx_ptnr3_label_asym_id 
_struct_conn.pdbx_ptnr3_label_alt_id 
_struct_conn.pdbx_ptnr3_PDB_ins_code 
_struct_conn.details 
_struct_conn.pdbx_dist_value 
_struct_conn.pdbx_value_order 
_struct_conn.pdbx_role 
covale1 covale both ? A GLU 6 C   ? ? ? 1_555 A PHI 7 N  ? ? A GLU 6 A PHI 7  1_555 ? ? ? ? ? ? ? 1.321 ? ? 
covale2 covale both ? A PHI 7 C   ? ? ? 1_555 A GLU 8 N  ? ? A PHI 7 A GLU 8  1_555 ? ? ? ? ? ? ? 1.331 ? ? 
covale3 covale both ? D GLU 6 C   ? ? ? 1_555 D PHI 7 N  ? ? E GLU 6 E PHI 7  1_555 ? ? ? ? ? ? ? 1.324 ? ? 
covale4 covale both ? D PHI 7 C   ? ? ? 1_555 D GLU 8 N  ? ? E PHI 7 E GLU 8  1_555 ? ? ? ? ? ? ? 1.326 ? ? 
metalc1 metalc ?    ? D GLU 6 OE2 ? ? ? 1_555 E NA  . NA ? ? E GLU 6 E NA  29 1_555 ? ? ? ? ? ? ? 2.266 ? ? 
metalc2 metalc ?    ? D GLU 6 OE1 ? ? ? 1_555 E NA  . NA ? ? E GLU 6 E NA  29 1_555 ? ? ? ? ? ? ? 2.435 ? ? 
# 
loop_
_struct_conn_type.id 
_struct_conn_type.criteria 
_struct_conn_type.reference 
covale ? ? 
metalc ? ? 
# 
_pdbx_struct_conn_angle.id                    1 
_pdbx_struct_conn_angle.ptnr1_label_atom_id   OE2 
_pdbx_struct_conn_angle.ptnr1_label_alt_id    ? 
_pdbx_struct_conn_angle.ptnr1_label_asym_id   D 
_pdbx_struct_conn_angle.ptnr1_label_comp_id   GLU 
_pdbx_struct_conn_angle.ptnr1_label_seq_id    6 
_pdbx_struct_conn_angle.ptnr1_auth_atom_id    ? 
_pdbx_struct_conn_angle.ptnr1_auth_asym_id    E 
_pdbx_struct_conn_angle.ptnr1_auth_comp_id    GLU 
_pdbx_struct_conn_angle.ptnr1_auth_seq_id     6 
_pdbx_struct_conn_angle.ptnr1_PDB_ins_code    ? 
_pdbx_struct_conn_angle.ptnr1_symmetry        1_555 
_pdbx_struct_conn_angle.ptnr2_label_atom_id   NA 
_pdbx_struct_conn_angle.ptnr2_label_alt_id    ? 
_pdbx_struct_conn_angle.ptnr2_label_asym_id   E 
_pdbx_struct_conn_angle.ptnr2_label_comp_id   NA 
_pdbx_struct_conn_angle.ptnr2_label_seq_id    . 
_pdbx_struct_conn_angle.ptnr2_auth_atom_id    ? 
_pdbx_struct_conn_angle.ptnr2_auth_asym_id    E 
_pdbx_struct_conn_angle.ptnr2_auth_comp_id    NA 
_pdbx_struct_conn_angle.ptnr2_auth_seq_id     29 
_pdbx_struct_conn_angle.ptnr2_PDB_ins_code    ? 
_pdbx_struct_conn_angle.ptnr2_symmetry        1_555 
_pdbx_struct_conn_angle.ptnr3_label_atom_id   OE1 
_pdbx_struct_conn_angle.ptnr3_label_alt_id    ? 
_pdbx_struct_conn_angle.ptnr3_label_asym_id   D 
_pdbx_struct_conn_angle.ptnr3_label_comp_id   GLU 
_pdbx_struct_conn_angle.ptnr3_label_seq_id    6 
_pdbx_struct_conn_angle.ptnr3_auth_atom_id    ? 
_pdbx_struct_conn_angle.ptnr3_auth_asym_id    E 
_pdbx_struct_conn_angle.ptnr3_auth_comp_id    GLU 
_pdbx_struct_conn_angle.ptnr3_auth_seq_id     6 
_pdbx_struct_conn_angle.ptnr3_PDB_ins_code    ? 
_pdbx_struct_conn_angle.ptnr3_symmetry        1_555 
_pdbx_struct_conn_angle.value                 55.2 
_pdbx_struct_conn_angle.value_esd             ? 
# 
loop_
_pdbx_modification_feature.ordinal 
_pdbx_modification_feature.label_comp_id 
_pdbx_modification_feature.label_asym_id 
_pdbx_modification_feature.label_seq_id 
_pdbx_modification_feature.label_alt_id 
_pdbx_modification_feature.modified_residue_label_comp_id 
_pdbx_modification_feature.modified_residue_label_asym_id 
_pdbx_modification_feature.modified_residue_label_seq_id 
_pdbx_modification_feature.modified_residue_label_alt_id 
_pdbx_modification_feature.auth_comp_id 
_pdbx_modification_feature.auth_asym_id 
_pdbx_modification_feature.auth_seq_id 
_pdbx_modification_feature.PDB_ins_code 
_pdbx_modification_feature.symmetry 
_pdbx_modification_feature.modified_residue_auth_comp_id 
_pdbx_modification_feature.modified_residue_auth_asym_id 
_pdbx_modification_feature.modified_residue_auth_seq_id 
_pdbx_modification_feature.modified_residue_PDB_ins_code 
_pdbx_modification_feature.modified_residue_symmetry 
_pdbx_modification_feature.comp_id_linking_atom 
_pdbx_modification_feature.modified_residue_id_linking_atom 
_pdbx_modification_feature.modified_residue_id 
_pdbx_modification_feature.ref_pcm_id 
_pdbx_modification_feature.ref_comp_id 
_pdbx_modification_feature.type 
_pdbx_modification_feature.category 
1 PHI A 7 ? . . . . PHI A 7 ? 1_555 . . . . . . . PHE 1 PHI Iodination 'Named protein modification' 
2 PHI D 7 ? . . . . PHI E 7 ? 1_555 . . . . . . . PHE 1 PHI Iodination 'Named protein modification' 
# 
loop_
_struct_mon_prot_cis.pdbx_id 
_struct_mon_prot_cis.label_comp_id 
_struct_mon_prot_cis.label_seq_id 
_struct_mon_prot_cis.label_asym_id 
_struct_mon_prot_cis.label_alt_id 
_struct_mon_prot_cis.pdbx_PDB_ins_code 
_struct_mon_prot_cis.auth_comp_id 
_struct_mon_prot_cis.auth_seq_id 
_struct_mon_prot_cis.auth_asym_id 
_struct_mon_prot_cis.pdbx_label_comp_id_2 
_struct_mon_prot_cis.pdbx_label_seq_id_2 
_struct_mon_prot_cis.pdbx_label_asym_id_2 
_struct_mon_prot_cis.pdbx_PDB_ins_code_2 
_struct_mon_prot_cis.pdbx_auth_comp_id_2 
_struct_mon_prot_cis.pdbx_auth_seq_id_2 
_struct_mon_prot_cis.pdbx_auth_asym_id_2 
_struct_mon_prot_cis.pdbx_PDB_model_num 
_struct_mon_prot_cis.pdbx_omega_angle 
1 GLU 1  D . ? GLU 1  E ILE 2  D ? ILE 2  E 1 9.59   
2 SER 25 D . ? SER 25 E LEU 26 D ? LEU 26 E 1 -17.16 
# 
_struct_site.id                   AC1 
_struct_site.pdbx_evidence_code   Software 
_struct_site.pdbx_auth_asym_id    E 
_struct_site.pdbx_auth_comp_id    NA 
_struct_site.pdbx_auth_seq_id     29 
_struct_site.pdbx_auth_ins_code   ? 
_struct_site.pdbx_num_residues    3 
_struct_site.details              'BINDING SITE FOR RESIDUE NA E 29' 
# 
loop_
_struct_site_gen.id 
_struct_site_gen.site_id 
_struct_site_gen.pdbx_num_res 
_struct_site_gen.label_comp_id 
_struct_site_gen.label_asym_id 
_struct_site_gen.label_seq_id 
_struct_site_gen.pdbx_auth_ins_code 
_struct_site_gen.auth_comp_id 
_struct_site_gen.auth_asym_id 
_struct_site_gen.auth_seq_id 
_struct_site_gen.label_atom_id 
_struct_site_gen.label_alt_id 
_struct_site_gen.symmetry 
_struct_site_gen.details 
1 AC1 3 GLU A 6  ? GLU A 6  . ? 1_545 ? 
2 AC1 3 ASP A 10 ? ASP A 10 . ? 1_545 ? 
3 AC1 3 GLU D 6  ? GLU E 6  . ? 1_555 ? 
# 
_pdbx_entry_details.entry_id                   3RA3 
_pdbx_entry_details.compound_details           ? 
_pdbx_entry_details.source_details             ? 
_pdbx_entry_details.nonpolymer_details         ? 
_pdbx_entry_details.sequence_details           ? 
_pdbx_entry_details.has_ligand_of_interest     ? 
_pdbx_entry_details.has_protein_modification   Y 
# 
_pdbx_validate_torsion.id              1 
_pdbx_validate_torsion.PDB_model_num   1 
_pdbx_validate_torsion.auth_comp_id    SER 
_pdbx_validate_torsion.auth_asym_id    E 
_pdbx_validate_torsion.auth_seq_id     25 
_pdbx_validate_torsion.PDB_ins_code    ? 
_pdbx_validate_torsion.label_alt_id    ? 
_pdbx_validate_torsion.phi             -160.65 
_pdbx_validate_torsion.psi             66.18 
# 
loop_
_pdbx_struct_mod_residue.id 
_pdbx_struct_mod_residue.label_asym_id 
_pdbx_struct_mod_residue.label_comp_id 
_pdbx_struct_mod_residue.label_seq_id 
_pdbx_struct_mod_residue.auth_asym_id 
_pdbx_struct_mod_residue.auth_comp_id 
_pdbx_struct_mod_residue.auth_seq_id 
_pdbx_struct_mod_residue.PDB_ins_code 
_pdbx_struct_mod_residue.parent_comp_id 
_pdbx_struct_mod_residue.details 
1 A PHI 7 A PHI 7 ? PHE IODO-PHENYLALANINE 
2 D PHI 7 E PHI 7 ? PHE IODO-PHENYLALANINE 
# 
_phasing.method   SAD 
# 
loop_
_pdbx_unobs_or_zero_occ_residues.id 
_pdbx_unobs_or_zero_occ_residues.PDB_model_num 
_pdbx_unobs_or_zero_occ_residues.polymer_flag 
_pdbx_unobs_or_zero_occ_residues.occupancy_flag 
_pdbx_unobs_or_zero_occ_residues.auth_asym_id 
_pdbx_unobs_or_zero_occ_residues.auth_comp_id 
_pdbx_unobs_or_zero_occ_residues.auth_seq_id 
_pdbx_unobs_or_zero_occ_residues.PDB_ins_code 
_pdbx_unobs_or_zero_occ_residues.label_asym_id 
_pdbx_unobs_or_zero_occ_residues.label_comp_id 
_pdbx_unobs_or_zero_occ_residues.label_seq_id 
1 1 Y 1 B LYS 1  ? B LYS 1  
2 1 Y 1 B ILE 2  ? B ILE 2  
3 1 Y 1 B GLN 28 ? B GLN 28 
4 1 Y 1 D LYS 1  ? C LYS 1  
5 1 Y 1 E LYS 27 ? D LYS 27 
6 1 Y 1 E GLN 28 ? D GLN 28 
# 
loop_
_chem_comp_atom.comp_id 
_chem_comp_atom.atom_id 
_chem_comp_atom.type_symbol 
_chem_comp_atom.pdbx_aromatic_flag 
_chem_comp_atom.pdbx_stereo_config 
_chem_comp_atom.pdbx_ordinal 
ALA N    N  N N 1   
ALA CA   C  N S 2   
ALA C    C  N N 3   
ALA O    O  N N 4   
ALA CB   C  N N 5   
ALA OXT  O  N N 6   
ALA H    H  N N 7   
ALA H2   H  N N 8   
ALA HA   H  N N 9   
ALA HB1  H  N N 10  
ALA HB2  H  N N 11  
ALA HB3  H  N N 12  
ALA HXT  H  N N 13  
ARG N    N  N N 14  
ARG CA   C  N S 15  
ARG C    C  N N 16  
ARG O    O  N N 17  
ARG CB   C  N N 18  
ARG CG   C  N N 19  
ARG CD   C  N N 20  
ARG NE   N  N N 21  
ARG CZ   C  N N 22  
ARG NH1  N  N N 23  
ARG NH2  N  N N 24  
ARG OXT  O  N N 25  
ARG H    H  N N 26  
ARG H2   H  N N 27  
ARG HA   H  N N 28  
ARG HB2  H  N N 29  
ARG HB3  H  N N 30  
ARG HG2  H  N N 31  
ARG HG3  H  N N 32  
ARG HD2  H  N N 33  
ARG HD3  H  N N 34  
ARG HE   H  N N 35  
ARG HH11 H  N N 36  
ARG HH12 H  N N 37  
ARG HH21 H  N N 38  
ARG HH22 H  N N 39  
ARG HXT  H  N N 40  
ASN N    N  N N 41  
ASN CA   C  N S 42  
ASN C    C  N N 43  
ASN O    O  N N 44  
ASN CB   C  N N 45  
ASN CG   C  N N 46  
ASN OD1  O  N N 47  
ASN ND2  N  N N 48  
ASN OXT  O  N N 49  
ASN H    H  N N 50  
ASN H2   H  N N 51  
ASN HA   H  N N 52  
ASN HB2  H  N N 53  
ASN HB3  H  N N 54  
ASN HD21 H  N N 55  
ASN HD22 H  N N 56  
ASN HXT  H  N N 57  
ASP N    N  N N 58  
ASP CA   C  N S 59  
ASP C    C  N N 60  
ASP O    O  N N 61  
ASP CB   C  N N 62  
ASP CG   C  N N 63  
ASP OD1  O  N N 64  
ASP OD2  O  N N 65  
ASP OXT  O  N N 66  
ASP H    H  N N 67  
ASP H2   H  N N 68  
ASP HA   H  N N 69  
ASP HB2  H  N N 70  
ASP HB3  H  N N 71  
ASP HD2  H  N N 72  
ASP HXT  H  N N 73  
GLN N    N  N N 74  
GLN CA   C  N S 75  
GLN C    C  N N 76  
GLN O    O  N N 77  
GLN CB   C  N N 78  
GLN CG   C  N N 79  
GLN CD   C  N N 80  
GLN OE1  O  N N 81  
GLN NE2  N  N N 82  
GLN OXT  O  N N 83  
GLN H    H  N N 84  
GLN H2   H  N N 85  
GLN HA   H  N N 86  
GLN HB2  H  N N 87  
GLN HB3  H  N N 88  
GLN HG2  H  N N 89  
GLN HG3  H  N N 90  
GLN HE21 H  N N 91  
GLN HE22 H  N N 92  
GLN HXT  H  N N 93  
GLU N    N  N N 94  
GLU CA   C  N S 95  
GLU C    C  N N 96  
GLU O    O  N N 97  
GLU CB   C  N N 98  
GLU CG   C  N N 99  
GLU CD   C  N N 100 
GLU OE1  O  N N 101 
GLU OE2  O  N N 102 
GLU OXT  O  N N 103 
GLU H    H  N N 104 
GLU H2   H  N N 105 
GLU HA   H  N N 106 
GLU HB2  H  N N 107 
GLU HB3  H  N N 108 
GLU HG2  H  N N 109 
GLU HG3  H  N N 110 
GLU HE2  H  N N 111 
GLU HXT  H  N N 112 
HOH O    O  N N 113 
HOH H1   H  N N 114 
HOH H2   H  N N 115 
ILE N    N  N N 116 
ILE CA   C  N S 117 
ILE C    C  N N 118 
ILE O    O  N N 119 
ILE CB   C  N S 120 
ILE CG1  C  N N 121 
ILE CG2  C  N N 122 
ILE CD1  C  N N 123 
ILE OXT  O  N N 124 
ILE H    H  N N 125 
ILE H2   H  N N 126 
ILE HA   H  N N 127 
ILE HB   H  N N 128 
ILE HG12 H  N N 129 
ILE HG13 H  N N 130 
ILE HG21 H  N N 131 
ILE HG22 H  N N 132 
ILE HG23 H  N N 133 
ILE HD11 H  N N 134 
ILE HD12 H  N N 135 
ILE HD13 H  N N 136 
ILE HXT  H  N N 137 
LEU N    N  N N 138 
LEU CA   C  N S 139 
LEU C    C  N N 140 
LEU O    O  N N 141 
LEU CB   C  N N 142 
LEU CG   C  N N 143 
LEU CD1  C  N N 144 
LEU CD2  C  N N 145 
LEU OXT  O  N N 146 
LEU H    H  N N 147 
LEU H2   H  N N 148 
LEU HA   H  N N 149 
LEU HB2  H  N N 150 
LEU HB3  H  N N 151 
LEU HG   H  N N 152 
LEU HD11 H  N N 153 
LEU HD12 H  N N 154 
LEU HD13 H  N N 155 
LEU HD21 H  N N 156 
LEU HD22 H  N N 157 
LEU HD23 H  N N 158 
LEU HXT  H  N N 159 
LYS N    N  N N 160 
LYS CA   C  N S 161 
LYS C    C  N N 162 
LYS O    O  N N 163 
LYS CB   C  N N 164 
LYS CG   C  N N 165 
LYS CD   C  N N 166 
LYS CE   C  N N 167 
LYS NZ   N  N N 168 
LYS OXT  O  N N 169 
LYS H    H  N N 170 
LYS H2   H  N N 171 
LYS HA   H  N N 172 
LYS HB2  H  N N 173 
LYS HB3  H  N N 174 
LYS HG2  H  N N 175 
LYS HG3  H  N N 176 
LYS HD2  H  N N 177 
LYS HD3  H  N N 178 
LYS HE2  H  N N 179 
LYS HE3  H  N N 180 
LYS HZ1  H  N N 181 
LYS HZ2  H  N N 182 
LYS HZ3  H  N N 183 
LYS HXT  H  N N 184 
NA  NA   NA N N 185 
PHI N    N  N N 186 
PHI CA   C  N S 187 
PHI CB   C  N N 188 
PHI CG   C  Y N 189 
PHI CD1  C  Y N 190 
PHI CD2  C  Y N 191 
PHI CE1  C  Y N 192 
PHI CE2  C  Y N 193 
PHI CZ   C  Y N 194 
PHI I    I  N N 195 
PHI C    C  N N 196 
PHI O    O  N N 197 
PHI OXT  O  N N 198 
PHI H    H  N N 199 
PHI H2   H  N N 200 
PHI HA   H  N N 201 
PHI HB2  H  N N 202 
PHI HB3  H  N N 203 
PHI HD1  H  N N 204 
PHI HD2  H  N N 205 
PHI HE1  H  N N 206 
PHI HE2  H  N N 207 
PHI HXT  H  N N 208 
SER N    N  N N 209 
SER CA   C  N S 210 
SER C    C  N N 211 
SER O    O  N N 212 
SER CB   C  N N 213 
SER OG   O  N N 214 
SER OXT  O  N N 215 
SER H    H  N N 216 
SER H2   H  N N 217 
SER HA   H  N N 218 
SER HB2  H  N N 219 
SER HB3  H  N N 220 
SER HG   H  N N 221 
SER HXT  H  N N 222 
TYR N    N  N N 223 
TYR CA   C  N S 224 
TYR C    C  N N 225 
TYR O    O  N N 226 
TYR CB   C  N N 227 
TYR CG   C  Y N 228 
TYR CD1  C  Y N 229 
TYR CD2  C  Y N 230 
TYR CE1  C  Y N 231 
TYR CE2  C  Y N 232 
TYR CZ   C  Y N 233 
TYR OH   O  N N 234 
TYR OXT  O  N N 235 
TYR H    H  N N 236 
TYR H2   H  N N 237 
TYR HA   H  N N 238 
TYR HB2  H  N N 239 
TYR HB3  H  N N 240 
TYR HD1  H  N N 241 
TYR HD2  H  N N 242 
TYR HE1  H  N N 243 
TYR HE2  H  N N 244 
TYR HH   H  N N 245 
TYR HXT  H  N N 246 
# 
loop_
_chem_comp_bond.comp_id 
_chem_comp_bond.atom_id_1 
_chem_comp_bond.atom_id_2 
_chem_comp_bond.value_order 
_chem_comp_bond.pdbx_aromatic_flag 
_chem_comp_bond.pdbx_stereo_config 
_chem_comp_bond.pdbx_ordinal 
ALA N   CA   sing N N 1   
ALA N   H    sing N N 2   
ALA N   H2   sing N N 3   
ALA CA  C    sing N N 4   
ALA CA  CB   sing N N 5   
ALA CA  HA   sing N N 6   
ALA C   O    doub N N 7   
ALA C   OXT  sing N N 8   
ALA CB  HB1  sing N N 9   
ALA CB  HB2  sing N N 10  
ALA CB  HB3  sing N N 11  
ALA OXT HXT  sing N N 12  
ARG N   CA   sing N N 13  
ARG N   H    sing N N 14  
ARG N   H2   sing N N 15  
ARG CA  C    sing N N 16  
ARG CA  CB   sing N N 17  
ARG CA  HA   sing N N 18  
ARG C   O    doub N N 19  
ARG C   OXT  sing N N 20  
ARG CB  CG   sing N N 21  
ARG CB  HB2  sing N N 22  
ARG CB  HB3  sing N N 23  
ARG CG  CD   sing N N 24  
ARG CG  HG2  sing N N 25  
ARG CG  HG3  sing N N 26  
ARG CD  NE   sing N N 27  
ARG CD  HD2  sing N N 28  
ARG CD  HD3  sing N N 29  
ARG NE  CZ   sing N N 30  
ARG NE  HE   sing N N 31  
ARG CZ  NH1  sing N N 32  
ARG CZ  NH2  doub N N 33  
ARG NH1 HH11 sing N N 34  
ARG NH1 HH12 sing N N 35  
ARG NH2 HH21 sing N N 36  
ARG NH2 HH22 sing N N 37  
ARG OXT HXT  sing N N 38  
ASN N   CA   sing N N 39  
ASN N   H    sing N N 40  
ASN N   H2   sing N N 41  
ASN CA  C    sing N N 42  
ASN CA  CB   sing N N 43  
ASN CA  HA   sing N N 44  
ASN C   O    doub N N 45  
ASN C   OXT  sing N N 46  
ASN CB  CG   sing N N 47  
ASN CB  HB2  sing N N 48  
ASN CB  HB3  sing N N 49  
ASN CG  OD1  doub N N 50  
ASN CG  ND2  sing N N 51  
ASN ND2 HD21 sing N N 52  
ASN ND2 HD22 sing N N 53  
ASN OXT HXT  sing N N 54  
ASP N   CA   sing N N 55  
ASP N   H    sing N N 56  
ASP N   H2   sing N N 57  
ASP CA  C    sing N N 58  
ASP CA  CB   sing N N 59  
ASP CA  HA   sing N N 60  
ASP C   O    doub N N 61  
ASP C   OXT  sing N N 62  
ASP CB  CG   sing N N 63  
ASP CB  HB2  sing N N 64  
ASP CB  HB3  sing N N 65  
ASP CG  OD1  doub N N 66  
ASP CG  OD2  sing N N 67  
ASP OD2 HD2  sing N N 68  
ASP OXT HXT  sing N N 69  
GLN N   CA   sing N N 70  
GLN N   H    sing N N 71  
GLN N   H2   sing N N 72  
GLN CA  C    sing N N 73  
GLN CA  CB   sing N N 74  
GLN CA  HA   sing N N 75  
GLN C   O    doub N N 76  
GLN C   OXT  sing N N 77  
GLN CB  CG   sing N N 78  
GLN CB  HB2  sing N N 79  
GLN CB  HB3  sing N N 80  
GLN CG  CD   sing N N 81  
GLN CG  HG2  sing N N 82  
GLN CG  HG3  sing N N 83  
GLN CD  OE1  doub N N 84  
GLN CD  NE2  sing N N 85  
GLN NE2 HE21 sing N N 86  
GLN NE2 HE22 sing N N 87  
GLN OXT HXT  sing N N 88  
GLU N   CA   sing N N 89  
GLU N   H    sing N N 90  
GLU N   H2   sing N N 91  
GLU CA  C    sing N N 92  
GLU CA  CB   sing N N 93  
GLU CA  HA   sing N N 94  
GLU C   O    doub N N 95  
GLU C   OXT  sing N N 96  
GLU CB  CG   sing N N 97  
GLU CB  HB2  sing N N 98  
GLU CB  HB3  sing N N 99  
GLU CG  CD   sing N N 100 
GLU CG  HG2  sing N N 101 
GLU CG  HG3  sing N N 102 
GLU CD  OE1  doub N N 103 
GLU CD  OE2  sing N N 104 
GLU OE2 HE2  sing N N 105 
GLU OXT HXT  sing N N 106 
HOH O   H1   sing N N 107 
HOH O   H2   sing N N 108 
ILE N   CA   sing N N 109 
ILE N   H    sing N N 110 
ILE N   H2   sing N N 111 
ILE CA  C    sing N N 112 
ILE CA  CB   sing N N 113 
ILE CA  HA   sing N N 114 
ILE C   O    doub N N 115 
ILE C   OXT  sing N N 116 
ILE CB  CG1  sing N N 117 
ILE CB  CG2  sing N N 118 
ILE CB  HB   sing N N 119 
ILE CG1 CD1  sing N N 120 
ILE CG1 HG12 sing N N 121 
ILE CG1 HG13 sing N N 122 
ILE CG2 HG21 sing N N 123 
ILE CG2 HG22 sing N N 124 
ILE CG2 HG23 sing N N 125 
ILE CD1 HD11 sing N N 126 
ILE CD1 HD12 sing N N 127 
ILE CD1 HD13 sing N N 128 
ILE OXT HXT  sing N N 129 
LEU N   CA   sing N N 130 
LEU N   H    sing N N 131 
LEU N   H2   sing N N 132 
LEU CA  C    sing N N 133 
LEU CA  CB   sing N N 134 
LEU CA  HA   sing N N 135 
LEU C   O    doub N N 136 
LEU C   OXT  sing N N 137 
LEU CB  CG   sing N N 138 
LEU CB  HB2  sing N N 139 
LEU CB  HB3  sing N N 140 
LEU CG  CD1  sing N N 141 
LEU CG  CD2  sing N N 142 
LEU CG  HG   sing N N 143 
LEU CD1 HD11 sing N N 144 
LEU CD1 HD12 sing N N 145 
LEU CD1 HD13 sing N N 146 
LEU CD2 HD21 sing N N 147 
LEU CD2 HD22 sing N N 148 
LEU CD2 HD23 sing N N 149 
LEU OXT HXT  sing N N 150 
LYS N   CA   sing N N 151 
LYS N   H    sing N N 152 
LYS N   H2   sing N N 153 
LYS CA  C    sing N N 154 
LYS CA  CB   sing N N 155 
LYS CA  HA   sing N N 156 
LYS C   O    doub N N 157 
LYS C   OXT  sing N N 158 
LYS CB  CG   sing N N 159 
LYS CB  HB2  sing N N 160 
LYS CB  HB3  sing N N 161 
LYS CG  CD   sing N N 162 
LYS CG  HG2  sing N N 163 
LYS CG  HG3  sing N N 164 
LYS CD  CE   sing N N 165 
LYS CD  HD2  sing N N 166 
LYS CD  HD3  sing N N 167 
LYS CE  NZ   sing N N 168 
LYS CE  HE2  sing N N 169 
LYS CE  HE3  sing N N 170 
LYS NZ  HZ1  sing N N 171 
LYS NZ  HZ2  sing N N 172 
LYS NZ  HZ3  sing N N 173 
LYS OXT HXT  sing N N 174 
PHI N   CA   sing N N 175 
PHI N   H    sing N N 176 
PHI N   H2   sing N N 177 
PHI CA  CB   sing N N 178 
PHI CA  C    sing N N 179 
PHI CA  HA   sing N N 180 
PHI CB  CG   sing N N 181 
PHI CB  HB2  sing N N 182 
PHI CB  HB3  sing N N 183 
PHI CG  CD1  doub Y N 184 
PHI CG  CD2  sing Y N 185 
PHI CD1 CE1  sing Y N 186 
PHI CD1 HD1  sing N N 187 
PHI CD2 CE2  doub Y N 188 
PHI CD2 HD2  sing N N 189 
PHI CE1 CZ   doub Y N 190 
PHI CE1 HE1  sing N N 191 
PHI CE2 CZ   sing Y N 192 
PHI CE2 HE2  sing N N 193 
PHI CZ  I    sing N N 194 
PHI C   O    doub N N 195 
PHI C   OXT  sing N N 196 
PHI OXT HXT  sing N N 197 
SER N   CA   sing N N 198 
SER N   H    sing N N 199 
SER N   H2   sing N N 200 
SER CA  C    sing N N 201 
SER CA  CB   sing N N 202 
SER CA  HA   sing N N 203 
SER C   O    doub N N 204 
SER C   OXT  sing N N 205 
SER CB  OG   sing N N 206 
SER CB  HB2  sing N N 207 
SER CB  HB3  sing N N 208 
SER OG  HG   sing N N 209 
SER OXT HXT  sing N N 210 
TYR N   CA   sing N N 211 
TYR N   H    sing N N 212 
TYR N   H2   sing N N 213 
TYR CA  C    sing N N 214 
TYR CA  CB   sing N N 215 
TYR CA  HA   sing N N 216 
TYR C   O    doub N N 217 
TYR C   OXT  sing N N 218 
TYR CB  CG   sing N N 219 
TYR CB  HB2  sing N N 220 
TYR CB  HB3  sing N N 221 
TYR CG  CD1  doub Y N 222 
TYR CG  CD2  sing Y N 223 
TYR CD1 CE1  sing Y N 224 
TYR CD1 HD1  sing N N 225 
TYR CD2 CE2  doub Y N 226 
TYR CD2 HD2  sing N N 227 
TYR CE1 CZ   doub Y N 228 
TYR CE1 HE1  sing N N 229 
TYR CE2 CZ   sing Y N 230 
TYR CE2 HE2  sing N N 231 
TYR CZ  OH   sing N N 232 
TYR OH  HH   sing N N 233 
TYR OXT HXT  sing N N 234 
# 
loop_
_pdbx_reflns_twin.domain_id 
_pdbx_reflns_twin.crystal_id 
_pdbx_reflns_twin.diffrn_id 
_pdbx_reflns_twin.fraction 
_pdbx_reflns_twin.operator 
_pdbx_reflns_twin.type 
_pdbx_reflns_twin.mean_F_square_over_mean_F2 
_pdbx_reflns_twin.mean_I2_over_mean_I_square 
1 1 1 0.819 'H, K, L' ? ? ? 
2 1 1 0.181 h+k,-k,-l ? ? ? 
# 
_atom_sites.entry_id                    3RA3 
_atom_sites.fract_transf_matrix[1][1]   -0.00669875 
_atom_sites.fract_transf_matrix[1][2]   -0.01141139 
_atom_sites.fract_transf_matrix[1][3]   0.02193097 
_atom_sites.fract_transf_matrix[2][1]   -0.02023058 
_atom_sites.fract_transf_matrix[2][2]   -0.01569639 
_atom_sites.fract_transf_matrix[2][3]   0.00061048 
_atom_sites.fract_transf_matrix[3][1]   0.00878219 
_atom_sites.fract_transf_matrix[3][2]   -0.01144640 
_atom_sites.fract_transf_matrix[3][3]   -0.00327344 
_atom_sites.fract_transf_vector[1]      0.799616 
_atom_sites.fract_transf_vector[2]      0.663713 
_atom_sites.fract_transf_vector[3]      0.491237 
# 
loop_
_atom_type.symbol 
C  
I  
N  
NA 
O  
# 
loop_
_atom_site.group_PDB 
_atom_site.id 
_atom_site.type_symbol 
_atom_site.label_atom_id 
_atom_site.label_alt_id 
_atom_site.label_comp_id 
_atom_site.label_asym_id 
_atom_site.label_entity_id 
_atom_site.label_seq_id 
_atom_site.pdbx_PDB_ins_code 
_atom_site.Cartn_x 
_atom_site.Cartn_y 
_atom_site.Cartn_z 
_atom_site.occupancy 
_atom_site.B_iso_or_equiv 
_atom_site.pdbx_formal_charge 
_atom_site.auth_seq_id 
_atom_site.auth_comp_id 
_atom_site.auth_asym_id 
_atom_site.auth_atom_id 
_atom_site.pdbx_PDB_model_num 
ATOM   1   N  N   . GLU A 1 1  ? -13.545 -17.519 -20.816 1.00 45.20 ? 1  GLU A N   1 
ATOM   2   C  CA  . GLU A 1 1  ? -12.333 -17.655 -19.980 1.00 44.14 ? 1  GLU A CA  1 
ATOM   3   C  C   . GLU A 1 1  ? -12.589 -16.792 -18.766 1.00 43.45 ? 1  GLU A C   1 
ATOM   4   O  O   . GLU A 1 1  ? -13.063 -15.647 -18.910 1.00 43.15 ? 1  GLU A O   1 
ATOM   5   C  CB  . GLU A 1 1  ? -11.077 -17.169 -20.736 1.00 44.51 ? 1  GLU A CB  1 
ATOM   6   C  CG  . GLU A 1 1  ? -10.166 -16.260 -19.880 1.00 46.27 ? 1  GLU A CG  1 
ATOM   7   C  CD  . GLU A 1 1  ? -8.767  -15.985 -20.424 1.00 50.67 ? 1  GLU A CD  1 
ATOM   8   O  OE1 . GLU A 1 1  ? -7.943  -16.905 -20.390 1.00 50.59 ? 1  GLU A OE1 1 
ATOM   9   O  OE2 . GLU A 1 1  ? -8.454  -14.826 -20.829 1.00 54.78 ? 1  GLU A OE2 1 
ATOM   10  N  N   . ILE A 1 2  ? -12.326 -17.331 -17.573 1.00 42.17 ? 2  ILE A N   1 
ATOM   11  C  CA  . ILE A 1 2  ? -12.233 -16.476 -16.382 1.00 40.73 ? 2  ILE A CA  1 
ATOM   12  C  C   . ILE A 1 2  ? -10.933 -15.701 -16.558 1.00 40.84 ? 2  ILE A C   1 
ATOM   13  O  O   . ILE A 1 2  ? -9.859  -16.289 -16.705 1.00 40.34 ? 2  ILE A O   1 
ATOM   14  C  CB  . ILE A 1 2  ? -12.176 -17.257 -15.060 1.00 40.40 ? 2  ILE A CB  1 
ATOM   15  C  CG1 . ILE A 1 2  ? -13.451 -18.110 -14.828 1.00 39.10 ? 2  ILE A CG1 1 
ATOM   16  C  CG2 . ILE A 1 2  ? -11.868 -16.279 -13.874 1.00 39.77 ? 2  ILE A CG2 1 
ATOM   17  C  CD1 . ILE A 1 2  ? -13.310 -19.191 -13.680 1.00 34.76 ? 2  ILE A CD1 1 
ATOM   18  N  N   . ASP A 1 3  ? -11.034 -14.383 -16.580 1.00 41.15 ? 3  ASP A N   1 
ATOM   19  C  CA  . ASP A 1 3  ? -9.904  -13.564 -16.925 1.00 42.50 ? 3  ASP A CA  1 
ATOM   20  C  C   . ASP A 1 3  ? -8.890  -13.517 -15.777 1.00 41.91 ? 3  ASP A C   1 
ATOM   21  O  O   . ASP A 1 3  ? -9.280  -13.544 -14.613 1.00 41.78 ? 3  ASP A O   1 
ATOM   22  C  CB  . ASP A 1 3  ? -10.395 -12.158 -17.271 1.00 42.80 ? 3  ASP A CB  1 
ATOM   23  C  CG  . ASP A 1 3  ? -9.383  -11.380 -18.081 1.00 48.11 ? 3  ASP A CG  1 
ATOM   24  O  OD1 . ASP A 1 3  ? -8.849  -10.388 -17.533 1.00 53.55 ? 3  ASP A OD1 1 
ATOM   25  O  OD2 . ASP A 1 3  ? -9.090  -11.765 -19.257 1.00 52.69 ? 3  ASP A OD2 1 
ATOM   26  N  N   . ALA A 1 4  ? -7.613  -13.377 -16.113 1.00 42.06 ? 4  ALA A N   1 
ATOM   27  C  CA  . ALA A 1 4  ? -6.538  -13.163 -15.107 1.00 42.40 ? 4  ALA A CA  1 
ATOM   28  C  C   . ALA A 1 4  ? -6.811  -12.023 -14.114 1.00 42.63 ? 4  ALA A C   1 
ATOM   29  O  O   . ALA A 1 4  ? -6.445  -12.106 -12.931 1.00 43.37 ? 4  ALA A O   1 
ATOM   30  C  CB  . ALA A 1 4  ? -5.197  -12.980 -15.809 1.00 42.32 ? 4  ALA A CB  1 
ATOM   31  N  N   . LEU A 1 5  ? -7.512  -10.980 -14.548 1.00 43.55 ? 5  LEU A N   1 
ATOM   32  C  CA  . LEU A 1 5  ? -7.947  -9.920  -13.594 1.00 43.07 ? 5  LEU A CA  1 
ATOM   33  C  C   . LEU A 1 5  ? -9.045  -10.313 -12.627 1.00 42.71 ? 5  LEU A C   1 
ATOM   34  O  O   . LEU A 1 5  ? -9.160  -9.681  -11.573 1.00 43.16 ? 5  LEU A O   1 
ATOM   35  C  CB  . LEU A 1 5  ? -8.391  -8.649  -14.321 1.00 43.92 ? 5  LEU A CB  1 
ATOM   36  C  CG  . LEU A 1 5  ? -7.316  -7.623  -14.624 1.00 45.42 ? 5  LEU A CG  1 
ATOM   37  C  CD1 . LEU A 1 5  ? -5.984  -8.349  -14.945 1.00 50.70 ? 5  LEU A CD1 1 
ATOM   38  C  CD2 . LEU A 1 5  ? -7.778  -6.802  -15.780 1.00 46.69 ? 5  LEU A CD2 1 
ATOM   39  N  N   . GLU A 1 6  ? -9.858  -11.320 -12.944 1.00 41.21 ? 6  GLU A N   1 
ATOM   40  C  CA  . GLU A 1 6  ? -10.828 -11.790 -11.956 1.00 40.53 ? 6  GLU A CA  1 
ATOM   41  C  C   . GLU A 1 6  ? -10.097 -12.458 -10.810 1.00 40.16 ? 6  GLU A C   1 
ATOM   42  O  O   . GLU A 1 6  ? -10.423 -12.265 -9.654  1.00 41.93 ? 6  GLU A O   1 
ATOM   43  C  CB  . GLU A 1 6  ? -11.844 -12.744 -12.595 1.00 40.63 ? 6  GLU A CB  1 
ATOM   44  C  CG  . GLU A 1 6  ? -12.800 -13.364 -11.587 1.00 39.02 ? 6  GLU A CG  1 
ATOM   45  C  CD  . GLU A 1 6  ? -13.878 -12.389 -10.992 1.00 43.23 ? 6  GLU A CD  1 
ATOM   46  O  OE1 . GLU A 1 6  ? -14.558 -12.821 -10.002 1.00 39.59 ? 6  GLU A OE1 1 
ATOM   47  O  OE2 . GLU A 1 6  ? -14.061 -11.240 -11.499 1.00 37.53 ? 6  GLU A OE2 1 
HETATM 48  N  N   . PHI A 1 7  ? -9.117  -13.279 -11.144 1.00 39.82 ? 7  PHI A N   1 
HETATM 49  C  CA  . PHI A 1 7  ? -8.190  -13.816 -10.157 1.00 38.83 ? 7  PHI A CA  1 
HETATM 50  C  CB  . PHI A 1 7  ? -7.054  -14.611 -10.863 1.00 38.15 ? 7  PHI A CB  1 
HETATM 51  C  CG  . PHI A 1 7  ? -7.713  -15.929 -11.236 1.00 37.66 ? 7  PHI A CG  1 
HETATM 52  C  CD1 . PHI A 1 7  ? -7.908  -16.863 -10.225 1.00 36.56 ? 7  PHI A CD1 1 
HETATM 53  C  CD2 . PHI A 1 7  ? -8.143  -16.222 -12.547 1.00 36.46 ? 7  PHI A CD2 1 
HETATM 54  C  CE1 . PHI A 1 7  ? -8.526  -18.094 -10.487 1.00 39.85 ? 7  PHI A CE1 1 
HETATM 55  C  CE2 . PHI A 1 7  ? -8.758  -17.487 -12.794 1.00 40.17 ? 7  PHI A CE2 1 
HETATM 56  C  CZ  . PHI A 1 7  ? -8.948  -18.434 -11.768 1.00 41.75 ? 7  PHI A CZ  1 
HETATM 57  I  I   . PHI A 1 7  ? -9.929  -20.331 -12.040 1.00 57.37 ? 7  PHI A I   1 
HETATM 58  C  C   . PHI A 1 7  ? -7.593  -12.743 -9.303  1.00 37.81 ? 7  PHI A C   1 
HETATM 59  O  O   . PHI A 1 7  ? -7.675  -12.816 -8.097  1.00 36.43 ? 7  PHI A O   1 
ATOM   60  N  N   . GLU A 1 8  ? -6.963  -11.757 -9.937  1.00 37.37 ? 8  GLU A N   1 
ATOM   61  C  CA  . GLU A 1 8  ? -6.282  -10.696 -9.221  1.00 38.29 ? 8  GLU A CA  1 
ATOM   62  C  C   . GLU A 1 8  ? -7.307  -9.872  -8.415  1.00 37.19 ? 8  GLU A C   1 
ATOM   63  O  O   . GLU A 1 8  ? -7.121  -9.648  -7.231  1.00 37.30 ? 8  GLU A O   1 
ATOM   64  C  CB  . GLU A 1 8  ? -5.403  -9.830  -10.166 1.00 38.90 ? 8  GLU A CB  1 
ATOM   65  C  CG  . GLU A 1 8  ? -4.596  -8.699  -9.414  1.00 42.10 ? 8  GLU A CG  1 
ATOM   66  C  CD  . GLU A 1 8  ? -3.805  -7.780  -10.362 1.00 45.05 ? 8  GLU A CD  1 
ATOM   67  O  OE1 . GLU A 1 8  ? -3.041  -8.274  -11.210 1.00 49.75 ? 8  GLU A OE1 1 
ATOM   68  O  OE2 . GLU A 1 8  ? -3.958  -6.548  -10.285 1.00 45.54 ? 8  GLU A OE2 1 
ATOM   69  N  N   . ASN A 1 9  ? -8.425  -9.505  -9.013  1.00 36.56 ? 9  ASN A N   1 
ATOM   70  C  CA  . ASN A 1 9  ? -9.475  -8.790  -8.228  1.00 35.67 ? 9  ASN A CA  1 
ATOM   71  C  C   . ASN A 1 9  ? -9.971  -9.552  -6.989  1.00 36.55 ? 9  ASN A C   1 
ATOM   72  O  O   . ASN A 1 9  ? -10.110 -8.982  -5.922  1.00 36.81 ? 9  ASN A O   1 
ATOM   73  C  CB  . ASN A 1 9  ? -10.645 -8.350  -9.100  1.00 34.72 ? 9  ASN A CB  1 
ATOM   74  C  CG  . ASN A 1 9  ? -10.282 -7.269  -10.108 1.00 33.30 ? 9  ASN A CG  1 
ATOM   75  O  OD1 . ASN A 1 9  ? -11.123 -6.906  -10.946 1.00 34.24 ? 9  ASN A OD1 1 
ATOM   76  N  ND2 . ASN A 1 9  ? -9.049  -6.753  -10.061 1.00 28.30 ? 9  ASN A ND2 1 
ATOM   77  N  N   . ASP A 1 10 ? -10.221 -10.850 -7.117  1.00 37.49 ? 10 ASP A N   1 
ATOM   78  C  CA  . ASP A 1 10 ? -10.618 -11.673 -5.968  1.00 37.71 ? 10 ASP A CA  1 
ATOM   79  C  C   . ASP A 1 10 ? -9.562  -11.843 -4.858  1.00 37.20 ? 10 ASP A C   1 
ATOM   80  O  O   . ASP A 1 10 ? -9.881  -11.844 -3.672  1.00 37.45 ? 10 ASP A O   1 
ATOM   81  C  CB  . ASP A 1 10 ? -11.128 -13.012 -6.489  1.00 39.24 ? 10 ASP A CB  1 
ATOM   82  C  CG  . ASP A 1 10 ? -12.571 -12.909 -7.019  1.00 44.10 ? 10 ASP A CG  1 
ATOM   83  O  OD1 . ASP A 1 10 ? -13.107 -11.764 -7.046  1.00 40.84 ? 10 ASP A OD1 1 
ATOM   84  O  OD2 . ASP A 1 10 ? -13.175 -13.975 -7.386  1.00 46.78 ? 10 ASP A OD2 1 
ATOM   85  N  N   . ALA A 1 11 ? -8.293  -11.958 -5.224  1.00 37.14 ? 11 ALA A N   1 
ATOM   86  C  CA  . ALA A 1 11 ? -7.238  -11.859 -4.243  1.00 37.00 ? 11 ALA A CA  1 
ATOM   87  C  C   . ALA A 1 11 ? -7.196  -10.451 -3.519  1.00 37.69 ? 11 ALA A C   1 
ATOM   88  O  O   . ALA A 1 11 ? -7.045  -10.386 -2.301  1.00 36.59 ? 11 ALA A O   1 
ATOM   89  C  CB  . ALA A 1 11 ? -5.886  -12.227 -4.881  1.00 37.06 ? 11 ALA A CB  1 
ATOM   90  N  N   . LEU A 1 12 ? -7.401  -9.361  -4.272  1.00 38.00 ? 12 LEU A N   1 
ATOM   91  C  CA  . LEU A 1 12 ? -7.398  -7.984  -3.730  1.00 38.56 ? 12 LEU A CA  1 
ATOM   92  C  C   . LEU A 1 12 ? -8.537  -7.735  -2.773  1.00 39.49 ? 12 LEU A C   1 
ATOM   93  O  O   . LEU A 1 12 ? -8.342  -7.085  -1.750  1.00 40.08 ? 12 LEU A O   1 
ATOM   94  C  CB  . LEU A 1 12 ? -7.381  -6.921  -4.843  1.00 37.38 ? 12 LEU A CB  1 
ATOM   95  C  CG  . LEU A 1 12 ? -6.255  -7.034  -5.869  1.00 38.68 ? 12 LEU A CG  1 
ATOM   96  C  CD1 . LEU A 1 12 ? -6.372  -6.008  -7.023  1.00 36.30 ? 12 LEU A CD1 1 
ATOM   97  C  CD2 . LEU A 1 12 ? -4.821  -6.999  -5.215  1.00 38.26 ? 12 LEU A CD2 1 
ATOM   98  N  N   . GLU A 1 13 ? -9.714  -8.273  -3.071  1.00 41.14 ? 13 GLU A N   1 
ATOM   99  C  CA  . GLU A 1 13 ? -10.865 -8.235  -2.128  1.00 43.06 ? 13 GLU A CA  1 
ATOM   100 C  C   . GLU A 1 13 ? -10.608 -8.987  -0.820  1.00 43.52 ? 13 GLU A C   1 
ATOM   101 O  O   . GLU A 1 13 ? -10.871 -8.452  0.269   1.00 44.99 ? 13 GLU A O   1 
ATOM   102 C  CB  . GLU A 1 13 ? -12.166 -8.695  -2.813  1.00 43.93 ? 13 GLU A CB  1 
ATOM   103 C  CG  . GLU A 1 13 ? -12.551 -7.808  -4.033  1.00 49.15 ? 13 GLU A CG  1 
ATOM   104 C  CD  . GLU A 1 13 ? -14.021 -7.922  -4.467  1.00 56.79 ? 13 GLU A CD  1 
ATOM   105 O  OE1 . GLU A 1 13 ? -14.932 -7.803  -3.601  1.00 61.41 ? 13 GLU A OE1 1 
ATOM   106 O  OE2 . GLU A 1 13 ? -14.278 -8.108  -5.684  1.00 57.93 ? 13 GLU A OE2 1 
ATOM   107 N  N   . GLN A 1 14 ? -10.076 -10.205 -0.906  1.00 43.23 ? 14 GLN A N   1 
ATOM   108 C  CA  . GLN A 1 14 ? -9.584  -10.930 0.281   1.00 43.35 ? 14 GLN A CA  1 
ATOM   109 C  C   . GLN A 1 14 ? -8.658  -10.031 1.095   1.00 42.40 ? 14 GLN A C   1 
ATOM   110 O  O   . GLN A 1 14 ? -8.872  -9.825  2.296   1.00 42.50 ? 14 GLN A O   1 
ATOM   111 C  CB  . GLN A 1 14 ? -8.876  -12.269 -0.111  1.00 44.74 ? 14 GLN A CB  1 
ATOM   112 C  CG  . GLN A 1 14 ? -7.998  -12.910 0.979   1.00 48.43 ? 14 GLN A CG  1 
ATOM   113 C  CD  . GLN A 1 14 ? -8.043  -14.473 0.989   1.00 57.48 ? 14 GLN A CD  1 
ATOM   114 O  OE1 . GLN A 1 14 ? -9.136  -15.097 0.947   1.00 59.03 ? 14 GLN A OE1 1 
ATOM   115 N  NE2 . GLN A 1 14 ? -6.856  -15.101 1.073   1.00 56.38 ? 14 GLN A NE2 1 
ATOM   116 N  N   . LYS A 1 15 ? -7.638  -9.493  0.446   1.00 40.89 ? 15 LYS A N   1 
ATOM   117 C  CA  . LYS A 1 15 ? -6.698  -8.625  1.139   1.00 40.48 ? 15 LYS A CA  1 
ATOM   118 C  C   . LYS A 1 15 ? -7.403  -7.447  1.833   1.00 39.77 ? 15 LYS A C   1 
ATOM   119 O  O   . LYS A 1 15 ? -7.127  -7.153  2.980   1.00 39.80 ? 15 LYS A O   1 
ATOM   120 C  CB  . LYS A 1 15 ? -5.592  -8.171  0.186   1.00 40.78 ? 15 LYS A CB  1 
ATOM   121 C  CG  . LYS A 1 15 ? -4.643  -7.171  0.809   1.00 40.65 ? 15 LYS A CG  1 
ATOM   122 C  CD  . LYS A 1 15 ? -3.225  -7.314  0.237   1.00 43.79 ? 15 LYS A CD  1 
ATOM   123 C  CE  . LYS A 1 15 ? -2.169  -6.552  1.075   1.00 43.33 ? 15 LYS A CE  1 
ATOM   124 N  NZ  . LYS A 1 15 ? -1.164  -5.991  0.090   1.00 45.13 ? 15 LYS A NZ  1 
ATOM   125 N  N   . ILE A 1 16 ? -8.332  -6.806  1.143   1.00 39.41 ? 16 ILE A N   1 
ATOM   126 C  CA  . ILE A 1 16 ? -9.169  -5.767  1.731   1.00 39.76 ? 16 ILE A CA  1 
ATOM   127 C  C   . ILE A 1 16 ? -9.917  -6.187  3.019   1.00 41.27 ? 16 ILE A C   1 
ATOM   128 O  O   . ILE A 1 16 ? -9.893  -5.461  4.043   1.00 42.97 ? 16 ILE A O   1 
ATOM   129 C  CB  . ILE A 1 16 ? -10.156 -5.236  0.687   1.00 38.31 ? 16 ILE A CB  1 
ATOM   130 C  CG1 . ILE A 1 16 ? -9.385  -4.307  -0.256  1.00 38.26 ? 16 ILE A CG1 1 
ATOM   131 C  CG2 . ILE A 1 16 ? -11.329 -4.533  1.358   1.00 36.66 ? 16 ILE A CG2 1 
ATOM   132 C  CD1 . ILE A 1 16 ? -10.086 -3.861  -1.497  1.00 32.61 ? 16 ILE A CD1 1 
ATOM   133 N  N   . ALA A 1 17 ? -10.589 -7.332  2.967   1.00 41.69 ? 17 ALA A N   1 
ATOM   134 C  CA  . ALA A 1 17 ? -11.320 -7.827  4.128   1.00 42.81 ? 17 ALA A CA  1 
ATOM   135 C  C   . ALA A 1 17 ? -10.363 -8.065  5.277   1.00 42.61 ? 17 ALA A C   1 
ATOM   136 O  O   . ALA A 1 17 ? -10.714 -7.815  6.447   1.00 42.82 ? 17 ALA A O   1 
ATOM   137 C  CB  . ALA A 1 17 ? -12.101 -9.138  3.804   1.00 43.01 ? 17 ALA A CB  1 
ATOM   138 N  N   . ALA A 1 18 ? -9.166  -8.536  4.957   1.00 41.79 ? 18 ALA A N   1 
ATOM   139 C  CA  . ALA A 1 18 ? -8.168  -8.787  6.002   1.00 42.22 ? 18 ALA A CA  1 
ATOM   140 C  C   . ALA A 1 18 ? -7.577  -7.470  6.581   1.00 42.49 ? 18 ALA A C   1 
ATOM   141 O  O   . ALA A 1 18 ? -7.254  -7.399  7.768   1.00 42.03 ? 18 ALA A O   1 
ATOM   142 C  CB  . ALA A 1 18 ? -7.081  -9.693  5.493   1.00 42.09 ? 18 ALA A CB  1 
ATOM   143 N  N   . LEU A 1 19 ? -7.446  -6.425  5.755   1.00 42.35 ? 19 LEU A N   1 
ATOM   144 C  CA  . LEU A 1 19 ? -6.989  -5.132  6.305   1.00 42.28 ? 19 LEU A CA  1 
ATOM   145 C  C   . LEU A 1 19 ? -8.069  -4.425  7.155   1.00 42.04 ? 19 LEU A C   1 
ATOM   146 O  O   . LEU A 1 19 ? -7.774  -3.887  8.205   1.00 41.18 ? 19 LEU A O   1 
ATOM   147 C  CB  . LEU A 1 19 ? -6.399  -4.215  5.234   1.00 42.06 ? 19 LEU A CB  1 
ATOM   148 C  CG  . LEU A 1 19 ? -5.226  -4.775  4.410   1.00 41.58 ? 19 LEU A CG  1 
ATOM   149 C  CD1 . LEU A 1 19 ? -5.134  -4.053  3.025   1.00 38.45 ? 19 LEU A CD1 1 
ATOM   150 C  CD2 . LEU A 1 19 ? -3.890  -4.770  5.171   1.00 38.16 ? 19 LEU A CD2 1 
ATOM   151 N  N   . LYS A 1 20 ? -9.321  -4.491  6.729   1.00 42.88 ? 20 LYS A N   1 
ATOM   152 C  CA  . LYS A 1 20 ? -10.406 -3.994  7.562   1.00 45.22 ? 20 LYS A CA  1 
ATOM   153 C  C   . LYS A 1 20 ? -10.467 -4.626  8.958   1.00 45.98 ? 20 LYS A C   1 
ATOM   154 O  O   . LYS A 1 20 ? -10.850 -3.966  9.923   1.00 46.39 ? 20 LYS A O   1 
ATOM   155 C  CB  . LYS A 1 20 ? -11.745 -4.187  6.863   1.00 45.21 ? 20 LYS A CB  1 
ATOM   156 C  CG  . LYS A 1 20 ? -11.907 -3.251  5.703   1.00 47.89 ? 20 LYS A CG  1 
ATOM   157 C  CD  . LYS A 1 20 ? -13.282 -3.412  5.046   1.00 50.39 ? 20 LYS A CD  1 
ATOM   158 C  CE  . LYS A 1 20 ? -13.397 -2.444  3.882   1.00 48.61 ? 20 LYS A CE  1 
ATOM   159 N  NZ  . LYS A 1 20 ? -12.675 -1.219  4.342   1.00 47.94 ? 20 LYS A NZ  1 
ATOM   160 N  N   . GLN A 1 21 ? -10.111 -5.902  9.036   1.00 47.00 ? 21 GLN A N   1 
ATOM   161 C  CA  . GLN A 1 21 ? -10.202 -6.709  10.256  1.00 48.56 ? 21 GLN A CA  1 
ATOM   162 C  C   . GLN A 1 21 ? -9.067  -6.314  11.194  1.00 48.25 ? 21 GLN A C   1 
ATOM   163 O  O   . GLN A 1 21 ? -9.260  -6.171  12.409  1.00 47.42 ? 21 GLN A O   1 
ATOM   164 C  CB  . GLN A 1 21 ? -10.082 -8.191  9.890   1.00 48.84 ? 21 GLN A CB  1 
ATOM   165 C  CG  . GLN A 1 21 ? -10.886 -9.156  10.713  1.00 56.04 ? 21 GLN A CG  1 
ATOM   166 C  CD  . GLN A 1 21 ? -10.817 -10.582 10.143  1.00 64.76 ? 21 GLN A CD  1 
ATOM   167 O  OE1 . GLN A 1 21 ? -11.117 -10.807 8.951   1.00 66.44 ? 21 GLN A OE1 1 
ATOM   168 N  NE2 . GLN A 1 21 ? -10.414 -11.557 10.994  1.00 65.11 ? 21 GLN A NE2 1 
ATOM   169 N  N   . LYS A 1 22 ? -7.885  -6.135  10.599  1.00 47.21 ? 22 LYS A N   1 
ATOM   170 C  CA  . LYS A 1 22 ? -6.747  -5.621  11.283  1.00 46.62 ? 22 LYS A CA  1 
ATOM   171 C  C   . LYS A 1 22 ? -7.028  -4.194  11.816  1.00 46.63 ? 22 LYS A C   1 
ATOM   172 O  O   . LYS A 1 22 ? -6.653  -3.854  12.936  1.00 45.27 ? 22 LYS A O   1 
ATOM   173 C  CB  . LYS A 1 22 ? -5.556  -5.666  10.353  1.00 46.56 ? 22 LYS A CB  1 
ATOM   174 C  CG  . LYS A 1 22 ? -4.367  -4.923  10.847  1.00 48.21 ? 22 LYS A CG  1 
ATOM   175 C  CD  . LYS A 1 22 ? -3.096  -5.733  10.657  1.00 52.18 ? 22 LYS A CD  1 
ATOM   176 C  CE  . LYS A 1 22 ? -2.111  -5.348  11.751  1.00 53.44 ? 22 LYS A CE  1 
ATOM   177 N  NZ  . LYS A 1 22 ? -2.751  -5.610  13.087  1.00 53.08 ? 22 LYS A NZ  1 
ATOM   178 N  N   . ILE A 1 23 ? -7.718  -3.373  11.038  1.00 46.75 ? 23 ILE A N   1 
ATOM   179 C  CA  . ILE A 1 23 ? -8.080  -2.038  11.546  1.00 46.44 ? 23 ILE A CA  1 
ATOM   180 C  C   . ILE A 1 23 ? -9.131  -2.121  12.674  1.00 46.71 ? 23 ILE A C   1 
ATOM   181 O  O   . ILE A 1 23 ? -9.010  -1.426  13.683  1.00 45.94 ? 23 ILE A O   1 
ATOM   182 C  CB  . ILE A 1 23 ? -8.525  -1.074  10.413  1.00 46.08 ? 23 ILE A CB  1 
ATOM   183 C  CG1 . ILE A 1 23 ? -7.334  -0.654  9.556   1.00 45.46 ? 23 ILE A CG1 1 
ATOM   184 C  CG2 . ILE A 1 23 ? -9.243  0.164   11.001  1.00 44.32 ? 23 ILE A CG2 1 
ATOM   185 C  CD1 . ILE A 1 23 ? -7.724  0.014   8.230   1.00 45.67 ? 23 ILE A CD1 1 
ATOM   186 N  N   . ALA A 1 24 ? -10.166 -2.940  12.482  1.00 47.73 ? 24 ALA A N   1 
ATOM   187 C  CA  . ALA A 1 24 ? -11.107 -3.306  13.570  1.00 49.97 ? 24 ALA A CA  1 
ATOM   188 C  C   . ALA A 1 24 ? -10.402 -3.758  14.838  1.00 51.26 ? 24 ALA A C   1 
ATOM   189 O  O   . ALA A 1 24 ? -10.818 -3.414  15.954  1.00 52.18 ? 24 ALA A O   1 
ATOM   190 C  CB  . ALA A 1 24 ? -12.078 -4.402  13.111  1.00 49.82 ? 24 ALA A CB  1 
ATOM   191 N  N   . SER A 1 25 ? -9.325  -4.509  14.671  1.00 52.85 ? 25 SER A N   1 
ATOM   192 C  CA  . SER A 1 25 ? -8.540  -4.986  15.805  1.00 55.43 ? 25 SER A CA  1 
ATOM   193 C  C   . SER A 1 25 ? -7.736  -3.869  16.494  1.00 57.20 ? 25 SER A C   1 
ATOM   194 O  O   . SER A 1 25 ? -7.762  -3.759  17.709  1.00 58.31 ? 25 SER A O   1 
ATOM   195 C  CB  . SER A 1 25 ? -7.651  -6.167  15.387  1.00 55.24 ? 25 SER A CB  1 
ATOM   196 O  OG  . SER A 1 25 ? -6.350  -6.055  15.935  1.00 57.56 ? 25 SER A OG  1 
ATOM   197 N  N   . LEU A 1 26 ? -7.037  -3.035  15.729  1.00 58.57 ? 26 LEU A N   1 
ATOM   198 C  CA  . LEU A 1 26 ? -6.220  -1.984  16.321  1.00 60.23 ? 26 LEU A CA  1 
ATOM   199 C  C   . LEU A 1 26 ? -7.056  -0.982  17.125  1.00 61.42 ? 26 LEU A C   1 
ATOM   200 O  O   . LEU A 1 26 ? -6.545  -0.346  18.039  1.00 61.96 ? 26 LEU A O   1 
ATOM   201 C  CB  . LEU A 1 26 ? -5.412  -1.221  15.258  1.00 59.70 ? 26 LEU A CB  1 
ATOM   202 C  CG  . LEU A 1 26 ? -4.036  -1.596  14.675  1.00 59.43 ? 26 LEU A CG  1 
ATOM   203 C  CD1 . LEU A 1 26 ? -3.259  -2.738  15.397  1.00 58.04 ? 26 LEU A CD1 1 
ATOM   204 C  CD2 . LEU A 1 26 ? -4.104  -1.806  13.150  1.00 55.10 ? 26 LEU A CD2 1 
ATOM   205 N  N   . LYS A 1 27 ? -8.317  -0.814  16.744  1.00 63.33 ? 27 LYS A N   1 
ATOM   206 C  CA  . LYS A 1 27 ? -9.261  0.032   17.473  1.00 65.45 ? 27 LYS A CA  1 
ATOM   207 C  C   . LYS A 1 27 ? -9.910  -0.763  18.625  1.00 67.04 ? 27 LYS A C   1 
ATOM   208 O  O   . LYS A 1 27 ? -10.091 -0.239  19.720  1.00 68.06 ? 27 LYS A O   1 
ATOM   209 C  CB  . LYS A 1 27 ? -10.352 0.563   16.528  1.00 65.43 ? 27 LYS A CB  1 
ATOM   210 C  CG  . LYS A 1 27 ? -9.842  1.237   15.242  1.00 66.16 ? 27 LYS A CG  1 
ATOM   211 C  CD  . LYS A 1 27 ? -10.980 1.437   14.221  1.00 66.75 ? 27 LYS A CD  1 
ATOM   212 C  CE  . LYS A 1 27 ? -11.396 2.909   14.093  1.00 67.59 ? 27 LYS A CE  1 
ATOM   213 N  NZ  . LYS A 1 27 ? -12.515 3.137   13.108  1.00 64.36 ? 27 LYS A NZ  1 
ATOM   214 N  N   . GLN A 1 28 ? -10.255 -2.021  18.341  1.00 68.86 ? 28 GLN A N   1 
ATOM   215 C  CA  . GLN A 1 28 ? -10.817 -3.003  19.289  1.00 69.95 ? 28 GLN A CA  1 
ATOM   216 C  C   . GLN A 1 28 ? -12.079 -2.524  20.004  1.00 70.58 ? 28 GLN A C   1 
ATOM   217 O  O   . GLN A 1 28 ? -13.185 -2.617  19.454  1.00 71.05 ? 28 GLN A O   1 
ATOM   218 C  CB  . GLN A 1 28 ? -9.753  -3.514  20.271  1.00 70.29 ? 28 GLN A CB  1 
ATOM   219 C  CG  . GLN A 1 28 ? -10.019 -4.941  20.779  1.00 71.77 ? 28 GLN A CG  1 
ATOM   220 C  CD  . GLN A 1 28 ? -8.741  -5.730  21.109  1.00 74.37 ? 28 GLN A CD  1 
ATOM   221 O  OE1 . GLN A 1 28 ? -7.905  -5.971  20.228  1.00 73.89 ? 28 GLN A OE1 1 
ATOM   222 N  NE2 . GLN A 1 28 ? -8.612  -6.174  22.374  1.00 73.58 ? 28 GLN A NE2 1 
ATOM   223 N  N   . ARG B 2 3  ? -12.666 -0.718  -19.336 1.00 53.34 ? 3  ARG B N   1 
ATOM   224 C  CA  . ARG B 2 3  ? -13.219 -2.084  -19.068 1.00 53.49 ? 3  ARG B CA  1 
ATOM   225 C  C   . ARG B 2 3  ? -13.586 -2.242  -17.584 1.00 52.98 ? 3  ARG B C   1 
ATOM   226 O  O   . ARG B 2 3  ? -12.780 -1.922  -16.714 1.00 53.66 ? 3  ARG B O   1 
ATOM   227 C  CB  . ARG B 2 3  ? -12.198 -3.151  -19.495 1.00 53.86 ? 3  ARG B CB  1 
ATOM   228 C  CG  . ARG B 2 3  ? -12.757 -4.496  -19.986 1.00 55.21 ? 3  ARG B CG  1 
ATOM   229 C  CD  . ARG B 2 3  ? -13.536 -5.241  -18.895 1.00 55.22 ? 3  ARG B CD  1 
ATOM   230 N  NE  . ARG B 2 3  ? -13.959 -6.582  -19.284 1.00 54.87 ? 3  ARG B NE  1 
ATOM   231 C  CZ  . ARG B 2 3  ? -15.106 -6.897  -19.899 1.00 58.20 ? 3  ARG B CZ  1 
ATOM   232 N  NH1 . ARG B 2 3  ? -16.005 -5.961  -20.251 1.00 56.58 ? 3  ARG B NH1 1 
ATOM   233 N  NH2 . ARG B 2 3  ? -15.349 -8.176  -20.179 1.00 59.83 ? 3  ARG B NH2 1 
ATOM   234 N  N   . ARG B 2 4  ? -14.799 -2.734  -17.309 1.00 52.34 ? 4  ARG B N   1 
ATOM   235 C  CA  . ARG B 2 4  ? -15.271 -3.071  -15.957 1.00 52.22 ? 4  ARG B CA  1 
ATOM   236 C  C   . ARG B 2 4  ? -14.129 -3.585  -15.029 1.00 50.00 ? 4  ARG B C   1 
ATOM   237 O  O   . ARG B 2 4  ? -13.930 -3.062  -13.941 1.00 49.07 ? 4  ARG B O   1 
ATOM   238 C  CB  . ARG B 2 4  ? -16.400 -4.131  -16.022 1.00 53.06 ? 4  ARG B CB  1 
ATOM   239 C  CG  . ARG B 2 4  ? -17.832 -3.600  -16.347 1.00 59.19 ? 4  ARG B CG  1 
ATOM   240 C  CD  . ARG B 2 4  ? -18.819 -4.763  -16.746 1.00 66.02 ? 4  ARG B CD  1 
ATOM   241 N  NE  . ARG B 2 4  ? -19.741 -4.387  -17.831 1.00 71.83 ? 4  ARG B NE  1 
ATOM   242 C  CZ  . ARG B 2 4  ? -21.043 -4.104  -17.679 1.00 75.37 ? 4  ARG B CZ  1 
ATOM   243 N  NH1 . ARG B 2 4  ? -21.618 -4.159  -16.474 1.00 75.98 ? 4  ARG B NH1 1 
ATOM   244 N  NH2 . ARG B 2 4  ? -21.784 -3.767  -18.739 1.00 75.35 ? 4  ARG B NH2 1 
ATOM   245 N  N   . LEU B 2 5  ? -13.384 -4.585  -15.492 1.00 47.25 ? 5  LEU B N   1 
ATOM   246 C  CA  . LEU B 2 5  ? -12.481 -5.319  -14.627 1.00 46.05 ? 5  LEU B CA  1 
ATOM   247 C  C   . LEU B 2 5  ? -11.204 -4.519  -14.306 1.00 44.09 ? 5  LEU B C   1 
ATOM   248 O  O   . LEU B 2 5  ? -10.680 -4.638  -13.239 1.00 43.13 ? 5  LEU B O   1 
ATOM   249 C  CB  . LEU B 2 5  ? -12.112 -6.703  -15.228 1.00 46.02 ? 5  LEU B CB  1 
ATOM   250 C  CG  . LEU B 2 5  ? -13.084 -7.893  -15.179 1.00 47.01 ? 5  LEU B CG  1 
ATOM   251 C  CD1 . LEU B 2 5  ? -12.385 -9.170  -15.709 1.00 48.60 ? 5  LEU B CD1 1 
ATOM   252 C  CD2 . LEU B 2 5  ? -13.773 -8.142  -13.793 1.00 45.87 ? 5  LEU B CD2 1 
ATOM   253 N  N   . LYS B 2 6  ? -10.718 -3.745  -15.258 1.00 43.59 ? 6  LYS B N   1 
ATOM   254 C  CA  . LYS B 2 6  ? -9.568  -2.881  -15.070 1.00 44.08 ? 6  LYS B CA  1 
ATOM   255 C  C   . LYS B 2 6  ? -9.897  -1.711  -14.106 1.00 43.98 ? 6  LYS B C   1 
ATOM   256 O  O   . LYS B 2 6  ? -9.060  -1.344  -13.283 1.00 44.86 ? 6  LYS B O   1 
ATOM   257 C  CB  . LYS B 2 6  ? -9.097  -2.335  -16.411 1.00 44.78 ? 6  LYS B CB  1 
ATOM   258 C  CG  . LYS B 2 6  ? -8.432  -3.359  -17.350 1.00 48.51 ? 6  LYS B CG  1 
ATOM   259 C  CD  . LYS B 2 6  ? -7.954  -2.674  -18.645 1.00 52.35 ? 6  LYS B CD  1 
ATOM   260 C  CE  . LYS B 2 6  ? -6.634  -3.257  -19.174 1.00 56.16 ? 6  LYS B CE  1 
ATOM   261 N  NZ  . LYS B 2 6  ? -5.690  -2.097  -19.435 1.00 58.12 ? 6  LYS B NZ  1 
ATOM   262 N  N   . GLN B 2 7  ? -11.114 -1.167  -14.213 1.00 42.90 ? 7  GLN B N   1 
ATOM   263 C  CA  . GLN B 2 7  ? -11.638 -0.119  -13.330 1.00 42.99 ? 7  GLN B CA  1 
ATOM   264 C  C   . GLN B 2 7  ? -11.836 -0.609  -11.936 1.00 41.00 ? 7  GLN B C   1 
ATOM   265 O  O   . GLN B 2 7  ? -11.403 0.035   -11.018 1.00 41.34 ? 7  GLN B O   1 
ATOM   266 C  CB  . GLN B 2 7  ? -12.979 0.493   -13.857 1.00 43.56 ? 7  GLN B CB  1 
ATOM   267 C  CG  . GLN B 2 7  ? -12.766 1.472   -15.031 1.00 47.39 ? 7  GLN B CG  1 
ATOM   268 C  CD  . GLN B 2 7  ? -14.031 1.852   -15.842 1.00 53.71 ? 7  GLN B CD  1 
ATOM   269 O  OE1 . GLN B 2 7  ? -15.161 1.400   -15.553 1.00 58.24 ? 7  GLN B OE1 1 
ATOM   270 N  NE2 . GLN B 2 7  ? -13.831 2.681   -16.878 1.00 50.59 ? 7  GLN B NE2 1 
ATOM   271 N  N   . LYS B 2 8  ? -12.499 -1.737  -11.768 1.00 39.56 ? 8  LYS B N   1 
ATOM   272 C  CA  . LYS B 2 8  ? -12.553 -2.363  -10.455 1.00 39.37 ? 8  LYS B CA  1 
ATOM   273 C  C   . LYS B 2 8  ? -11.145 -2.731  -9.850  1.00 37.72 ? 8  LYS B C   1 
ATOM   274 O  O   . LYS B 2 8  ? -10.931 -2.621  -8.661  1.00 37.85 ? 8  LYS B O   1 
ATOM   275 C  CB  . LYS B 2 8  ? -13.448 -3.597  -10.505 1.00 39.39 ? 8  LYS B CB  1 
ATOM   276 C  CG  . LYS B 2 8  ? -13.668 -4.147  -9.148  1.00 42.37 ? 8  LYS B CG  1 
ATOM   277 C  CD  . LYS B 2 8  ? -14.187 -5.560  -9.162  1.00 47.97 ? 8  LYS B CD  1 
ATOM   278 C  CE  . LYS B 2 8  ? -15.613 -5.640  -9.635  1.00 54.08 ? 8  LYS B CE  1 
ATOM   279 N  NZ  . LYS B 2 8  ? -15.796 -5.229  -11.080 1.00 56.05 ? 8  LYS B NZ  1 
ATOM   280 N  N   . ASN B 2 9  ? -10.226 -3.197  -10.674 1.00 36.41 ? 9  ASN B N   1 
ATOM   281 C  CA  . ASN B 2 9  ? -8.846  -3.422  -10.250 1.00 36.69 ? 9  ASN B CA  1 
ATOM   282 C  C   . ASN B 2 9  ? -8.185  -2.122  -9.710  1.00 37.13 ? 9  ASN B C   1 
ATOM   283 O  O   . ASN B 2 9  ? -7.672  -2.096  -8.578  1.00 36.28 ? 9  ASN B O   1 
ATOM   284 C  CB  . ASN B 2 9  ? -8.036  -3.963  -11.433 1.00 36.70 ? 9  ASN B CB  1 
ATOM   285 C  CG  . ASN B 2 9  ? -6.651  -4.426  -11.034 1.00 35.59 ? 9  ASN B CG  1 
ATOM   286 O  OD1 . ASN B 2 9  ? -6.493  -5.429  -10.361 1.00 39.36 ? 9  ASN B OD1 1 
ATOM   287 N  ND2 . ASN B 2 9  ? -5.656  -3.719  -11.473 1.00 31.69 ? 9  ASN B ND2 1 
ATOM   288 N  N   . ALA B 2 10 ? -8.226  -1.051  -10.509 1.00 35.79 ? 10 ALA B N   1 
ATOM   289 C  CA  . ALA B 2 10 ? -7.639  0.222   -10.084 1.00 36.84 ? 10 ALA B CA  1 
ATOM   290 C  C   . ALA B 2 10 ? -8.240  0.724   -8.754  1.00 36.43 ? 10 ALA B C   1 
ATOM   291 O  O   . ALA B 2 10 ? -7.493  1.148   -7.894  1.00 37.15 ? 10 ALA B O   1 
ATOM   292 C  CB  . ALA B 2 10 ? -7.715  1.320   -11.223 1.00 36.98 ? 10 ALA B CB  1 
ATOM   293 N  N   . ARG B 2 11 ? -9.545  0.556   -8.554  1.00 36.33 ? 11 ARG B N   1 
ATOM   294 C  CA  . ARG B 2 11 ? -10.240 0.935   -7.311  1.00 36.64 ? 11 ARG B CA  1 
ATOM   295 C  C   . ARG B 2 11 ? -10.028 -0.018  -6.156  1.00 35.59 ? 11 ARG B C   1 
ATOM   296 O  O   . ARG B 2 11 ? -9.999  0.414   -4.997  1.00 34.81 ? 11 ARG B O   1 
ATOM   297 C  CB  . ARG B 2 11 ? -11.736 1.133   -7.584  1.00 38.01 ? 11 ARG B CB  1 
ATOM   298 C  CG  . ARG B 2 11 ? -11.936 1.783   -9.008  1.00 45.42 ? 11 ARG B CG  1 
ATOM   299 C  CD  . ARG B 2 11 ? -13.034 2.900   -9.116  1.00 56.56 ? 11 ARG B CD  1 
ATOM   300 N  NE  . ARG B 2 11 ? -13.647 2.932   -10.465 1.00 62.61 ? 11 ARG B NE  1 
ATOM   301 C  CZ  . ARG B 2 11 ? -14.658 3.730   -10.821 1.00 65.77 ? 11 ARG B CZ  1 
ATOM   302 N  NH1 . ARG B 2 11 ? -15.175 4.607   -9.940  1.00 65.16 ? 11 ARG B NH1 1 
ATOM   303 N  NH2 . ARG B 2 11 ? -15.148 3.660   -12.062 1.00 65.15 ? 11 ARG B NH2 1 
ATOM   304 N  N   . LEU B 2 12 ? -9.830  -1.310  -6.444  1.00 34.56 ? 12 LEU B N   1 
ATOM   305 C  CA  . LEU B 2 12 ? -9.434  -2.204  -5.347  1.00 33.74 ? 12 LEU B CA  1 
ATOM   306 C  C   . LEU B 2 12 ? -8.055  -1.864  -4.828  1.00 33.02 ? 12 LEU B C   1 
ATOM   307 O  O   . LEU B 2 12 ? -7.840  -1.880  -3.632  1.00 33.41 ? 12 LEU B O   1 
ATOM   308 C  CB  . LEU B 2 12 ? -9.508  -3.674  -5.746  1.00 33.76 ? 12 LEU B CB  1 
ATOM   309 C  CG  . LEU B 2 12 ? -10.933 -4.146  -5.979  1.00 32.55 ? 12 LEU B CG  1 
ATOM   310 C  CD1 . LEU B 2 12 ? -10.909 -5.549  -6.545  1.00 31.31 ? 12 LEU B CD1 1 
ATOM   311 C  CD2 . LEU B 2 12 ? -11.813 -4.056  -4.668  1.00 30.25 ? 12 LEU B CD2 1 
ATOM   312 N  N   . LYS B 2 13 ? -7.138  -1.512  -5.727  1.00 33.93 ? 13 LYS B N   1 
ATOM   313 C  CA  . LYS B 2 13 ? -5.784  -1.074  -5.340  1.00 34.97 ? 13 LYS B CA  1 
ATOM   314 C  C   . LYS B 2 13 ? -5.798  0.206   -4.514  1.00 34.98 ? 13 LYS B C   1 
ATOM   315 O  O   . LYS B 2 13 ? -5.071  0.302   -3.537  1.00 36.27 ? 13 LYS B O   1 
ATOM   316 C  CB  . LYS B 2 13 ? -4.893  -0.887  -6.545  1.00 34.68 ? 13 LYS B CB  1 
ATOM   317 C  CG  . LYS B 2 13 ? -4.352  -2.166  -7.081  1.00 39.44 ? 13 LYS B CG  1 
ATOM   318 C  CD  . LYS B 2 13 ? -3.858  -1.984  -8.490  1.00 41.90 ? 13 LYS B CD  1 
ATOM   319 C  CE  . LYS B 2 13 ? -3.202  -3.268  -8.999  1.00 43.56 ? 13 LYS B CE  1 
ATOM   320 N  NZ  . LYS B 2 13 ? -2.882  -3.123  -10.465 1.00 45.18 ? 13 LYS B NZ  1 
ATOM   321 N  N   . GLN B 2 14 ? -6.631  1.176   -4.895  1.00 35.55 ? 14 GLN B N   1 
ATOM   322 C  CA  . GLN B 2 14 ? -6.742  2.465   -4.179  1.00 35.20 ? 14 GLN B CA  1 
ATOM   323 C  C   . GLN B 2 14 ? -7.302  2.325   -2.785  1.00 35.96 ? 14 GLN B C   1 
ATOM   324 O  O   . GLN B 2 14 ? -6.871  2.999   -1.844  1.00 37.89 ? 14 GLN B O   1 
ATOM   325 C  CB  . GLN B 2 14 ? -7.526  3.462   -5.005  1.00 34.50 ? 14 GLN B CB  1 
ATOM   326 C  CG  . GLN B 2 14 ? -6.811  3.814   -6.287  1.00 34.44 ? 14 GLN B CG  1 
ATOM   327 C  CD  . GLN B 2 14 ? -7.473  4.944   -7.052  1.00 37.29 ? 14 GLN B CD  1 
ATOM   328 O  OE1 . GLN B 2 14 ? -8.702  5.119   -7.024  1.00 40.88 ? 14 GLN B OE1 1 
ATOM   329 N  NE2 . GLN B 2 14 ? -6.654  5.743   -7.712  1.00 36.67 ? 14 GLN B NE2 1 
ATOM   330 N  N   . GLU B 2 15 ? -8.217  1.390   -2.645  1.00 36.53 ? 15 GLU B N   1 
ATOM   331 C  CA  . GLU B 2 15 ? -8.788  1.032   -1.378  1.00 36.97 ? 15 GLU B CA  1 
ATOM   332 C  C   . GLU B 2 15 ? -7.784  0.325   -0.463  1.00 35.26 ? 15 GLU B C   1 
ATOM   333 O  O   . GLU B 2 15 ? -7.730  0.601   0.714   1.00 36.79 ? 15 GLU B O   1 
ATOM   334 C  CB  . GLU B 2 15 ? -10.039 0.165   -1.636  1.00 38.03 ? 15 GLU B CB  1 
ATOM   335 C  CG  . GLU B 2 15 ? -10.456 -0.725  -0.431  1.00 44.20 ? 15 GLU B CG  1 
ATOM   336 C  CD  . GLU B 2 15 ? -11.554 -0.158  0.474   1.00 51.18 ? 15 GLU B CD  1 
ATOM   337 O  OE1 . GLU B 2 15 ? -11.267 0.811   1.237   1.00 56.08 ? 15 GLU B OE1 1 
ATOM   338 O  OE2 . GLU B 2 15 ? -12.687 -0.724  0.460   1.00 54.31 ? 15 GLU B OE2 1 
ATOM   339 N  N   . ILE B 2 16 ? -6.997  -0.588  -0.996  1.00 33.38 ? 16 ILE B N   1 
ATOM   340 C  CA  . ILE B 2 16 ? -5.987  -1.257  -0.228  1.00 31.13 ? 16 ILE B CA  1 
ATOM   341 C  C   . ILE B 2 16 ? -4.956  -0.201  0.192   1.00 31.60 ? 16 ILE B C   1 
ATOM   342 O  O   . ILE B 2 16 ? -4.508  -0.200  1.323   1.00 32.21 ? 16 ILE B O   1 
ATOM   343 C  CB  . ILE B 2 16 ? -5.379  -2.415  -1.064  1.00 32.18 ? 16 ILE B CB  1 
ATOM   344 C  CG1 . ILE B 2 16 ? -6.277  -3.654  -0.896  1.00 33.36 ? 16 ILE B CG1 1 
ATOM   345 C  CG2 . ILE B 2 16 ? -3.909  -2.782  -0.681  1.00 26.03 ? 16 ILE B CG2 1 
ATOM   346 C  CD1 . ILE B 2 16 ? -6.121  -4.630  -2.016  1.00 34.78 ? 16 ILE B CD1 1 
ATOM   347 N  N   . ALA B 2 17 ? -4.564  0.698   -0.714  1.00 30.82 ? 17 ALA B N   1 
ATOM   348 C  CA  . ALA B 2 17 ? -3.672  1.807   -0.338  1.00 30.24 ? 17 ALA B CA  1 
ATOM   349 C  C   . ALA B 2 17 ? -4.177  2.664   0.849   1.00 29.98 ? 17 ALA B C   1 
ATOM   350 O  O   . ALA B 2 17 ? -3.423  2.999   1.753   1.00 30.08 ? 17 ALA B O   1 
ATOM   351 C  CB  . ALA B 2 17 ? -3.379  2.706   -1.553  1.00 29.39 ? 17 ALA B CB  1 
ATOM   352 N  N   . ALA B 2 18 ? -5.459  2.976   0.862   1.00 30.15 ? 18 ALA B N   1 
ATOM   353 C  CA  . ALA B 2 18 ? -6.041  3.808   1.901   1.00 30.79 ? 18 ALA B CA  1 
ATOM   354 C  C   . ALA B 2 18 ? -6.013  3.092   3.195   1.00 31.89 ? 18 ALA B C   1 
ATOM   355 O  O   . ALA B 2 18 ? -5.770  3.698   4.228   1.00 33.78 ? 18 ALA B O   1 
ATOM   356 C  CB  . ALA B 2 18 ? -7.551  4.183   1.528   1.00 30.96 ? 18 ALA B CB  1 
ATOM   357 N  N   . LEU B 2 19 ? -6.271  1.784   3.159   1.00 32.29 ? 19 LEU B N   1 
ATOM   358 C  CA  . LEU B 2 19 ? -6.297  1.004   4.379   1.00 32.26 ? 19 LEU B CA  1 
ATOM   359 C  C   . LEU B 2 19 ? -4.927  0.790   4.945   1.00 32.08 ? 19 LEU B C   1 
ATOM   360 O  O   . LEU B 2 19 ? -4.787  0.834   6.175   1.00 31.03 ? 19 LEU B O   1 
ATOM   361 C  CB  . LEU B 2 19 ? -6.980  -0.344  4.154   1.00 33.26 ? 19 LEU B CB  1 
ATOM   362 C  CG  . LEU B 2 19 ? -8.462  -0.332  3.745   1.00 33.18 ? 19 LEU B CG  1 
ATOM   363 C  CD1 . LEU B 2 19 ? -8.886  -1.697  3.218   1.00 31.88 ? 19 LEU B CD1 1 
ATOM   364 C  CD2 . LEU B 2 19 ? -9.401  0.122   4.903   1.00 33.04 ? 19 LEU B CD2 1 
ATOM   365 N  N   . GLU B 2 20 ? -3.918  0.550   4.089   1.00 32.35 ? 20 GLU B N   1 
ATOM   366 C  CA  . GLU B 2 20 ? -2.547  0.438   4.606   1.00 33.09 ? 20 GLU B CA  1 
ATOM   367 C  C   . GLU B 2 20 ? -2.045  1.795   5.142   1.00 33.30 ? 20 GLU B C   1 
ATOM   368 O  O   . GLU B 2 20 ? -1.313  1.825   6.134   1.00 33.27 ? 20 GLU B O   1 
ATOM   369 C  CB  . GLU B 2 20 ? -1.564  -0.148  3.586   1.00 34.08 ? 20 GLU B CB  1 
ATOM   370 C  CG  . GLU B 2 20 ? -1.705  -1.684  3.365   1.00 38.07 ? 20 GLU B CG  1 
ATOM   371 C  CD  . GLU B 2 20 ? -1.118  -2.137  2.007   1.00 44.14 ? 20 GLU B CD  1 
ATOM   372 O  OE1 . GLU B 2 20 ? -0.869  -1.243  1.149   1.00 41.96 ? 20 GLU B OE1 1 
ATOM   373 O  OE2 . GLU B 2 20 ? -0.908  -3.388  1.793   1.00 47.74 ? 20 GLU B OE2 1 
ATOM   374 N  N   . TYR B 2 21 ? -2.436  2.902   4.499   1.00 32.29 ? 21 TYR B N   1 
ATOM   375 C  CA  . TYR B 2 21 ? -2.215  4.228   5.099   1.00 32.79 ? 21 TYR B CA  1 
ATOM   376 C  C   . TYR B 2 21 ? -2.801  4.360   6.531   1.00 33.16 ? 21 TYR B C   1 
ATOM   377 O  O   . TYR B 2 21 ? -2.117  4.746   7.463   1.00 32.88 ? 21 TYR B O   1 
ATOM   378 C  CB  . TYR B 2 21 ? -2.779  5.346   4.218   1.00 31.14 ? 21 TYR B CB  1 
ATOM   379 C  CG  . TYR B 2 21 ? -2.262  6.743   4.562   1.00 30.07 ? 21 TYR B CG  1 
ATOM   380 C  CD1 . TYR B 2 21 ? -2.630  7.382   5.754   1.00 26.84 ? 21 TYR B CD1 1 
ATOM   381 C  CD2 . TYR B 2 21 ? -1.457  7.445   3.656   1.00 30.93 ? 21 TYR B CD2 1 
ATOM   382 C  CE1 . TYR B 2 21 ? -2.184  8.651   6.055   1.00 27.86 ? 21 TYR B CE1 1 
ATOM   383 C  CE2 . TYR B 2 21 ? -1.019  8.737   3.928   1.00 30.31 ? 21 TYR B CE2 1 
ATOM   384 C  CZ  . TYR B 2 21 ? -1.368  9.317   5.121   1.00 29.60 ? 21 TYR B CZ  1 
ATOM   385 O  OH  . TYR B 2 21 ? -0.912  10.574  5.389   1.00 33.42 ? 21 TYR B OH  1 
ATOM   386 N  N   . GLU B 2 22 ? -4.074  4.058   6.709   1.00 34.41 ? 22 GLU B N   1 
ATOM   387 C  CA  . GLU B 2 22 ? -4.651  4.150   8.040   1.00 35.56 ? 22 GLU B CA  1 
ATOM   388 C  C   . GLU B 2 22 ? -3.952  3.217   9.050   1.00 35.87 ? 22 GLU B C   1 
ATOM   389 O  O   . GLU B 2 22 ? -3.717  3.587   10.194  1.00 35.97 ? 22 GLU B O   1 
ATOM   390 C  CB  . GLU B 2 22 ? -6.156  3.886   7.955   1.00 36.59 ? 22 GLU B CB  1 
ATOM   391 C  CG  . GLU B 2 22 ? -6.946  4.019   9.269   1.00 38.05 ? 22 GLU B CG  1 
ATOM   392 C  CD  . GLU B 2 22 ? -8.434  3.801   9.037   1.00 39.56 ? 22 GLU B CD  1 
ATOM   393 O  OE1 . GLU B 2 22 ? -8.767  3.441   7.891   1.00 37.34 ? 22 GLU B OE1 1 
ATOM   394 O  OE2 . GLU B 2 22 ? -9.266  3.978   9.978   1.00 43.77 ? 22 GLU B OE2 1 
ATOM   395 N  N   . ILE B 2 23 ? -3.608  2.010   8.628   1.00 36.28 ? 23 ILE B N   1 
ATOM   396 C  CA  . ILE B 2 23 ? -2.936  1.052   9.508   1.00 36.51 ? 23 ILE B CA  1 
ATOM   397 C  C   . ILE B 2 23 ? -1.640  1.638   10.048  1.00 37.53 ? 23 ILE B C   1 
ATOM   398 O  O   . ILE B 2 23 ? -1.426  1.666   11.263  1.00 38.43 ? 23 ILE B O   1 
ATOM   399 C  CB  . ILE B 2 23 ? -2.725  -0.277  8.804   1.00 36.18 ? 23 ILE B CB  1 
ATOM   400 C  CG1 . ILE B 2 23 ? -4.085  -0.973  8.682   1.00 36.55 ? 23 ILE B CG1 1 
ATOM   401 C  CG2 . ILE B 2 23 ? -1.781  -1.223  9.577   1.00 34.37 ? 23 ILE B CG2 1 
ATOM   402 C  CD1 . ILE B 2 23 ? -4.010  -2.272  7.843   1.00 38.34 ? 23 ILE B CD1 1 
ATOM   403 N  N   . ALA B 2 24 ? -0.844  2.202   9.149   1.00 37.52 ? 24 ALA B N   1 
ATOM   404 C  CA  . ALA B 2 24 ? 0.381   2.861   9.528   1.00 38.30 ? 24 ALA B CA  1 
ATOM   405 C  C   . ALA B 2 24 ? 0.177   4.087   10.420  1.00 39.20 ? 24 ALA B C   1 
ATOM   406 O  O   . ALA B 2 24 ? 1.035   4.387   11.241  1.00 38.28 ? 24 ALA B O   1 
ATOM   407 C  CB  . ALA B 2 24 ? 1.233   3.204   8.283   1.00 36.99 ? 24 ALA B CB  1 
ATOM   408 N  N   . ALA B 2 25 ? -0.919  4.829   10.224  1.00 41.37 ? 25 ALA B N   1 
ATOM   409 C  CA  . ALA B 2 25 ? -1.254  5.962   11.103  1.00 42.83 ? 25 ALA B CA  1 
ATOM   410 C  C   . ALA B 2 25 ? -1.654  5.494   12.506  1.00 45.13 ? 25 ALA B C   1 
ATOM   411 O  O   . ALA B 2 25 ? -1.357  6.169   13.511  1.00 47.20 ? 25 ALA B O   1 
ATOM   412 C  CB  . ALA B 2 25 ? -2.362  6.785   10.507  1.00 42.53 ? 25 ALA B CB  1 
ATOM   413 N  N   . LEU B 2 26 ? -2.313  4.340   12.572  1.00 46.18 ? 26 LEU B N   1 
ATOM   414 C  CA  . LEU B 2 26 ? -2.901  3.817   13.802  1.00 47.53 ? 26 LEU B CA  1 
ATOM   415 C  C   . LEU B 2 26 ? -1.883  3.202   14.731  1.00 49.54 ? 26 LEU B C   1 
ATOM   416 O  O   . LEU B 2 26 ? -2.168  3.016   15.923  1.00 50.21 ? 26 LEU B O   1 
ATOM   417 C  CB  . LEU B 2 26 ? -3.937  2.723   13.491  1.00 46.81 ? 26 LEU B CB  1 
ATOM   418 C  CG  . LEU B 2 26 ? -5.290  3.157   12.948  1.00 44.14 ? 26 LEU B CG  1 
ATOM   419 C  CD1 . LEU B 2 26 ? -6.170  1.948   12.627  1.00 38.02 ? 26 LEU B CD1 1 
ATOM   420 C  CD2 . LEU B 2 26 ? -5.998  4.066   13.982  1.00 48.54 ? 26 LEU B CD2 1 
ATOM   421 N  N   . GLU B 2 27 ? -0.723  2.843   14.187  1.00 50.90 ? 27 GLU B N   1 
ATOM   422 C  CA  . GLU B 2 27 ? 0.235   2.056   14.924  1.00 51.31 ? 27 GLU B CA  1 
ATOM   423 C  C   . GLU B 2 27 ? 1.300   2.967   15.569  1.00 52.37 ? 27 GLU B C   1 
ATOM   424 O  O   . GLU B 2 27 ? 2.397   3.176   15.031  1.00 53.63 ? 27 GLU B O   1 
ATOM   425 C  CB  . GLU B 2 27 ? 0.840   0.981   14.023  1.00 51.54 ? 27 GLU B CB  1 
ATOM   426 C  CG  . GLU B 2 27 ? -0.015  -0.306  13.831  1.00 51.17 ? 27 GLU B CG  1 
ATOM   427 C  CD  . GLU B 2 27 ? 0.455   -1.174  12.624  1.00 54.96 ? 27 GLU B CD  1 
ATOM   428 O  OE1 . GLU B 2 27 ? 0.017   -2.346  12.467  1.00 54.27 ? 27 GLU B OE1 1 
ATOM   429 O  OE2 . GLU B 2 27 ? 1.265   -0.682  11.812  1.00 54.99 ? 27 GLU B OE2 1 
ATOM   430 N  N   . ILE C 2 2  ? 14.094  3.881   19.410  1.00 61.06 ? 2  ILE D N   1 
ATOM   431 C  CA  . ILE C 2 2  ? 13.098  3.211   18.531  1.00 61.03 ? 2  ILE D CA  1 
ATOM   432 C  C   . ILE C 2 2  ? 11.998  4.179   18.096  1.00 59.83 ? 2  ILE D C   1 
ATOM   433 O  O   . ILE C 2 2  ? 11.713  4.247   16.916  1.00 59.67 ? 2  ILE D O   1 
ATOM   434 C  CB  . ILE C 2 2  ? 12.489  1.914   19.158  1.00 61.39 ? 2  ILE D CB  1 
ATOM   435 C  CG1 . ILE C 2 2  ? 11.632  2.243   20.388  1.00 63.31 ? 2  ILE D CG1 1 
ATOM   436 C  CG2 . ILE C 2 2  ? 13.581  0.928   19.485  1.00 62.64 ? 2  ILE D CG2 1 
ATOM   437 C  CD1 . ILE C 2 2  ? 10.432  1.292   20.622  1.00 65.83 ? 2  ILE D CD1 1 
ATOM   438 N  N   . ARG C 2 3  ? 11.426  4.930   19.046  1.00 58.94 ? 3  ARG D N   1 
ATOM   439 C  CA  . ARG C 2 3  ? 10.369  5.927   18.796  1.00 57.81 ? 3  ARG D CA  1 
ATOM   440 C  C   . ARG C 2 3  ? 10.529  6.776   17.535  1.00 56.23 ? 3  ARG D C   1 
ATOM   441 O  O   . ARG C 2 3  ? 9.616   6.841   16.725  1.00 56.29 ? 3  ARG D O   1 
ATOM   442 C  CB  . ARG C 2 3  ? 10.137  6.819   20.036  1.00 58.19 ? 3  ARG D CB  1 
ATOM   443 C  CG  . ARG C 2 3  ? 9.437   8.207   19.781  1.00 61.03 ? 3  ARG D CG  1 
ATOM   444 C  CD  . ARG C 2 3  ? 8.675   8.717   21.036  1.00 65.72 ? 3  ARG D CD  1 
ATOM   445 N  NE  . ARG C 2 3  ? 8.967   10.113  21.430  1.00 68.27 ? 3  ARG D NE  1 
ATOM   446 C  CZ  . ARG C 2 3  ? 8.162   11.179  21.260  1.00 69.69 ? 3  ARG D CZ  1 
ATOM   447 N  NH1 . ARG C 2 3  ? 6.966   11.081  20.676  1.00 69.79 ? 3  ARG D NH1 1 
ATOM   448 N  NH2 . ARG C 2 3  ? 8.555   12.376  21.689  1.00 68.91 ? 3  ARG D NH2 1 
ATOM   449 N  N   . ARG C 2 4  ? 11.657  7.440   17.357  1.00 54.44 ? 4  ARG D N   1 
ATOM   450 C  CA  . ARG C 2 4  ? 11.776  8.324   16.185  1.00 53.53 ? 4  ARG D CA  1 
ATOM   451 C  C   . ARG C 2 4  ? 11.974  7.540   14.870  1.00 51.48 ? 4  ARG D C   1 
ATOM   452 O  O   . ARG C 2 4  ? 11.661  8.039   13.791  1.00 50.54 ? 4  ARG D O   1 
ATOM   453 C  CB  . ARG C 2 4  ? 12.844  9.400   16.401  1.00 53.60 ? 4  ARG D CB  1 
ATOM   454 C  CG  . ARG C 2 4  ? 14.155  9.274   15.630  1.00 58.51 ? 4  ARG D CG  1 
ATOM   455 C  CD  . ARG C 2 4  ? 14.102  10.115  14.321  1.00 65.84 ? 4  ARG D CD  1 
ATOM   456 N  NE  . ARG C 2 4  ? 15.212  11.055  14.099  1.00 68.13 ? 4  ARG D NE  1 
ATOM   457 C  CZ  . ARG C 2 4  ? 15.206  12.329  14.506  1.00 71.58 ? 4  ARG D CZ  1 
ATOM   458 N  NH1 . ARG C 2 4  ? 14.161  12.806  15.186  1.00 72.37 ? 4  ARG D NH1 1 
ATOM   459 N  NH2 . ARG C 2 4  ? 16.237  13.131  14.242  1.00 70.71 ? 4  ARG D NH2 1 
ATOM   460 N  N   . LEU C 2 5  ? 12.508  6.324   14.986  1.00 49.44 ? 5  LEU D N   1 
ATOM   461 C  CA  . LEU C 2 5  ? 12.631  5.421   13.838  1.00 48.02 ? 5  LEU D CA  1 
ATOM   462 C  C   . LEU C 2 5  ? 11.226  4.874   13.464  1.00 47.04 ? 5  LEU D C   1 
ATOM   463 O  O   . LEU C 2 5  ? 10.941  4.731   12.286  1.00 45.97 ? 5  LEU D O   1 
ATOM   464 C  CB  . LEU C 2 5  ? 13.645  4.296   14.104  1.00 47.49 ? 5  LEU D CB  1 
ATOM   465 C  CG  . LEU C 2 5  ? 15.152  4.579   14.059  1.00 45.93 ? 5  LEU D CG  1 
ATOM   466 C  CD1 . LEU C 2 5  ? 15.927  3.380   14.612  1.00 49.69 ? 5  LEU D CD1 1 
ATOM   467 C  CD2 . LEU C 2 5  ? 15.630  4.839   12.685  1.00 45.89 ? 5  LEU D CD2 1 
ATOM   468 N  N   . LYS C 2 6  ? 10.370  4.651   14.475  1.00 45.47 ? 6  LYS D N   1 
ATOM   469 C  CA  . LYS C 2 6  ? 9.010   4.131   14.293  1.00 46.31 ? 6  LYS D CA  1 
ATOM   470 C  C   . LYS C 2 6  ? 8.108   5.127   13.594  1.00 44.64 ? 6  LYS D C   1 
ATOM   471 O  O   . LYS C 2 6  ? 7.276   4.760   12.806  1.00 44.84 ? 6  LYS D O   1 
ATOM   472 C  CB  . LYS C 2 6  ? 8.370   3.665   15.608  1.00 46.72 ? 6  LYS D CB  1 
ATOM   473 C  CG  . LYS C 2 6  ? 8.968   2.357   16.085  1.00 50.36 ? 6  LYS D CG  1 
ATOM   474 C  CD  . LYS C 2 6  ? 8.168   1.711   17.211  1.00 55.30 ? 6  LYS D CD  1 
ATOM   475 C  CE  . LYS C 2 6  ? 8.800   0.372   17.571  1.00 58.70 ? 6  LYS D CE  1 
ATOM   476 N  NZ  . LYS C 2 6  ? 7.904   -0.491  18.430  1.00 62.26 ? 6  LYS D NZ  1 
ATOM   477 N  N   . GLN C 2 7  ? 8.337   6.387   13.859  1.00 43.85 ? 7  GLN D N   1 
ATOM   478 C  CA  . GLN C 2 7  ? 7.587   7.453   13.267  1.00 44.29 ? 7  GLN D CA  1 
ATOM   479 C  C   . GLN C 2 7  ? 7.975   7.655   11.807  1.00 42.48 ? 7  GLN D C   1 
ATOM   480 O  O   . GLN C 2 7  ? 7.116   7.934   10.974  1.00 43.29 ? 7  GLN D O   1 
ATOM   481 C  CB  . GLN C 2 7  ? 7.821   8.738   14.070  1.00 44.76 ? 7  GLN D CB  1 
ATOM   482 C  CG  . GLN C 2 7  ? 7.185   8.669   15.452  1.00 49.60 ? 7  GLN D CG  1 
ATOM   483 C  CD  . GLN C 2 7  ? 7.574   9.869   16.309  1.00 56.22 ? 7  GLN D CD  1 
ATOM   484 O  OE1 . GLN C 2 7  ? 7.827   10.955  15.783  1.00 58.13 ? 7  GLN D OE1 1 
ATOM   485 N  NE2 . GLN C 2 7  ? 7.629   9.671   17.638  1.00 60.20 ? 7  GLN D NE2 1 
ATOM   486 N  N   . LYS C 2 8  ? 9.274   7.536   11.542  1.00 40.80 ? 8  LYS D N   1 
ATOM   487 C  CA  . LYS C 2 8  ? 9.836   7.527   10.217  1.00 39.10 ? 8  LYS D CA  1 
ATOM   488 C  C   . LYS C 2 8  ? 9.246   6.320   9.503   1.00 36.44 ? 8  LYS D C   1 
ATOM   489 O  O   . LYS C 2 8  ? 8.723   6.465   8.440   1.00 35.95 ? 8  LYS D O   1 
ATOM   490 C  CB  . LYS C 2 8  ? 11.383  7.485   10.267  1.00 39.85 ? 8  LYS D CB  1 
ATOM   491 C  CG  . LYS C 2 8  ? 12.085  7.963   8.942   1.00 43.58 ? 8  LYS D CG  1 
ATOM   492 C  CD  . LYS C 2 8  ? 13.667  7.905   8.952   1.00 49.07 ? 8  LYS D CD  1 
ATOM   493 C  CE  . LYS C 2 8  ? 14.341  8.557   10.217  1.00 53.76 ? 8  LYS D CE  1 
ATOM   494 N  NZ  . LYS C 2 8  ? 15.628  7.834   10.734  1.00 53.69 ? 8  LYS D NZ  1 
ATOM   495 N  N   . ASN C 2 9  ? 9.245   5.160   10.135  1.00 35.13 ? 9  ASN D N   1 
ATOM   496 C  CA  . ASN C 2 9  ? 8.708   3.953   9.512   1.00 35.92 ? 9  ASN D CA  1 
ATOM   497 C  C   . ASN C 2 9  ? 7.264   4.174   9.035   1.00 35.47 ? 9  ASN D C   1 
ATOM   498 O  O   . ASN C 2 9  ? 6.896   3.861   7.893   1.00 35.55 ? 9  ASN D O   1 
ATOM   499 C  CB  . ASN C 2 9  ? 8.813   2.768   10.487  1.00 35.77 ? 9  ASN D CB  1 
ATOM   500 C  CG  . ASN C 2 9  ? 8.486   1.402   9.838   1.00 35.60 ? 9  ASN D CG  1 
ATOM   501 O  OD1 . ASN C 2 9  ? 7.468   0.811   10.165  1.00 34.46 ? 9  ASN D OD1 1 
ATOM   502 N  ND2 . ASN C 2 9  ? 9.358   0.895   8.940   1.00 32.02 ? 9  ASN D ND2 1 
ATOM   503 N  N   . ALA C 2 10 ? 6.461   4.759   9.909   1.00 35.63 ? 10 ALA D N   1 
ATOM   504 C  CA  . ALA C 2 10 ? 5.060   4.990   9.624   1.00 35.47 ? 10 ALA D CA  1 
ATOM   505 C  C   . ALA C 2 10 ? 4.918   6.002   8.469   1.00 35.07 ? 10 ALA D C   1 
ATOM   506 O  O   . ALA C 2 10 ? 4.040   5.840   7.587   1.00 33.81 ? 10 ALA D O   1 
ATOM   507 C  CB  . ALA C 2 10 ? 4.379   5.531   10.893  1.00 36.32 ? 10 ALA D CB  1 
ATOM   508 N  N   . ARG C 2 11 ? 5.773   7.035   8.487   1.00 34.76 ? 11 ARG D N   1 
ATOM   509 C  CA  . ARG C 2 11 ? 5.754   8.093   7.434   1.00 36.32 ? 11 ARG D CA  1 
ATOM   510 C  C   . ARG C 2 11 ? 6.192   7.586   6.070   1.00 34.89 ? 11 ARG D C   1 
ATOM   511 O  O   . ARG C 2 11 ? 5.680   8.006   5.049   1.00 35.36 ? 11 ARG D O   1 
ATOM   512 C  CB  . ARG C 2 11 ? 6.601   9.314   7.846   1.00 37.23 ? 11 ARG D CB  1 
ATOM   513 C  CG  . ARG C 2 11 ? 5.991   10.159  9.047   1.00 43.78 ? 11 ARG D CG  1 
ATOM   514 C  CD  . ARG C 2 11 ? 7.060   11.099  9.715   1.00 52.75 ? 11 ARG D CD  1 
ATOM   515 N  NE  . ARG C 2 11 ? 6.488   12.243  10.466  1.00 58.36 ? 11 ARG D NE  1 
ATOM   516 C  CZ  . ARG C 2 11 ? 6.484   13.518  10.035  1.00 60.47 ? 11 ARG D CZ  1 
ATOM   517 N  NH1 . ARG C 2 11 ? 7.042   13.846  8.869   1.00 60.69 ? 11 ARG D NH1 1 
ATOM   518 N  NH2 . ARG C 2 11 ? 5.932   14.476  10.774  1.00 59.03 ? 11 ARG D NH2 1 
ATOM   519 N  N   . LEU C 2 12 ? 7.155   6.673   6.050   1.00 34.33 ? 12 LEU D N   1 
ATOM   520 C  CA  . LEU C 2 12 ? 7.574   6.007   4.809   1.00 32.86 ? 12 LEU D CA  1 
ATOM   521 C  C   . LEU C 2 12 ? 6.510   5.016   4.298   1.00 32.99 ? 12 LEU D C   1 
ATOM   522 O  O   . LEU C 2 12 ? 6.280   4.919   3.110   1.00 33.14 ? 12 LEU D O   1 
ATOM   523 C  CB  . LEU C 2 12 ? 8.907   5.291   5.018   1.00 32.15 ? 12 LEU D CB  1 
ATOM   524 C  CG  . LEU C 2 12 ? 10.126  6.167   5.359   1.00 31.72 ? 12 LEU D CG  1 
ATOM   525 C  CD1 . LEU C 2 12 ? 11.308  5.365   5.829   1.00 27.18 ? 12 LEU D CD1 1 
ATOM   526 C  CD2 . LEU C 2 12 ? 10.521  7.154   4.212   1.00 31.83 ? 12 LEU D CD2 1 
ATOM   527 N  N   . LYS C 2 13 ? 5.841   4.297   5.185   1.00 32.60 ? 13 LYS D N   1 
ATOM   528 C  CA  . LYS C 2 13 ? 4.699   3.481   4.751   1.00 33.23 ? 13 LYS D CA  1 
ATOM   529 C  C   . LYS C 2 13 ? 3.569   4.314   4.147   1.00 33.16 ? 13 LYS D C   1 
ATOM   530 O  O   . LYS C 2 13 ? 2.939   3.918   3.164   1.00 32.79 ? 13 LYS D O   1 
ATOM   531 C  CB  . LYS C 2 13 ? 4.135   2.640   5.886   1.00 32.69 ? 13 LYS D CB  1 
ATOM   532 C  CG  . LYS C 2 13 ? 5.034   1.488   6.265   1.00 34.24 ? 13 LYS D CG  1 
ATOM   533 C  CD  . LYS C 2 13 ? 4.584   0.834   7.594   1.00 38.17 ? 13 LYS D CD  1 
ATOM   534 C  CE  . LYS C 2 13 ? 5.458   -0.391  7.902   1.00 42.38 ? 13 LYS D CE  1 
ATOM   535 N  NZ  . LYS C 2 13 ? 5.149   -1.025  9.260   1.00 45.93 ? 13 LYS D NZ  1 
ATOM   536 N  N   . GLN C 2 14 ? 3.302   5.457   4.753   1.00 33.09 ? 14 GLN D N   1 
ATOM   537 C  CA  . GLN C 2 14 ? 2.250   6.313   4.260   1.00 32.88 ? 14 GLN D CA  1 
ATOM   538 C  C   . GLN C 2 14 ? 2.683   6.918   2.914   1.00 33.11 ? 14 GLN D C   1 
ATOM   539 O  O   . GLN C 2 14 ? 1.879   7.022   2.039   1.00 32.87 ? 14 GLN D O   1 
ATOM   540 C  CB  . GLN C 2 14 ? 1.963   7.415   5.274   1.00 32.81 ? 14 GLN D CB  1 
ATOM   541 C  CG  . GLN C 2 14 ? 1.422   6.817   6.551   1.00 33.34 ? 14 GLN D CG  1 
ATOM   542 C  CD  . GLN C 2 14 ? 1.243   7.850   7.659   1.00 33.18 ? 14 GLN D CD  1 
ATOM   543 O  OE1 . GLN C 2 14 ? 0.483   7.641   8.562   1.00 35.27 ? 14 GLN D OE1 1 
ATOM   544 N  NE2 . GLN C 2 14 ? 1.940   8.931   7.573   1.00 30.70 ? 14 GLN D NE2 1 
ATOM   545 N  N   . GLU C 2 15 ? 3.946   7.283   2.747   1.00 32.12 ? 15 GLU D N   1 
ATOM   546 C  CA  . GLU C 2 15 ? 4.352   7.790   1.456   1.00 33.14 ? 15 GLU D CA  1 
ATOM   547 C  C   . GLU C 2 15 ? 4.257   6.686   0.344   1.00 32.46 ? 15 GLU D C   1 
ATOM   548 O  O   . GLU C 2 15 ? 3.743   6.941   -0.758  1.00 32.74 ? 15 GLU D O   1 
ATOM   549 C  CB  . GLU C 2 15 ? 5.743   8.453   1.556   1.00 33.78 ? 15 GLU D CB  1 
ATOM   550 C  CG  . GLU C 2 15 ? 6.325   8.764   0.212   1.00 39.33 ? 15 GLU D CG  1 
ATOM   551 C  CD  . GLU C 2 15 ? 7.504   9.729   0.258   1.00 47.32 ? 15 GLU D CD  1 
ATOM   552 O  OE1 . GLU C 2 15 ? 8.280   9.677   1.247   1.00 47.45 ? 15 GLU D OE1 1 
ATOM   553 O  OE2 . GLU C 2 15 ? 7.646   10.547  -0.710  1.00 49.21 ? 15 GLU D OE2 1 
ATOM   554 N  N   . ILE C 2 16 ? 4.649   5.453   0.661   1.00 30.83 ? 16 ILE D N   1 
ATOM   555 C  CA  . ILE C 2 16 ? 4.478   4.353   -0.269  1.00 30.65 ? 16 ILE D CA  1 
ATOM   556 C  C   . ILE C 2 16 ? 2.996   4.111   -0.641  1.00 31.87 ? 16 ILE D C   1 
ATOM   557 O  O   . ILE C 2 16 ? 2.681   3.798   -1.797  1.00 30.29 ? 16 ILE D O   1 
ATOM   558 C  CB  . ILE C 2 16 ? 5.031   3.114   0.314   1.00 30.97 ? 16 ILE D CB  1 
ATOM   559 C  CG1 . ILE C 2 16 ? 6.564   3.193   0.278   1.00 31.27 ? 16 ILE D CG1 1 
ATOM   560 C  CG2 . ILE C 2 16 ? 4.499   1.827   -0.420  1.00 27.73 ? 16 ILE D CG2 1 
ATOM   561 C  CD1 . ILE C 2 16 ? 7.232   2.053   0.988   1.00 32.54 ? 16 ILE D CD1 1 
ATOM   562 N  N   . ALA C 2 17 ? 2.095   4.242   0.338   1.00 31.14 ? 17 ALA D N   1 
ATOM   563 C  CA  . ALA C 2 17 ? 0.694   4.047   0.038   1.00 31.73 ? 17 ALA D CA  1 
ATOM   564 C  C   . ALA C 2 17 ? 0.195   5.118   -0.909  1.00 31.22 ? 17 ALA D C   1 
ATOM   565 O  O   . ALA C 2 17 ? -0.550  4.808   -1.822  1.00 29.79 ? 17 ALA D O   1 
ATOM   566 C  CB  . ALA C 2 17 ? -0.206  3.986   1.352   1.00 30.32 ? 17 ALA D CB  1 
ATOM   567 N  N   . ALA C 2 18 ? 0.580   6.374   -0.672  1.00 30.94 ? 18 ALA D N   1 
ATOM   568 C  CA  . ALA C 2 18 ? 0.095   7.459   -1.506  1.00 32.80 ? 18 ALA D CA  1 
ATOM   569 C  C   . ALA C 2 18 ? 0.596   7.345   -2.943  1.00 33.88 ? 18 ALA D C   1 
ATOM   570 O  O   . ALA C 2 18 ? -0.129  7.699   -3.874  1.00 35.07 ? 18 ALA D O   1 
ATOM   571 C  CB  . ALA C 2 18 ? 0.448   8.838   -0.913  1.00 33.28 ? 18 ALA D CB  1 
ATOM   572 N  N   . LEU C 2 19 ? 1.826   6.851   -3.116  1.00 32.95 ? 19 LEU D N   1 
ATOM   573 C  CA  . LEU C 2 19 ? 2.375   6.658   -4.430  1.00 33.21 ? 19 LEU D CA  1 
ATOM   574 C  C   . LEU C 2 19 ? 1.721   5.497   -5.105  1.00 32.53 ? 19 LEU D C   1 
ATOM   575 O  O   . LEU C 2 19 ? 1.553   5.498   -6.292  1.00 33.88 ? 19 LEU D O   1 
ATOM   576 C  CB  . LEU C 2 19 ? 3.907   6.428   -4.394  1.00 31.43 ? 19 LEU D CB  1 
ATOM   577 C  CG  . LEU C 2 19 ? 4.643   7.584   -3.743  1.00 34.35 ? 19 LEU D CG  1 
ATOM   578 C  CD1 . LEU C 2 19 ? 6.116   7.185   -3.296  1.00 28.24 ? 19 LEU D CD1 1 
ATOM   579 C  CD2 . LEU C 2 19 ? 4.568   8.927   -4.581  1.00 34.61 ? 19 LEU D CD2 1 
ATOM   580 N  N   . GLU C 2 20 ? 1.394   4.475   -4.364  1.00 33.35 ? 20 GLU D N   1 
ATOM   581 C  CA  . GLU C 2 20 ? 0.742   3.332   -4.983  1.00 35.02 ? 20 GLU D CA  1 
ATOM   582 C  C   . GLU C 2 20 ? -0.677  3.677   -5.441  1.00 35.10 ? 20 GLU D C   1 
ATOM   583 O  O   . GLU C 2 20 ? -1.109  3.222   -6.509  1.00 35.45 ? 20 GLU D O   1 
ATOM   584 C  CB  . GLU C 2 20 ? 0.788   2.102   -4.054  1.00 35.57 ? 20 GLU D CB  1 
ATOM   585 C  CG  . GLU C 2 20 ? 2.188   1.420   -4.107  1.00 37.60 ? 20 GLU D CG  1 
ATOM   586 C  CD  . GLU C 2 20 ? 2.362   0.302   -3.081  1.00 44.15 ? 20 GLU D CD  1 
ATOM   587 O  OE1 . GLU C 2 20 ? 1.622   0.311   -2.063  1.00 40.71 ? 20 GLU D OE1 1 
ATOM   588 O  OE2 . GLU C 2 20 ? 3.259   -0.582  -3.285  1.00 47.19 ? 20 GLU D OE2 1 
ATOM   589 N  N   . TYR C 2 21 ? -1.374  4.477   -4.642  1.00 34.35 ? 21 TYR D N   1 
ATOM   590 C  CA  . TYR C 2 21 ? -2.677  5.031   -4.996  1.00 36.09 ? 21 TYR D CA  1 
ATOM   591 C  C   . TYR C 2 21 ? -2.571  5.792   -6.305  1.00 36.79 ? 21 TYR D C   1 
ATOM   592 O  O   . TYR C 2 21 ? -3.388  5.600   -7.180  1.00 38.03 ? 21 TYR D O   1 
ATOM   593 C  CB  . TYR C 2 21 ? -3.247  5.906   -3.837  1.00 35.17 ? 21 TYR D CB  1 
ATOM   594 C  CG  . TYR C 2 21 ? -4.524  6.699   -4.154  1.00 33.90 ? 21 TYR D CG  1 
ATOM   595 C  CD1 . TYR C 2 21 ? -4.477  7.877   -4.920  1.00 35.93 ? 21 TYR D CD1 1 
ATOM   596 C  CD2 . TYR C 2 21 ? -5.770  6.298   -3.664  1.00 30.53 ? 21 TYR D CD2 1 
ATOM   597 C  CE1 . TYR C 2 21 ? -5.660  8.598   -5.254  1.00 32.30 ? 21 TYR D CE1 1 
ATOM   598 C  CE2 . TYR C 2 21 ? -6.941  7.012   -4.001  1.00 35.57 ? 21 TYR D CE2 1 
ATOM   599 C  CZ  . TYR C 2 21 ? -6.865  8.172   -4.761  1.00 33.53 ? 21 TYR D CZ  1 
ATOM   600 O  OH  . TYR C 2 21 ? -8.019  8.864   -5.055  1.00 37.11 ? 21 TYR D OH  1 
ATOM   601 N  N   . GLU C 2 22 ? -1.551  6.631   -6.451  1.00 38.46 ? 22 GLU D N   1 
ATOM   602 C  CA  . GLU C 2 22 ? -1.385  7.395   -7.690  1.00 39.86 ? 22 GLU D CA  1 
ATOM   603 C  C   . GLU C 2 22 ? -1.111  6.481   -8.883  1.00 39.82 ? 22 GLU D C   1 
ATOM   604 O  O   . GLU C 2 22 ? -1.714  6.664   -9.957  1.00 39.65 ? 22 GLU D O   1 
ATOM   605 C  CB  . GLU C 2 22 ? -0.276  8.451   -7.539  1.00 40.23 ? 22 GLU D CB  1 
ATOM   606 C  CG  . GLU C 2 22 ? 0.285   8.965   -8.845  1.00 45.44 ? 22 GLU D CG  1 
ATOM   607 C  CD  . GLU C 2 22 ? 0.921   10.367  -8.734  1.00 54.46 ? 22 GLU D CD  1 
ATOM   608 O  OE1 . GLU C 2 22 ? 1.591   10.676  -7.703  1.00 55.98 ? 22 GLU D OE1 1 
ATOM   609 O  OE2 . GLU C 2 22 ? 0.747   11.157  -9.707  1.00 56.72 ? 22 GLU D OE2 1 
ATOM   610 N  N   . ILE C 2 23 ? -0.170  5.537   -8.722  1.00 39.85 ? 23 ILE D N   1 
ATOM   611 C  CA  . ILE C 2 23 ? 0.090   4.536   -9.763  1.00 40.26 ? 23 ILE D CA  1 
ATOM   612 C  C   . ILE C 2 23 ? -1.180  3.793   -10.308 1.00 41.25 ? 23 ILE D C   1 
ATOM   613 O  O   . ILE C 2 23 ? -1.359  3.654   -11.534 1.00 41.01 ? 23 ILE D O   1 
ATOM   614 C  CB  . ILE C 2 23 ? 1.127   3.542   -9.331  1.00 39.82 ? 23 ILE D CB  1 
ATOM   615 C  CG1 . ILE C 2 23 ? 2.500   4.213   -9.244  1.00 40.25 ? 23 ILE D CG1 1 
ATOM   616 C  CG2 . ILE C 2 23 ? 1.222   2.361   -10.346 1.00 40.40 ? 23 ILE D CG2 1 
ATOM   617 C  CD1 . ILE C 2 23 ? 3.600   3.318   -8.563  1.00 36.97 ? 23 ILE D CD1 1 
ATOM   618 N  N   . ALA C 2 24 ? -2.041  3.319   -9.416  1.00 41.62 ? 24 ALA D N   1 
ATOM   619 C  CA  . ALA C 2 24 ? -3.276  2.671   -9.840  1.00 43.72 ? 24 ALA D CA  1 
ATOM   620 C  C   . ALA C 2 24 ? -4.226  3.611   -10.620 1.00 45.55 ? 24 ALA D C   1 
ATOM   621 O  O   . ALA C 2 24 ? -4.944  3.140   -11.495 1.00 46.72 ? 24 ALA D O   1 
ATOM   622 C  CB  . ALA C 2 24 ? -4.009  2.011   -8.657  1.00 43.14 ? 24 ALA D CB  1 
ATOM   623 N  N   . ALA C 2 25 ? -4.224  4.910   -10.352 1.00 47.12 ? 25 ALA D N   1 
ATOM   624 C  CA  . ALA C 2 25 ? -4.957  5.835   -11.231 1.00 50.06 ? 25 ALA D CA  1 
ATOM   625 C  C   . ALA C 2 25 ? -4.260  5.938   -12.585 1.00 52.40 ? 25 ALA D C   1 
ATOM   626 O  O   . ALA C 2 25 ? -4.911  5.955   -13.607 1.00 53.31 ? 25 ALA D O   1 
ATOM   627 C  CB  . ALA C 2 25 ? -5.098  7.224   -10.606 1.00 49.04 ? 25 ALA D CB  1 
ATOM   628 N  N   . LEU C 2 26 ? -2.930  6.005   -12.593 1.00 55.06 ? 26 LEU D N   1 
ATOM   629 C  CA  . LEU C 2 26 ? -2.212  6.281   -13.828 1.00 57.55 ? 26 LEU D CA  1 
ATOM   630 C  C   . LEU C 2 26 ? -2.130  5.046   -14.712 1.00 59.68 ? 26 LEU D C   1 
ATOM   631 O  O   . LEU C 2 26 ? -1.878  5.156   -15.902 1.00 60.42 ? 26 LEU D O   1 
ATOM   632 C  CB  . LEU C 2 26 ? -0.809  6.861   -13.570 1.00 57.17 ? 26 LEU D CB  1 
ATOM   633 C  CG  . LEU C 2 26 ? -0.604  8.221   -12.898 1.00 55.65 ? 26 LEU D CG  1 
ATOM   634 C  CD1 . LEU C 2 26 ? 0.832   8.367   -12.466 1.00 55.56 ? 26 LEU D CD1 1 
ATOM   635 C  CD2 . LEU C 2 26 ? -0.979  9.371   -13.809 1.00 57.31 ? 26 LEU D CD2 1 
ATOM   636 N  N   . GLU C 2 27 ? -2.360  3.876   -14.139 1.00 62.38 ? 27 GLU D N   1 
ATOM   637 C  CA  . GLU C 2 27 ? -2.380  2.661   -14.926 1.00 64.94 ? 27 GLU D CA  1 
ATOM   638 C  C   . GLU C 2 27 ? -3.815  2.221   -15.149 1.00 66.34 ? 27 GLU D C   1 
ATOM   639 O  O   . GLU C 2 27 ? -4.040  1.156   -15.728 1.00 67.04 ? 27 GLU D O   1 
ATOM   640 C  CB  . GLU C 2 27 ? -1.615  1.537   -14.210 1.00 65.54 ? 27 GLU D CB  1 
ATOM   641 C  CG  . GLU C 2 27 ? -0.130  1.784   -13.988 1.00 67.75 ? 27 GLU D CG  1 
ATOM   642 C  CD  . GLU C 2 27 ? 0.751   1.362   -15.161 1.00 73.82 ? 27 GLU D CD  1 
ATOM   643 O  OE1 . GLU C 2 27 ? 0.515   1.830   -16.310 1.00 75.68 ? 27 GLU D OE1 1 
ATOM   644 O  OE2 . GLU C 2 27 ? 1.697   0.560   -14.930 1.00 76.09 ? 27 GLU D OE2 1 
ATOM   645 N  N   . GLN C 2 28 ? -4.777  3.037   -14.691 1.00 67.73 ? 28 GLN D N   1 
ATOM   646 C  CA  . GLN C 2 28 ? -6.213  2.660   -14.618 1.00 68.86 ? 28 GLN D CA  1 
ATOM   647 C  C   . GLN C 2 28 ? -6.839  2.316   -15.970 1.00 69.88 ? 28 GLN D C   1 
ATOM   648 O  O   . GLN C 2 28 ? -7.784  1.512   -16.041 1.00 70.60 ? 28 GLN D O   1 
ATOM   649 C  CB  . GLN C 2 28 ? -7.044  3.751   -13.895 1.00 69.46 ? 28 GLN D CB  1 
ATOM   650 C  CG  . GLN C 2 28 ? -8.551  3.838   -14.246 1.00 69.74 ? 28 GLN D CG  1 
ATOM   651 C  CD  . GLN C 2 28 ? -9.278  4.948   -13.494 1.00 73.94 ? 28 GLN D CD  1 
ATOM   652 O  OE1 . GLN C 2 28 ? -8.650  5.814   -12.850 1.00 73.77 ? 28 GLN D OE1 1 
ATOM   653 N  NE2 . GLN C 2 28 ? -10.620 4.940   -13.581 1.00 74.86 ? 28 GLN D NE2 1 
ATOM   654 N  N   . GLU D 1 1  ? 22.563  1.141   19.310  1.00 62.56 ? 1  GLU E N   1 
ATOM   655 C  CA  . GLU D 1 1  ? 22.303  -0.195  18.689  1.00 62.49 ? 1  GLU E CA  1 
ATOM   656 C  C   . GLU D 1 1  ? 23.419  -0.610  17.694  1.00 61.47 ? 1  GLU E C   1 
ATOM   657 O  O   . GLU D 1 1  ? 24.540  -0.851  18.175  1.00 61.92 ? 1  GLU E O   1 
ATOM   658 C  CB  . GLU D 1 1  ? 20.870  -0.303  18.146  1.00 62.87 ? 1  GLU E CB  1 
ATOM   659 C  CG  . GLU D 1 1  ? 19.898  -1.112  19.010  1.00 66.03 ? 1  GLU E CG  1 
ATOM   660 C  CD  . GLU D 1 1  ? 19.001  -0.254  19.918  1.00 69.98 ? 1  GLU E CD  1 
ATOM   661 O  OE1 . GLU D 1 1  ? 18.919  0.976   19.702  1.00 70.21 ? 1  GLU E OE1 1 
ATOM   662 O  OE2 . GLU D 1 1  ? 18.357  -0.820  20.844  1.00 71.48 ? 1  GLU E OE2 1 
ATOM   663 N  N   . ILE D 1 2  ? 23.236  -0.714  16.362  1.00 60.36 ? 2  ILE E N   1 
ATOM   664 C  CA  . ILE D 1 2  ? 22.110  -0.325  15.466  1.00 58.26 ? 2  ILE E CA  1 
ATOM   665 C  C   . ILE D 1 2  ? 20.821  -1.175  15.416  1.00 56.37 ? 2  ILE E C   1 
ATOM   666 O  O   . ILE D 1 2  ? 20.828  -2.390  15.599  1.00 56.92 ? 2  ILE E O   1 
ATOM   667 C  CB  . ILE D 1 2  ? 22.627  -0.152  14.020  1.00 58.18 ? 2  ILE E CB  1 
ATOM   668 C  CG1 . ILE D 1 2  ? 22.693  -1.506  13.286  1.00 57.97 ? 2  ILE E CG1 1 
ATOM   669 C  CG2 . ILE D 1 2  ? 24.018  0.522   14.041  1.00 59.27 ? 2  ILE E CG2 1 
ATOM   670 C  CD1 . ILE D 1 2  ? 22.207  -1.452  11.885  1.00 53.34 ? 2  ILE E CD1 1 
ATOM   671 N  N   . ASP D 1 3  ? 19.728  -0.477  15.120  1.00 54.17 ? 3  ASP E N   1 
ATOM   672 C  CA  . ASP D 1 3  ? 18.360  -0.946  15.266  1.00 51.85 ? 3  ASP E CA  1 
ATOM   673 C  C   . ASP D 1 3  ? 17.840  -1.501  13.942  1.00 49.66 ? 3  ASP E C   1 
ATOM   674 O  O   . ASP D 1 3  ? 18.135  -0.937  12.875  1.00 48.68 ? 3  ASP E O   1 
ATOM   675 C  CB  . ASP D 1 3  ? 17.508  0.247   15.706  1.00 52.74 ? 3  ASP E CB  1 
ATOM   676 C  CG  . ASP D 1 3  ? 16.169  -0.158  16.334  1.00 55.28 ? 3  ASP E CG  1 
ATOM   677 O  OD1 . ASP D 1 3  ? 15.440  -1.003  15.745  1.00 54.42 ? 3  ASP E OD1 1 
ATOM   678 O  OD2 . ASP D 1 3  ? 15.830  0.411   17.417  1.00 60.14 ? 3  ASP E OD2 1 
ATOM   679 N  N   . ALA D 1 4  ? 17.077  -2.596  14.006  1.00 46.80 ? 4  ALA E N   1 
ATOM   680 C  CA  . ALA D 1 4  ? 16.616  -3.309  12.787  1.00 45.88 ? 4  ALA E CA  1 
ATOM   681 C  C   . ALA D 1 4  ? 15.740  -2.461  11.825  1.00 44.66 ? 4  ALA E C   1 
ATOM   682 O  O   . ALA D 1 4  ? 15.637  -2.758  10.638  1.00 44.77 ? 4  ALA E O   1 
ATOM   683 C  CB  . ALA D 1 4  ? 15.911  -4.615  13.170  1.00 45.27 ? 4  ALA E CB  1 
ATOM   684 N  N   . LEU D 1 5  ? 15.169  -1.378  12.347  1.00 43.33 ? 5  LEU E N   1 
ATOM   685 C  CA  . LEU D 1 5  ? 14.217  -0.526  11.646  1.00 42.03 ? 5  LEU E CA  1 
ATOM   686 C  C   . LEU D 1 5  ? 14.925  0.362   10.657  1.00 41.06 ? 5  LEU E C   1 
ATOM   687 O  O   . LEU D 1 5  ? 14.371  0.804   9.658   1.00 39.48 ? 5  LEU E O   1 
ATOM   688 C  CB  . LEU D 1 5  ? 13.502  0.315   12.694  1.00 42.74 ? 5  LEU E CB  1 
ATOM   689 C  CG  . LEU D 1 5  ? 11.981  0.413   12.718  1.00 44.32 ? 5  LEU E CG  1 
ATOM   690 C  CD1 . LEU D 1 5  ? 11.229  -0.850  12.212  1.00 44.35 ? 5  LEU E CD1 1 
ATOM   691 C  CD2 . LEU D 1 5  ? 11.661  0.718   14.152  1.00 45.20 ? 5  LEU E CD2 1 
ATOM   692 N  N   . GLU D 1 6  ? 16.194  0.589   10.948  1.00 40.98 ? 6  GLU E N   1 
ATOM   693 C  CA  . GLU D 1 6  ? 17.072  1.324   10.085  1.00 41.93 ? 6  GLU E CA  1 
ATOM   694 C  C   . GLU D 1 6  ? 17.274  0.640   8.706   1.00 41.00 ? 6  GLU E C   1 
ATOM   695 O  O   . GLU D 1 6  ? 17.343  1.299   7.672   1.00 41.67 ? 6  GLU E O   1 
ATOM   696 C  CB  . GLU D 1 6  ? 18.407  1.577   10.811  1.00 42.57 ? 6  GLU E CB  1 
ATOM   697 C  CG  . GLU D 1 6  ? 19.122  2.816   10.243  1.00 48.06 ? 6  GLU E CG  1 
ATOM   698 C  CD  . GLU D 1 6  ? 19.135  4.030   11.164  1.00 48.31 ? 6  GLU E CD  1 
ATOM   699 O  OE1 . GLU D 1 6  ? 19.372  3.876   12.374  1.00 46.55 ? 6  GLU E OE1 1 
ATOM   700 O  OE2 . GLU D 1 6  ? 19.003  5.168   10.655  1.00 50.21 ? 6  GLU E OE2 1 
HETATM 701 N  N   . PHI D 1 7  ? 17.331  -0.683  8.703   1.00 39.55 ? 7  PHI E N   1 
HETATM 702 C  CA  . PHI D 1 7  ? 17.449  -1.429  7.466   1.00 38.38 ? 7  PHI E CA  1 
HETATM 703 C  CB  . PHI D 1 7  ? 17.821  -2.886  7.815   1.00 38.19 ? 7  PHI E CB  1 
HETATM 704 C  CG  . PHI D 1 7  ? 19.266  -3.116  8.135   1.00 38.53 ? 7  PHI E CG  1 
HETATM 705 C  CD1 . PHI D 1 7  ? 20.257  -2.808  7.182   1.00 39.19 ? 7  PHI E CD1 1 
HETATM 706 C  CD2 . PHI D 1 7  ? 19.652  -3.651  9.365   1.00 41.38 ? 7  PHI E CD2 1 
HETATM 707 C  CE1 . PHI D 1 7  ? 21.610  -3.022  7.465   1.00 37.34 ? 7  PHI E CE1 1 
HETATM 708 C  CE2 . PHI D 1 7  ? 21.025  -3.887  9.648   1.00 38.07 ? 7  PHI E CE2 1 
HETATM 709 C  CZ  . PHI D 1 7  ? 22.012  -3.573  8.694   1.00 39.89 ? 7  PHI E CZ  1 
HETATM 710 I  I   . PHI D 1 7  ? 24.095  -3.939  9.023   1.00 37.64 ? 7  PHI E I   1 
HETATM 711 C  C   . PHI D 1 7  ? 16.109  -1.492  6.814   1.00 37.56 ? 7  PHI E C   1 
HETATM 712 O  O   . PHI D 1 7  ? 15.986  -1.410  5.613   1.00 36.50 ? 7  PHI E O   1 
ATOM   713 N  N   . GLU D 1 8  ? 15.078  -1.668  7.628   1.00 37.73 ? 8  GLU E N   1 
ATOM   714 C  CA  . GLU D 1 8  ? 13.720  -1.744  7.121   1.00 37.80 ? 8  GLU E CA  1 
ATOM   715 C  C   . GLU D 1 8  ? 13.324  -0.397  6.490   1.00 36.98 ? 8  GLU E C   1 
ATOM   716 O  O   . GLU D 1 8  ? 12.796  -0.353  5.367   1.00 37.85 ? 8  GLU E O   1 
ATOM   717 C  CB  . GLU D 1 8  ? 12.816  -2.257  8.242   1.00 38.13 ? 8  GLU E CB  1 
ATOM   718 C  CG  . GLU D 1 8  ? 13.418  -3.616  8.695   1.00 45.73 ? 8  GLU E CG  1 
ATOM   719 C  CD  . GLU D 1 8  ? 12.981  -4.189  10.065  1.00 55.58 ? 8  GLU E CD  1 
ATOM   720 O  OE1 . GLU D 1 8  ? 12.488  -3.439  10.956  1.00 57.24 ? 8  GLU E OE1 1 
ATOM   721 O  OE2 . GLU D 1 8  ? 13.177  -5.430  10.243  1.00 57.87 ? 8  GLU E OE2 1 
ATOM   722 N  N   . ASN D 1 9  ? 13.645  0.705   7.153   1.00 35.07 ? 9  ASN E N   1 
ATOM   723 C  CA  . ASN D 1 9  ? 13.364  2.009   6.580   1.00 33.47 ? 9  ASN E CA  1 
ATOM   724 C  C   . ASN D 1 9  ? 14.139  2.283   5.307   1.00 33.89 ? 9  ASN E C   1 
ATOM   725 O  O   . ASN D 1 9  ? 13.612  2.909   4.385   1.00 34.36 ? 9  ASN E O   1 
ATOM   726 C  CB  . ASN D 1 9  ? 13.653  3.133   7.590   1.00 32.05 ? 9  ASN E CB  1 
ATOM   727 C  CG  . ASN D 1 9  ? 12.667  3.145   8.739   1.00 31.75 ? 9  ASN E CG  1 
ATOM   728 O  OD1 . ASN D 1 9  ? 11.705  2.391   8.762   1.00 31.23 ? 9  ASN E OD1 1 
ATOM   729 N  ND2 . ASN D 1 9  ? 12.938  3.959   9.729   1.00 30.57 ? 9  ASN E ND2 1 
ATOM   730 N  N   . ASP D 1 10 ? 15.414  1.869   5.271   1.00 34.72 ? 10 ASP E N   1 
ATOM   731 C  CA  . ASP D 1 10 ? 16.204  1.993   4.070   1.00 34.12 ? 10 ASP E CA  1 
ATOM   732 C  C   . ASP D 1 10 ? 15.564  1.268   2.904   1.00 33.15 ? 10 ASP E C   1 
ATOM   733 O  O   . ASP D 1 10 ? 15.485  1.831   1.858   1.00 33.89 ? 10 ASP E O   1 
ATOM   734 C  CB  . ASP D 1 10 ? 17.650  1.514   4.264   1.00 34.81 ? 10 ASP E CB  1 
ATOM   735 C  CG  . ASP D 1 10 ? 18.495  1.721   3.011   1.00 38.44 ? 10 ASP E CG  1 
ATOM   736 O  OD1 . ASP D 1 10 ? 18.748  0.712   2.277   1.00 43.29 ? 10 ASP E OD1 1 
ATOM   737 O  OD2 . ASP D 1 10 ? 18.830  2.897   2.704   1.00 41.95 ? 10 ASP E OD2 1 
ATOM   738 N  N   . ALA D 1 11 ? 15.146  0.027   3.085   1.00 33.29 ? 11 ALA E N   1 
ATOM   739 C  CA  . ALA D 1 11 ? 14.339  -0.705  2.091   1.00 34.51 ? 11 ALA E CA  1 
ATOM   740 C  C   . ALA D 1 11 ? 13.044  0.044   1.724   1.00 34.99 ? 11 ALA E C   1 
ATOM   741 O  O   . ALA D 1 11 ? 12.702  0.120   0.558   1.00 35.95 ? 11 ALA E O   1 
ATOM   742 C  CB  . ALA D 1 11 ? 14.027  -2.156  2.582   1.00 33.47 ? 11 ALA E CB  1 
ATOM   743 N  N   . LEU D 1 12 ? 12.354  0.665   2.692   1.00 35.46 ? 12 LEU E N   1 
ATOM   744 C  CA  . LEU D 1 12 ? 11.171  1.445   2.305   1.00 36.30 ? 12 LEU E CA  1 
ATOM   745 C  C   . LEU D 1 12 ? 11.547  2.647   1.449   1.00 36.58 ? 12 LEU E C   1 
ATOM   746 O  O   . LEU D 1 12 ? 10.833  3.013   0.482   1.00 35.86 ? 12 LEU E O   1 
ATOM   747 C  CB  . LEU D 1 12 ? 10.295  1.841   3.482   1.00 35.02 ? 12 LEU E CB  1 
ATOM   748 C  CG  . LEU D 1 12 ? 9.698   0.676   4.289   1.00 36.68 ? 12 LEU E CG  1 
ATOM   749 C  CD1 . LEU D 1 12 ? 9.018   1.288   5.529   1.00 36.39 ? 12 LEU E CD1 1 
ATOM   750 C  CD2 . LEU D 1 12 ? 8.679   -0.215  3.487   1.00 38.14 ? 12 LEU E CD2 1 
ATOM   751 N  N   . GLU D 1 13 ? 12.685  3.232   1.776   1.00 37.81 ? 13 GLU E N   1 
ATOM   752 C  CA  . GLU D 1 13 ? 13.218  4.351   0.982   1.00 40.18 ? 13 GLU E CA  1 
ATOM   753 C  C   . GLU D 1 13 ? 13.571  3.990   -0.460  1.00 40.01 ? 13 GLU E C   1 
ATOM   754 O  O   . GLU D 1 13 ? 13.380  4.791   -1.369  1.00 40.52 ? 13 GLU E O   1 
ATOM   755 C  CB  . GLU D 1 13 ? 14.420  4.976   1.689   1.00 40.93 ? 13 GLU E CB  1 
ATOM   756 C  CG  . GLU D 1 13 ? 14.096  6.275   2.357   1.00 45.79 ? 13 GLU E CG  1 
ATOM   757 C  CD  . GLU D 1 13 ? 15.090  6.629   3.454   1.00 55.14 ? 13 GLU E CD  1 
ATOM   758 O  OE1 . GLU D 1 13 ? 15.942  5.768   3.810   1.00 58.41 ? 13 GLU E OE1 1 
ATOM   759 O  OE2 . GLU D 1 13 ? 15.009  7.768   3.977   1.00 58.48 ? 13 GLU E OE2 1 
ATOM   760 N  N   . GLN D 1 14 ? 14.067  2.777   -0.660  1.00 40.85 ? 14 GLN E N   1 
ATOM   761 C  CA  . GLN D 1 14 ? 14.420  2.281   -1.993  1.00 42.04 ? 14 GLN E CA  1 
ATOM   762 C  C   . GLN D 1 14 ? 13.131  1.958   -2.751  1.00 41.74 ? 14 GLN E C   1 
ATOM   763 O  O   . GLN D 1 14 ? 13.009  2.196   -3.965  1.00 42.39 ? 14 GLN E O   1 
ATOM   764 C  CB  . GLN D 1 14 ? 15.335  1.038   -1.909  1.00 41.59 ? 14 GLN E CB  1 
ATOM   765 C  CG  . GLN D 1 14 ? 16.698  1.248   -1.143  1.00 46.42 ? 14 GLN E CG  1 
ATOM   766 C  CD  . GLN D 1 14 ? 17.481  2.492   -1.630  1.00 54.00 ? 14 GLN E CD  1 
ATOM   767 O  OE1 . GLN D 1 14 ? 17.565  3.519   -0.929  1.00 57.44 ? 14 GLN E OE1 1 
ATOM   768 N  NE2 . GLN D 1 14 ? 18.013  2.415   -2.852  1.00 56.81 ? 14 GLN E NE2 1 
ATOM   769 N  N   . LYS D 1 15 ? 12.162  1.414   -2.040  1.00 41.04 ? 15 LYS E N   1 
ATOM   770 C  CA  . LYS D 1 15 ? 10.870  1.204   -2.651  1.00 40.65 ? 15 LYS E CA  1 
ATOM   771 C  C   . LYS D 1 15 ? 10.277  2.527   -3.153  1.00 40.60 ? 15 LYS E C   1 
ATOM   772 O  O   . LYS D 1 15 ? 9.778   2.612   -4.277  1.00 41.38 ? 15 LYS E O   1 
ATOM   773 C  CB  . LYS D 1 15 ? 9.951   0.524   -1.656  1.00 41.55 ? 15 LYS E CB  1 
ATOM   774 C  CG  . LYS D 1 15 ? 8.483   0.671   -1.972  1.00 40.49 ? 15 LYS E CG  1 
ATOM   775 C  CD  . LYS D 1 15 ? 8.039   -0.352  -2.926  1.00 43.75 ? 15 LYS E CD  1 
ATOM   776 C  CE  . LYS D 1 15 ? 7.340   -1.471  -2.185  1.00 48.05 ? 15 LYS E CE  1 
ATOM   777 N  NZ  . LYS D 1 15 ? 6.121   -1.864  -2.970  1.00 50.67 ? 15 LYS E NZ  1 
ATOM   778 N  N   . ILE D 1 16 ? 10.344  3.556   -2.321  1.00 40.39 ? 16 ILE E N   1 
ATOM   779 C  CA  . ILE D 1 16 ? 9.847   4.877   -2.655  1.00 39.97 ? 16 ILE E CA  1 
ATOM   780 C  C   . ILE D 1 16 ? 10.495  5.443   -3.927  1.00 40.54 ? 16 ILE E C   1 
ATOM   781 O  O   . ILE D 1 16 ? 9.795   5.911   -4.804  1.00 41.06 ? 16 ILE E O   1 
ATOM   782 C  CB  . ILE D 1 16 ? 9.999   5.805   -1.426  1.00 40.31 ? 16 ILE E CB  1 
ATOM   783 C  CG1 . ILE D 1 16 ? 8.922   5.466   -0.404  1.00 38.85 ? 16 ILE E CG1 1 
ATOM   784 C  CG2 . ILE D 1 16 ? 9.990   7.321   -1.771  1.00 38.89 ? 16 ILE E CG2 1 
ATOM   785 C  CD1 . ILE D 1 16 ? 9.222   6.020   0.993   1.00 38.70 ? 16 ILE E CD1 1 
ATOM   786 N  N   . ALA D 1 17 ? 11.820  5.395   -4.050  1.00 41.29 ? 17 ALA E N   1 
ATOM   787 C  CA  . ALA D 1 17 ? 12.476  5.964   -5.270  1.00 41.52 ? 17 ALA E CA  1 
ATOM   788 C  C   . ALA D 1 17 ? 12.023  5.273   -6.551  1.00 40.73 ? 17 ALA E C   1 
ATOM   789 O  O   . ALA D 1 17 ? 11.762  5.934   -7.543  1.00 41.55 ? 17 ALA E O   1 
ATOM   790 C  CB  . ALA D 1 17 ? 14.052  5.983   -5.168  1.00 41.11 ? 17 ALA E CB  1 
ATOM   791 N  N   . ALA D 1 18 ? 11.917  3.957   -6.499  1.00 40.25 ? 18 ALA E N   1 
ATOM   792 C  CA  . ALA D 1 18 ? 11.329  3.140   -7.561  1.00 41.12 ? 18 ALA E CA  1 
ATOM   793 C  C   . ALA D 1 18 ? 9.909   3.513   -7.976  1.00 41.66 ? 18 ALA E C   1 
ATOM   794 O  O   . ALA D 1 18 ? 9.593   3.560   -9.160  1.00 42.23 ? 18 ALA E O   1 
ATOM   795 C  CB  . ALA D 1 18 ? 11.358  1.664   -7.159  1.00 41.42 ? 18 ALA E CB  1 
ATOM   796 N  N   . LEU D 1 19 ? 9.043   3.769   -7.003  1.00 42.36 ? 19 LEU E N   1 
ATOM   797 C  CA  . LEU D 1 19 ? 7.668   4.106   -7.324  1.00 42.02 ? 19 LEU E CA  1 
ATOM   798 C  C   . LEU D 1 19 ? 7.623   5.477   -7.945  1.00 42.59 ? 19 LEU E C   1 
ATOM   799 O  O   . LEU D 1 19 ? 6.911   5.682   -8.903  1.00 42.08 ? 19 LEU E O   1 
ATOM   800 C  CB  . LEU D 1 19 ? 6.781   4.080   -6.072  1.00 40.81 ? 19 LEU E CB  1 
ATOM   801 C  CG  . LEU D 1 19 ? 6.496   2.747   -5.399  1.00 39.91 ? 19 LEU E CG  1 
ATOM   802 C  CD1 . LEU D 1 19 ? 5.686   2.906   -4.105  1.00 34.20 ? 19 LEU E CD1 1 
ATOM   803 C  CD2 . LEU D 1 19 ? 5.821   1.764   -6.302  1.00 37.54 ? 19 LEU E CD2 1 
ATOM   804 N  N   . LYS D 1 20 ? 8.376   6.415   -7.378  1.00 43.91 ? 20 LYS E N   1 
ATOM   805 C  CA  . LYS D 1 20 ? 8.471   7.751   -7.929  1.00 46.15 ? 20 LYS E CA  1 
ATOM   806 C  C   . LYS D 1 20 ? 8.936   7.698   -9.365  1.00 48.26 ? 20 LYS E C   1 
ATOM   807 O  O   . LYS D 1 20 ? 8.409   8.418   -10.211 1.00 48.77 ? 20 LYS E O   1 
ATOM   808 C  CB  . LYS D 1 20 ? 9.443   8.600   -7.144  1.00 45.52 ? 20 LYS E CB  1 
ATOM   809 C  CG  . LYS D 1 20 ? 8.830   9.296   -5.974  1.00 45.40 ? 20 LYS E CG  1 
ATOM   810 C  CD  . LYS D 1 20 ? 9.908   9.868   -5.085  1.00 45.25 ? 20 LYS E CD  1 
ATOM   811 C  CE  . LYS D 1 20 ? 9.279   10.604  -3.954  1.00 49.93 ? 20 LYS E CE  1 
ATOM   812 N  NZ  . LYS D 1 20 ? 10.313  11.376  -3.197  1.00 57.35 ? 20 LYS E NZ  1 
ATOM   813 N  N   . GLN D 1 21 ? 9.918   6.835   -9.626  1.00 50.24 ? 21 GLN E N   1 
ATOM   814 C  CA  . GLN D 1 21 ? 10.479  6.668   -10.955 1.00 52.45 ? 21 GLN E CA  1 
ATOM   815 C  C   . GLN D 1 21 ? 9.472   5.967   -11.898 1.00 53.01 ? 21 GLN E C   1 
ATOM   816 O  O   . GLN D 1 21 ? 9.374   6.312   -13.083 1.00 51.89 ? 21 GLN E O   1 
ATOM   817 C  CB  . GLN D 1 21 ? 11.811  5.934   -10.813 1.00 52.72 ? 21 GLN E CB  1 
ATOM   818 C  CG  . GLN D 1 21 ? 12.464  5.348   -12.037 1.00 56.55 ? 21 GLN E CG  1 
ATOM   819 C  CD  . GLN D 1 21 ? 13.779  4.623   -11.670 1.00 63.45 ? 21 GLN E CD  1 
ATOM   820 O  OE1 . GLN D 1 21 ? 14.342  4.832   -10.570 1.00 65.26 ? 21 GLN E OE1 1 
ATOM   821 N  NE2 . GLN D 1 21 ? 14.266  3.766   -12.580 1.00 62.85 ? 21 GLN E NE2 1 
ATOM   822 N  N   . LYS D 1 22 ? 8.728   4.996   -11.360 1.00 53.88 ? 22 LYS E N   1 
ATOM   823 C  CA  . LYS D 1 22 ? 7.622   4.371   -12.088 1.00 54.98 ? 22 LYS E CA  1 
ATOM   824 C  C   . LYS D 1 22 ? 6.558   5.408   -12.467 1.00 55.81 ? 22 LYS E C   1 
ATOM   825 O  O   . LYS D 1 22 ? 6.157   5.460   -13.632 1.00 56.40 ? 22 LYS E O   1 
ATOM   826 C  CB  . LYS D 1 22 ? 7.016   3.225   -11.293 1.00 54.85 ? 22 LYS E CB  1 
ATOM   827 C  CG  . LYS D 1 22 ? 5.859   2.533   -11.996 1.00 57.83 ? 22 LYS E CG  1 
ATOM   828 C  CD  . LYS D 1 22 ? 5.727   1.067   -11.581 1.00 59.54 ? 22 LYS E CD  1 
ATOM   829 C  CE  . LYS D 1 22 ? 4.350   0.521   -11.939 1.00 60.96 ? 22 LYS E CE  1 
ATOM   830 N  NZ  . LYS D 1 22 ? 4.076   -0.789  -11.217 1.00 60.83 ? 22 LYS E NZ  1 
ATOM   831 N  N   . ILE D 1 23 ? 6.105   6.212   -11.490 1.00 55.89 ? 23 ILE E N   1 
ATOM   832 C  CA  . ILE D 1 23 ? 5.357   7.431   -11.748 1.00 56.55 ? 23 ILE E CA  1 
ATOM   833 C  C   . ILE D 1 23 ? 6.305   8.245   -12.615 1.00 58.31 ? 23 ILE E C   1 
ATOM   834 O  O   . ILE D 1 23 ? 7.481   7.901   -12.704 1.00 59.42 ? 23 ILE E O   1 
ATOM   835 C  CB  . ILE D 1 23 ? 5.043   8.197   -10.428 1.00 56.49 ? 23 ILE E CB  1 
ATOM   836 C  CG1 . ILE D 1 23 ? 4.124   7.371   -9.539  1.00 54.58 ? 23 ILE E CG1 1 
ATOM   837 C  CG2 . ILE D 1 23 ? 4.432   9.623   -10.669 1.00 53.77 ? 23 ILE E CG2 1 
ATOM   838 C  CD1 . ILE D 1 23 ? 4.101   7.872   -8.132  1.00 53.19 ? 23 ILE E CD1 1 
ATOM   839 N  N   . ALA D 1 24 ? 5.843   9.300   -13.279 1.00 59.45 ? 24 ALA E N   1 
ATOM   840 C  CA  . ALA D 1 24 ? 6.756   9.949   -14.231 1.00 60.60 ? 24 ALA E CA  1 
ATOM   841 C  C   . ALA D 1 24 ? 7.015   8.939   -15.371 1.00 60.86 ? 24 ALA E C   1 
ATOM   842 O  O   . ALA D 1 24 ? 8.129   8.777   -15.845 1.00 60.47 ? 24 ALA E O   1 
ATOM   843 C  CB  . ALA D 1 24 ? 8.083   10.359  -13.524 1.00 59.71 ? 24 ALA E CB  1 
ATOM   844 N  N   . SER D 1 25 ? 5.956   8.200   -15.712 1.00 61.70 ? 25 SER E N   1 
ATOM   845 C  CA  . SER D 1 25 ? 5.839   7.407   -16.931 1.00 61.61 ? 25 SER E CA  1 
ATOM   846 C  C   . SER D 1 25 ? 4.339   7.170   -17.103 1.00 62.37 ? 25 SER E C   1 
ATOM   847 O  O   . SER D 1 25 ? 3.879   6.038   -16.914 1.00 62.22 ? 25 SER E O   1 
ATOM   848 C  CB  . SER D 1 25 ? 6.569   6.070   -16.809 1.00 61.45 ? 25 SER E CB  1 
ATOM   849 O  OG  . SER D 1 25 ? 7.895   6.249   -16.352 1.00 60.07 ? 25 SER E OG  1 
ATOM   850 N  N   . LEU D 1 26 ? 3.544   8.217   -17.358 1.00 62.61 ? 26 LEU E N   1 
ATOM   851 C  CA  . LEU D 1 26 ? 3.887   9.622   -17.152 1.00 63.77 ? 26 LEU E CA  1 
ATOM   852 C  C   . LEU D 1 26 ? 2.578   10.229  -16.734 1.00 64.18 ? 26 LEU E C   1 
ATOM   853 O  O   . LEU D 1 26 ? 1.525   9.784   -17.220 1.00 65.21 ? 26 LEU E O   1 
ATOM   854 C  CB  . LEU D 1 26 ? 4.420   10.309  -18.435 1.00 64.15 ? 26 LEU E CB  1 
ATOM   855 C  CG  . LEU D 1 26 ? 5.395   11.503  -18.292 1.00 64.61 ? 26 LEU E CG  1 
ATOM   856 C  CD1 . LEU D 1 26 ? 6.467   11.456  -19.360 1.00 64.31 ? 26 LEU E CD1 1 
ATOM   857 C  CD2 . LEU D 1 26 ? 4.699   12.886  -18.278 1.00 66.64 ? 26 LEU E CD2 1 
HETATM 858 NA NA  . NA  E 3 .  ? 19.832  6.266   12.456  1.00 27.40 ? 29 NA  E NA  1 
HETATM 859 O  O   . HOH F 4 .  ? -3.857  -12.595 -12.543 1.00 45.82 ? 29 HOH A O   1 
HETATM 860 O  O   . HOH F 4 .  ? -13.511 -8.913  -10.356 1.00 54.21 ? 30 HOH A O   1 
HETATM 861 O  O   . HOH F 4 .  ? -12.493 -1.614  10.085  1.00 48.89 ? 31 HOH A O   1 
HETATM 862 O  O   . HOH F 4 .  ? -6.584  -0.134  20.677  1.00 63.59 ? 32 HOH A O   1 
HETATM 863 O  O   . HOH F 4 .  ? -2.665  -6.009  -13.456 1.00 57.99 ? 33 HOH A O   1 
HETATM 864 O  O   . HOH F 4 .  ? -7.242  -13.560 -18.780 1.00 49.58 ? 34 HOH A O   1 
HETATM 865 O  O   . HOH F 4 .  ? -7.557  -11.729 -22.277 1.00 70.98 ? 35 HOH A O   1 
HETATM 866 O  O   . HOH G 4 .  ? 0.445   -0.205  6.786   1.00 39.66 ? 30 HOH B O   1 
HETATM 867 O  O   . HOH G 4 .  ? 1.555   -0.348  0.528   1.00 52.81 ? 31 HOH B O   1 
HETATM 868 O  O   . HOH G 4 .  ? -2.375  -0.883  -3.536  1.00 34.63 ? 32 HOH B O   1 
HETATM 869 O  O   . HOH G 4 .  ? -11.371 2.985   2.392   1.00 85.03 ? 33 HOH B O   1 
HETATM 870 O  O   . HOH G 4 .  ? -11.786 4.256   10.161  1.00 63.44 ? 34 HOH B O   1 
HETATM 871 O  O   . HOH G 4 .  ? 2.200   -2.810  0.291   1.00 62.92 ? 35 HOH B O   1 
HETATM 872 O  O   . HOH G 4 .  ? 3.291   2.393   10.961  1.00 55.13 ? 36 HOH B O   1 
HETATM 873 O  O   . HOH G 4 .  ? -11.328 2.768   7.891   1.00 51.21 ? 37 HOH B O   1 
HETATM 874 O  O   . HOH G 4 .  ? -8.549  5.976   -9.860  1.00 57.73 ? 38 HOH B O   1 
HETATM 875 O  O   . HOH G 4 .  ? -8.625  3.407   5.242   1.00 40.12 ? 39 HOH B O   1 
HETATM 876 O  O   . HOH H 4 .  ? 2.477   1.168   2.676   1.00 31.57 ? 29 HOH D O   1 
HETATM 877 O  O   . HOH H 4 .  ? 9.305   -2.102  8.273   1.00 45.30 ? 31 HOH D O   1 
HETATM 878 O  O   . HOH H 4 .  ? 6.937   -1.588  11.623  1.00 59.34 ? 32 HOH D O   1 
HETATM 879 O  O   . HOH H 4 .  ? -0.879  11.606  -11.643 1.00 49.57 ? 33 HOH D O   1 
HETATM 880 O  O   . HOH H 4 .  ? 9.145   11.083  11.402  1.00 64.01 ? 34 HOH D O   1 
HETATM 881 O  O   . HOH H 4 .  ? 15.795  5.213   9.418   1.00 71.67 ? 35 HOH D O   1 
HETATM 882 O  O   . HOH H 4 .  ? -0.475  0.778   -7.369  1.00 40.31 ? 36 HOH D O   1 
HETATM 883 O  O   . HOH H 4 .  ? 14.583  11.196  11.333  1.00 84.27 ? 37 HOH D O   1 
HETATM 884 O  O   . HOH H 4 .  ? 6.277   13.545  1.372   1.00 59.22 ? 38 HOH D O   1 
HETATM 885 O  O   . HOH I 4 .  ? 15.811  -5.894  9.435   1.00 61.90 ? 30 HOH E O   1 
HETATM 886 O  O   . HOH I 4 .  ? 15.612  2.055   -5.679  1.00 55.86 ? 31 HOH E O   1 
HETATM 887 O  O   . HOH I 4 .  ? 13.345  7.511   -1.398  1.00 43.05 ? 32 HOH E O   1 
HETATM 888 O  O   . HOH I 4 .  ? 17.395  3.908   7.343   1.00 51.14 ? 33 HOH E O   1 
HETATM 889 O  O   . HOH I 4 .  ? 16.932  -4.298  16.470  1.00 51.17 ? 34 HOH E O   1 
HETATM 890 O  O   . HOH I 4 .  ? 11.075  1.818   -10.982 1.00 53.37 ? 35 HOH E O   1 
HETATM 891 O  O   . HOH I 4 .  ? 12.601  9.304   -3.188  1.00 48.12 ? 36 HOH E O   1 
HETATM 892 O  O   . HOH I 4 .  ? 17.124  -2.831  3.814   1.00 58.65 ? 37 HOH E O   1 
# 
